data_6EHZ
#
_entry.id   6EHZ
#
_entity_poly.entity_id   1
_entity_poly.type   'polypeptide(L)'
_entity_poly.pdbx_seq_one_letter_code
;KPVSLSYRCPCRFFESHIARANVKHLKILNTPNCALQIVARLKNNNRQVCIDPKLKWIQEYLEKALNKGRREEKVGKKEK
IGKKKRQKKRKAAQKRKN
;
_entity_poly.pdbx_strand_id   A
#
# COMPACT_ATOMS: atom_id res chain seq x y z
N LYS A 1 2.94 -2.59 -25.29
CA LYS A 1 1.64 -2.16 -24.71
C LYS A 1 1.17 -0.86 -25.34
N PRO A 2 -0.12 -0.77 -25.66
CA PRO A 2 -0.71 0.46 -26.20
C PRO A 2 -0.83 1.54 -25.13
N VAL A 3 -0.82 2.79 -25.56
CA VAL A 3 -0.88 3.91 -24.65
C VAL A 3 -2.31 4.14 -24.18
N SER A 4 -2.54 3.98 -22.88
CA SER A 4 -3.85 4.20 -22.29
C SER A 4 -4.17 5.69 -22.27
N LEU A 5 -5.43 6.03 -22.01
CA LEU A 5 -5.87 7.43 -22.02
C LEU A 5 -5.10 8.26 -21.02
N SER A 6 -5.36 8.06 -19.74
CA SER A 6 -4.66 8.79 -18.70
C SER A 6 -4.84 8.10 -17.35
N TYR A 7 -5.16 6.81 -17.36
CA TYR A 7 -5.24 6.06 -16.12
C TYR A 7 -3.85 5.97 -15.51
N ARG A 8 -3.72 6.48 -14.30
CA ARG A 8 -2.45 6.48 -13.60
C ARG A 8 -2.68 6.60 -12.10
N CYS A 9 -2.03 5.73 -11.34
CA CYS A 9 -2.08 5.81 -9.92
C CYS A 9 -0.75 6.36 -9.40
N PRO A 10 -0.76 6.95 -8.19
CA PRO A 10 0.41 7.54 -7.54
C PRO A 10 1.72 6.84 -7.86
N CYS A 11 1.75 5.52 -7.69
CA CYS A 11 2.91 4.76 -8.06
C CYS A 11 2.69 3.98 -9.35
N ARG A 12 3.72 3.94 -10.17
CA ARG A 12 3.75 3.09 -11.35
C ARG A 12 3.92 1.65 -10.93
N PHE A 13 4.15 0.76 -11.87
CA PHE A 13 4.08 -0.66 -11.58
C PHE A 13 5.31 -1.09 -10.81
N PHE A 14 5.09 -1.93 -9.83
CA PHE A 14 6.04 -2.17 -8.77
C PHE A 14 6.95 -3.36 -9.06
N GLU A 15 8.00 -3.49 -8.26
CA GLU A 15 9.06 -4.45 -8.54
C GLU A 15 8.86 -5.74 -7.75
N SER A 16 8.86 -6.86 -8.46
CA SER A 16 8.67 -8.16 -7.84
C SER A 16 10.01 -8.82 -7.53
N HIS A 17 10.99 -8.01 -7.14
CA HIS A 17 12.29 -8.55 -6.79
C HIS A 17 12.79 -7.95 -5.49
N ILE A 18 12.08 -6.95 -5.01
CA ILE A 18 12.44 -6.26 -3.77
C ILE A 18 12.33 -7.20 -2.58
N ALA A 19 13.32 -7.12 -1.70
CA ALA A 19 13.37 -7.96 -0.51
C ALA A 19 13.15 -7.13 0.75
N ARG A 20 12.73 -7.80 1.80
CA ARG A 20 12.51 -7.17 3.10
C ARG A 20 13.84 -6.73 3.68
N ALA A 21 14.87 -7.49 3.37
CA ALA A 21 16.22 -7.19 3.85
C ALA A 21 16.87 -6.16 2.97
N ASN A 22 16.19 -5.78 1.90
CA ASN A 22 16.69 -4.80 0.98
C ASN A 22 15.90 -3.51 1.06
N VAL A 23 14.87 -3.50 1.89
CA VAL A 23 14.02 -2.33 1.99
C VAL A 23 14.19 -1.59 3.31
N LYS A 24 13.96 -0.29 3.21
CA LYS A 24 13.92 0.62 4.33
C LYS A 24 12.47 0.90 4.68
N HIS A 25 12.25 2.04 5.34
CA HIS A 25 10.91 2.50 5.71
C HIS A 25 9.89 2.12 4.65
N LEU A 26 8.91 1.32 5.04
CA LEU A 26 7.92 0.83 4.09
C LEU A 26 6.53 1.37 4.41
N LYS A 27 5.88 1.90 3.37
CA LYS A 27 4.58 2.55 3.49
C LYS A 27 3.64 2.06 2.38
N ILE A 28 2.35 2.05 2.64
CA ILE A 28 1.38 1.74 1.60
C ILE A 28 0.56 2.98 1.25
N LEU A 29 0.54 3.31 -0.02
CA LEU A 29 -0.19 4.48 -0.49
C LEU A 29 -1.67 4.16 -0.62
N ASN A 30 -2.50 4.97 0.02
CA ASN A 30 -3.93 4.85 -0.12
C ASN A 30 -4.40 5.47 -1.42
N THR A 31 -4.53 4.66 -2.46
CA THR A 31 -4.96 5.12 -3.74
C THR A 31 -6.48 5.27 -3.86
N PRO A 32 -6.90 5.92 -4.98
CA PRO A 32 -8.29 6.03 -5.46
C PRO A 32 -9.22 4.82 -5.28
N ASN A 33 -8.67 3.71 -4.78
CA ASN A 33 -9.12 2.30 -5.01
C ASN A 33 -8.33 1.67 -6.15
N CYS A 34 -7.02 1.84 -6.04
CA CYS A 34 -6.07 1.23 -6.94
C CYS A 34 -5.50 0.01 -6.26
N ALA A 35 -4.67 -0.72 -6.97
CA ALA A 35 -3.90 -1.77 -6.35
C ALA A 35 -3.01 -1.15 -5.28
N LEU A 36 -3.30 -1.47 -4.01
CA LEU A 36 -2.58 -0.92 -2.88
C LEU A 36 -1.07 -0.88 -3.13
N GLN A 37 -0.52 0.31 -3.02
CA GLN A 37 0.84 0.56 -3.46
C GLN A 37 1.80 0.45 -2.30
N ILE A 38 2.68 -0.51 -2.36
CA ILE A 38 3.69 -0.70 -1.34
C ILE A 38 4.90 0.16 -1.67
N VAL A 39 4.99 1.33 -1.08
CA VAL A 39 6.07 2.27 -1.38
C VAL A 39 7.20 2.07 -0.40
N ALA A 40 8.36 1.80 -0.94
CA ALA A 40 9.52 1.44 -0.16
C ALA A 40 10.70 2.28 -0.53
N ARG A 41 11.58 2.49 0.42
CA ARG A 41 12.87 3.08 0.12
C ARG A 41 13.92 1.99 0.20
N LEU A 42 14.72 1.87 -0.83
CA LEU A 42 15.71 0.81 -0.89
C LEU A 42 16.83 1.06 0.11
N LYS A 43 17.17 -0.01 0.81
CA LYS A 43 18.12 0.04 1.90
C LYS A 43 19.51 0.38 1.40
N ASN A 44 19.91 -0.26 0.31
CA ASN A 44 21.19 0.03 -0.30
C ASN A 44 21.10 1.22 -1.24
N ASN A 45 20.04 1.25 -2.04
CA ASN A 45 19.91 2.23 -3.11
C ASN A 45 19.46 3.60 -2.62
N ASN A 46 18.70 3.62 -1.53
CA ASN A 46 18.13 4.85 -0.96
C ASN A 46 16.94 5.36 -1.79
N ARG A 47 16.82 4.86 -3.00
CA ARG A 47 15.78 5.29 -3.91
C ARG A 47 14.43 4.74 -3.51
N GLN A 48 13.41 5.56 -3.68
CA GLN A 48 12.04 5.17 -3.43
C GLN A 48 11.54 4.28 -4.57
N VAL A 49 10.85 3.23 -4.22
CA VAL A 49 10.37 2.24 -5.18
C VAL A 49 9.10 1.61 -4.63
N CYS A 50 8.37 0.88 -5.44
CA CYS A 50 7.21 0.16 -4.96
C CYS A 50 7.43 -1.35 -5.04
N ILE A 51 6.99 -2.04 -4.02
CA ILE A 51 7.09 -3.48 -3.94
C ILE A 51 5.82 -4.11 -4.50
N ASP A 52 5.97 -5.28 -5.13
CA ASP A 52 4.82 -5.99 -5.67
C ASP A 52 3.99 -6.58 -4.54
N PRO A 53 2.67 -6.29 -4.54
CA PRO A 53 1.76 -6.70 -3.48
C PRO A 53 1.60 -8.22 -3.38
N LYS A 54 2.02 -8.92 -4.42
CA LYS A 54 1.83 -10.37 -4.50
C LYS A 54 3.08 -11.12 -4.04
N LEU A 55 4.15 -10.38 -3.78
CA LEU A 55 5.37 -10.95 -3.23
C LEU A 55 5.06 -11.72 -1.96
N LYS A 56 5.65 -12.90 -1.83
CA LYS A 56 5.32 -13.84 -0.76
C LYS A 56 5.63 -13.27 0.62
N TRP A 57 6.61 -12.37 0.71
CA TRP A 57 6.89 -11.73 1.99
C TRP A 57 6.01 -10.49 2.13
N ILE A 58 5.58 -9.98 0.99
CA ILE A 58 4.73 -8.81 0.95
C ILE A 58 3.30 -9.14 1.36
N GLN A 59 2.84 -10.33 0.99
CA GLN A 59 1.51 -10.81 1.36
C GLN A 59 1.32 -10.73 2.86
N GLU A 60 2.41 -10.94 3.58
CA GLU A 60 2.41 -10.88 5.03
C GLU A 60 2.31 -9.44 5.50
N TYR A 61 2.97 -8.57 4.76
CA TYR A 61 2.97 -7.14 5.06
C TYR A 61 1.63 -6.55 4.65
N LEU A 62 1.08 -7.13 3.61
CA LEU A 62 -0.22 -6.75 3.11
C LEU A 62 -1.26 -6.87 4.21
N GLU A 63 -1.17 -7.95 4.96
CA GLU A 63 -2.03 -8.15 6.10
C GLU A 63 -1.98 -6.95 7.03
N LYS A 64 -0.79 -6.38 7.12
CA LYS A 64 -0.56 -5.18 7.92
C LYS A 64 -1.25 -3.99 7.26
N ALA A 65 -1.08 -3.91 5.94
CA ALA A 65 -1.69 -2.88 5.11
C ALA A 65 -3.20 -2.95 5.18
N LEU A 66 -3.71 -4.17 5.32
CA LEU A 66 -5.16 -4.40 5.42
C LEU A 66 -5.68 -3.87 6.74
N ASN A 67 -4.82 -3.94 7.75
CA ASN A 67 -5.15 -3.41 9.07
C ASN A 67 -5.08 -1.90 9.07
N LYS A 68 -4.36 -1.34 8.09
CA LYS A 68 -4.25 0.10 7.95
C LYS A 68 -5.43 0.64 7.13
N GLY A 69 -5.60 0.08 5.94
CA GLY A 69 -6.65 0.52 5.05
C GLY A 69 -8.00 -0.07 5.41
N ARG A 70 -8.39 0.12 6.66
CA ARG A 70 -9.64 -0.41 7.17
C ARG A 70 -10.71 0.66 7.21
N ARG A 71 -11.88 0.35 6.69
CA ARG A 71 -13.00 1.28 6.70
C ARG A 71 -14.06 0.83 7.70
N GLU A 72 -15.27 1.36 7.57
CA GLU A 72 -16.37 0.98 8.44
C GLU A 72 -16.90 -0.41 8.07
N GLU A 73 -16.06 -1.42 8.25
CA GLU A 73 -16.46 -2.79 7.97
C GLU A 73 -17.06 -3.45 9.20
N LYS A 74 -16.49 -3.14 10.36
CA LYS A 74 -17.03 -3.59 11.63
C LYS A 74 -16.96 -2.48 12.64
N VAL A 75 -15.74 -2.13 13.06
CA VAL A 75 -15.50 -1.12 14.07
C VAL A 75 -16.26 -1.48 15.35
N GLY A 76 -16.21 -2.78 15.67
CA GLY A 76 -16.91 -3.30 16.83
C GLY A 76 -18.39 -2.99 16.80
N LYS A 77 -18.89 -2.43 17.89
CA LYS A 77 -20.30 -2.03 17.96
C LYS A 77 -20.51 -1.03 19.09
N LYS A 78 -19.42 -0.55 19.67
CA LYS A 78 -19.49 0.46 20.72
C LYS A 78 -18.94 1.79 20.21
N GLU A 79 -18.28 1.74 19.07
CA GLU A 79 -17.60 2.91 18.54
C GLU A 79 -18.42 3.56 17.44
N LYS A 80 -19.00 4.71 17.74
CA LYS A 80 -19.66 5.51 16.72
C LYS A 80 -18.69 6.57 16.19
N ILE A 81 -17.98 6.22 15.12
CA ILE A 81 -16.98 7.09 14.52
C ILE A 81 -17.56 8.46 14.19
N GLY A 82 -18.76 8.46 13.64
CA GLY A 82 -19.41 9.70 13.29
C GLY A 82 -19.22 10.06 11.84
N LYS A 83 -20.30 10.38 11.18
CA LYS A 83 -20.25 10.80 9.79
C LYS A 83 -20.83 12.20 9.67
N LYS A 84 -20.89 12.73 8.45
CA LYS A 84 -21.41 14.08 8.25
C LYS A 84 -22.60 14.06 7.32
N LYS A 85 -23.26 12.91 7.22
CA LYS A 85 -24.41 12.75 6.36
C LYS A 85 -25.21 11.52 6.75
N ARG A 86 -26.54 11.68 6.82
CA ARG A 86 -27.47 10.59 7.09
C ARG A 86 -27.32 10.03 8.52
N GLN A 87 -26.35 9.13 8.71
CA GLN A 87 -26.15 8.44 9.98
C GLN A 87 -27.45 7.82 10.50
N LYS A 88 -27.94 6.82 9.79
CA LYS A 88 -29.14 6.11 10.21
C LYS A 88 -28.77 4.89 11.05
N LYS A 89 -27.47 4.71 11.26
CA LYS A 89 -26.98 3.61 12.08
C LYS A 89 -26.59 4.11 13.47
N ARG A 90 -26.86 3.30 14.48
CA ARG A 90 -26.64 3.71 15.86
C ARG A 90 -25.78 2.69 16.60
N LYS A 91 -24.58 3.10 16.98
CA LYS A 91 -23.70 2.29 17.82
C LYS A 91 -23.56 2.95 19.19
N ALA A 92 -24.29 2.44 20.15
CA ALA A 92 -24.29 3.02 21.49
C ALA A 92 -23.69 2.08 22.51
N ALA A 93 -22.94 2.66 23.45
CA ALA A 93 -22.40 1.92 24.58
C ALA A 93 -22.73 2.64 25.87
N GLN A 94 -24.00 2.59 26.25
CA GLN A 94 -24.50 3.33 27.40
C GLN A 94 -24.20 2.62 28.71
N LYS A 95 -23.52 1.49 28.63
CA LYS A 95 -23.17 0.73 29.81
C LYS A 95 -21.72 0.99 30.22
N ARG A 96 -21.41 2.24 30.50
CA ARG A 96 -20.05 2.62 30.88
C ARG A 96 -19.82 2.33 32.36
N LYS A 97 -19.11 1.24 32.65
CA LYS A 97 -18.86 0.84 34.02
C LYS A 97 -17.49 0.15 34.14
N ASN A 98 -17.23 -0.79 33.23
CA ASN A 98 -15.96 -1.53 33.21
C ASN A 98 -15.78 -2.35 34.48
N LYS A 1 -11.36 -8.58 -7.28
CA LYS A 1 -11.66 -7.24 -6.73
C LYS A 1 -12.24 -6.36 -7.82
N PRO A 2 -13.58 -6.19 -7.84
CA PRO A 2 -14.28 -5.44 -8.89
C PRO A 2 -13.84 -3.98 -8.96
N VAL A 3 -13.03 -3.69 -9.94
CA VAL A 3 -12.55 -2.33 -10.16
C VAL A 3 -13.30 -1.67 -11.31
N SER A 4 -13.53 -0.37 -11.18
CA SER A 4 -14.23 0.37 -12.23
C SER A 4 -13.55 1.72 -12.46
N LEU A 5 -12.25 1.77 -12.16
CA LEU A 5 -11.50 3.00 -12.29
C LEU A 5 -10.90 3.13 -13.68
N SER A 6 -10.03 2.18 -14.04
CA SER A 6 -9.31 2.23 -15.30
C SER A 6 -8.48 3.52 -15.36
N TYR A 7 -7.83 3.82 -14.25
CA TYR A 7 -6.99 5.01 -14.15
C TYR A 7 -5.57 4.59 -13.83
N ARG A 8 -4.61 5.38 -14.28
CA ARG A 8 -3.22 5.12 -13.96
C ARG A 8 -2.93 5.54 -12.53
N CYS A 9 -2.93 4.55 -11.64
CA CYS A 9 -2.75 4.78 -10.22
C CYS A 9 -1.40 5.47 -9.93
N PRO A 10 -1.33 6.22 -8.81
CA PRO A 10 -0.18 7.04 -8.42
C PRO A 10 1.18 6.44 -8.78
N CYS A 11 1.43 5.25 -8.27
CA CYS A 11 2.71 4.60 -8.51
C CYS A 11 2.66 3.76 -9.78
N ARG A 12 3.80 3.72 -10.46
CA ARG A 12 3.98 2.88 -11.64
C ARG A 12 4.03 1.42 -11.23
N PHE A 13 4.36 0.53 -12.15
CA PHE A 13 4.29 -0.89 -11.86
C PHE A 13 5.47 -1.26 -10.97
N PHE A 14 5.20 -2.07 -9.98
CA PHE A 14 6.10 -2.25 -8.86
C PHE A 14 7.09 -3.39 -9.13
N GLU A 15 8.18 -3.40 -8.37
CA GLU A 15 9.28 -4.32 -8.62
C GLU A 15 9.09 -5.61 -7.83
N SER A 16 8.93 -6.72 -8.55
CA SER A 16 8.76 -8.02 -7.92
C SER A 16 10.11 -8.66 -7.60
N HIS A 17 11.06 -7.83 -7.19
CA HIS A 17 12.38 -8.30 -6.84
C HIS A 17 12.83 -7.72 -5.51
N ILE A 18 12.03 -6.80 -4.97
CA ILE A 18 12.36 -6.14 -3.72
C ILE A 18 12.18 -7.09 -2.54
N ALA A 19 13.18 -7.13 -1.69
CA ALA A 19 13.16 -8.01 -0.53
C ALA A 19 12.98 -7.23 0.75
N ARG A 20 12.50 -7.90 1.78
CA ARG A 20 12.30 -7.30 3.09
C ARG A 20 13.64 -6.86 3.67
N ALA A 21 14.66 -7.67 3.40
CA ALA A 21 15.99 -7.38 3.90
C ALA A 21 16.71 -6.41 3.00
N ASN A 22 16.04 -6.03 1.92
CA ASN A 22 16.61 -5.10 0.98
C ASN A 22 15.89 -3.76 1.05
N VAL A 23 14.86 -3.70 1.87
CA VAL A 23 14.06 -2.50 1.97
C VAL A 23 14.21 -1.81 3.32
N LYS A 24 14.06 -0.50 3.27
CA LYS A 24 14.05 0.36 4.44
C LYS A 24 12.62 0.80 4.72
N HIS A 25 12.52 1.92 5.44
CA HIS A 25 11.24 2.52 5.82
C HIS A 25 10.18 2.31 4.75
N LEU A 26 9.14 1.58 5.09
CA LEU A 26 8.10 1.23 4.13
C LEU A 26 6.87 2.11 4.35
N LYS A 27 6.17 2.35 3.26
CA LYS A 27 4.96 3.16 3.24
C LYS A 27 3.92 2.48 2.37
N ILE A 28 2.66 2.70 2.67
CA ILE A 28 1.60 2.25 1.80
C ILE A 28 0.84 3.43 1.26
N LEU A 29 0.91 3.59 -0.06
CA LEU A 29 0.27 4.71 -0.72
C LEU A 29 -1.24 4.50 -0.72
N ASN A 30 -1.95 5.42 -0.10
CA ASN A 30 -3.39 5.39 -0.09
C ASN A 30 -3.91 5.85 -1.42
N THR A 31 -4.16 4.88 -2.25
CA THR A 31 -4.59 5.09 -3.60
C THR A 31 -6.05 5.52 -3.73
N PRO A 32 -6.41 5.97 -4.94
CA PRO A 32 -7.79 6.24 -5.42
C PRO A 32 -8.82 5.15 -5.12
N ASN A 33 -8.37 4.07 -4.47
CA ASN A 33 -9.01 2.75 -4.43
C ASN A 33 -8.48 1.91 -5.57
N CYS A 34 -7.16 1.97 -5.66
CA CYS A 34 -6.36 1.08 -6.46
C CYS A 34 -5.80 0.03 -5.52
N ALA A 35 -5.08 -0.95 -6.05
CA ALA A 35 -4.33 -1.86 -5.21
C ALA A 35 -3.50 -1.08 -4.20
N LEU A 36 -3.39 -1.61 -2.99
CA LEU A 36 -2.55 -1.02 -1.97
C LEU A 36 -1.12 -0.94 -2.48
N GLN A 37 -0.68 0.26 -2.81
CA GLN A 37 0.65 0.44 -3.37
C GLN A 37 1.68 0.53 -2.27
N ILE A 38 2.55 -0.46 -2.26
CA ILE A 38 3.53 -0.59 -1.21
C ILE A 38 4.82 0.17 -1.58
N VAL A 39 4.96 1.38 -1.04
CA VAL A 39 6.08 2.25 -1.38
C VAL A 39 7.23 2.04 -0.43
N ALA A 40 8.34 1.65 -0.96
CA ALA A 40 9.46 1.30 -0.14
C ALA A 40 10.70 2.09 -0.52
N ARG A 41 11.55 2.36 0.45
CA ARG A 41 12.84 2.95 0.15
C ARG A 41 13.92 1.91 0.27
N LEU A 42 14.68 1.76 -0.79
CA LEU A 42 15.72 0.73 -0.86
C LEU A 42 16.75 0.85 0.24
N LYS A 43 17.37 -0.27 0.60
CA LYS A 43 18.32 -0.31 1.71
C LYS A 43 19.48 0.66 1.50
N ASN A 44 20.25 0.44 0.45
CA ASN A 44 21.40 1.29 0.15
C ASN A 44 20.96 2.52 -0.63
N ASN A 45 20.20 2.27 -1.68
CA ASN A 45 19.83 3.30 -2.65
C ASN A 45 18.84 4.30 -2.06
N ASN A 46 18.10 3.83 -1.04
CA ASN A 46 17.03 4.58 -0.37
C ASN A 46 16.08 5.25 -1.35
N ARG A 47 16.02 4.72 -2.56
CA ARG A 47 15.12 5.26 -3.56
C ARG A 47 13.73 4.75 -3.30
N GLN A 48 12.78 5.63 -3.50
CA GLN A 48 11.38 5.31 -3.33
C GLN A 48 10.91 4.46 -4.50
N VAL A 49 10.47 3.27 -4.18
CA VAL A 49 10.06 2.28 -5.17
C VAL A 49 8.79 1.59 -4.67
N CYS A 50 8.09 0.89 -5.53
CA CYS A 50 6.94 0.15 -5.09
C CYS A 50 7.23 -1.34 -5.12
N ILE A 51 6.79 -2.02 -4.07
CA ILE A 51 6.96 -3.45 -3.95
C ILE A 51 5.76 -4.17 -4.55
N ASP A 52 6.02 -5.32 -5.17
CA ASP A 52 4.95 -6.13 -5.74
C ASP A 52 4.11 -6.75 -4.63
N PRO A 53 2.78 -6.58 -4.71
CA PRO A 53 1.85 -7.04 -3.67
C PRO A 53 1.79 -8.56 -3.56
N LYS A 54 2.25 -9.25 -4.60
CA LYS A 54 2.15 -10.69 -4.65
C LYS A 54 3.41 -11.37 -4.10
N LEU A 55 4.41 -10.56 -3.78
CA LEU A 55 5.61 -11.01 -3.12
C LEU A 55 5.24 -11.72 -1.82
N LYS A 56 5.88 -12.87 -1.59
CA LYS A 56 5.49 -13.75 -0.49
C LYS A 56 5.73 -13.11 0.86
N TRP A 57 6.69 -12.20 0.93
CA TRP A 57 6.92 -11.48 2.18
C TRP A 57 6.00 -10.27 2.24
N ILE A 58 5.57 -9.81 1.06
CA ILE A 58 4.66 -8.68 0.95
C ILE A 58 3.24 -9.07 1.30
N GLN A 59 2.82 -10.25 0.88
CA GLN A 59 1.50 -10.79 1.24
C GLN A 59 1.34 -10.79 2.75
N GLU A 60 2.46 -10.96 3.43
CA GLU A 60 2.50 -10.94 4.88
C GLU A 60 2.31 -9.53 5.40
N TYR A 61 2.95 -8.56 4.74
CA TYR A 61 2.85 -7.17 5.14
C TYR A 61 1.46 -6.67 4.77
N LEU A 62 0.99 -7.18 3.65
CA LEU A 62 -0.32 -6.85 3.11
C LEU A 62 -1.40 -7.08 4.12
N GLU A 63 -1.28 -8.16 4.85
CA GLU A 63 -2.24 -8.48 5.89
C GLU A 63 -2.43 -7.29 6.83
N LYS A 64 -1.33 -6.69 7.22
CA LYS A 64 -1.34 -5.53 8.09
C LYS A 64 -1.89 -4.33 7.35
N ALA A 65 -1.38 -4.15 6.13
CA ALA A 65 -1.78 -3.03 5.28
C ALA A 65 -3.27 -3.04 5.01
N LEU A 66 -3.84 -4.24 5.00
CA LEU A 66 -5.26 -4.40 4.73
C LEU A 66 -6.05 -4.24 6.01
N ASN A 67 -5.40 -4.55 7.11
CA ASN A 67 -6.01 -4.35 8.43
C ASN A 67 -6.06 -2.88 8.77
N LYS A 68 -5.24 -2.09 8.09
CA LYS A 68 -5.29 -0.63 8.24
C LYS A 68 -6.57 -0.11 7.62
N GLY A 69 -6.85 -0.62 6.41
CA GLY A 69 -8.07 -0.25 5.71
C GLY A 69 -9.29 -0.83 6.38
N ARG A 70 -9.05 -1.87 7.19
CA ARG A 70 -10.08 -2.51 8.01
C ARG A 70 -11.07 -3.32 7.17
N ARG A 71 -12.07 -2.65 6.61
CA ARG A 71 -13.09 -3.35 5.84
C ARG A 71 -13.42 -2.61 4.55
N GLU A 72 -13.36 -3.35 3.45
CA GLU A 72 -13.78 -2.83 2.16
C GLU A 72 -14.60 -3.89 1.44
N GLU A 73 -14.27 -5.15 1.71
CA GLU A 73 -15.04 -6.28 1.19
C GLU A 73 -16.18 -6.61 2.15
N LYS A 74 -17.35 -6.87 1.60
CA LYS A 74 -18.54 -7.17 2.39
C LYS A 74 -19.34 -8.31 1.78
N VAL A 75 -19.19 -9.49 2.33
CA VAL A 75 -19.95 -10.65 1.88
C VAL A 75 -21.38 -10.57 2.40
N GLY A 76 -22.33 -10.90 1.54
CA GLY A 76 -23.73 -10.85 1.93
C GLY A 76 -24.54 -9.99 1.00
N LYS A 77 -24.33 -10.15 -0.30
CA LYS A 77 -25.04 -9.37 -1.29
C LYS A 77 -26.42 -9.97 -1.54
N LYS A 78 -27.43 -9.36 -0.94
CA LYS A 78 -28.80 -9.83 -1.07
C LYS A 78 -29.43 -9.31 -2.36
N GLU A 79 -28.84 -8.26 -2.89
CA GLU A 79 -29.35 -7.62 -4.08
C GLU A 79 -28.89 -8.35 -5.34
N LYS A 80 -29.48 -9.50 -5.60
CA LYS A 80 -29.18 -10.27 -6.78
C LYS A 80 -29.89 -9.66 -7.99
N ILE A 81 -31.15 -9.29 -7.79
CA ILE A 81 -31.95 -8.67 -8.84
C ILE A 81 -33.33 -8.28 -8.31
N GLY A 82 -33.85 -9.08 -7.40
CA GLY A 82 -35.16 -8.83 -6.85
C GLY A 82 -36.23 -9.63 -7.57
N LYS A 83 -37.25 -10.06 -6.83
CA LYS A 83 -38.34 -10.82 -7.41
C LYS A 83 -39.32 -9.88 -8.09
N LYS A 84 -39.69 -10.21 -9.32
CA LYS A 84 -40.61 -9.39 -10.09
C LYS A 84 -41.54 -10.29 -10.91
N LYS A 85 -42.83 -10.02 -10.80
CA LYS A 85 -43.82 -10.82 -11.49
C LYS A 85 -44.87 -9.94 -12.15
N ARG A 86 -44.76 -9.80 -13.47
CA ARG A 86 -45.75 -9.08 -14.24
C ARG A 86 -47.03 -9.91 -14.34
N GLN A 87 -48.09 -9.44 -13.68
CA GLN A 87 -49.33 -10.20 -13.62
C GLN A 87 -50.40 -9.56 -14.47
N LYS A 88 -50.52 -10.06 -15.70
CA LYS A 88 -51.53 -9.58 -16.62
C LYS A 88 -52.80 -10.41 -16.49
N LYS A 89 -53.91 -9.76 -16.22
CA LYS A 89 -55.16 -10.45 -15.94
C LYS A 89 -56.20 -10.24 -17.04
N ARG A 90 -56.59 -8.99 -17.24
CA ARG A 90 -57.67 -8.68 -18.16
C ARG A 90 -57.23 -7.72 -19.26
N LYS A 91 -57.20 -8.23 -20.48
CA LYS A 91 -56.91 -7.42 -21.65
C LYS A 91 -58.18 -7.27 -22.49
N ALA A 92 -58.34 -6.10 -23.08
CA ALA A 92 -59.48 -5.84 -23.94
C ALA A 92 -59.16 -6.22 -25.37
N ALA A 93 -58.12 -5.61 -25.92
CA ALA A 93 -57.69 -5.87 -27.30
C ALA A 93 -58.86 -5.72 -28.26
N GLN A 94 -59.61 -4.65 -28.08
CA GLN A 94 -60.80 -4.38 -28.87
C GLN A 94 -61.06 -2.88 -28.92
N LYS A 95 -60.02 -2.14 -29.31
CA LYS A 95 -60.11 -0.69 -29.45
C LYS A 95 -60.88 -0.34 -30.72
N ARG A 96 -60.99 -1.32 -31.59
CA ARG A 96 -61.74 -1.17 -32.83
C ARG A 96 -63.18 -1.61 -32.64
N LYS A 97 -64.04 -0.68 -32.24
CA LYS A 97 -65.44 -1.01 -31.98
C LYS A 97 -66.25 -0.97 -33.26
N ASN A 98 -66.63 -2.16 -33.73
CA ASN A 98 -67.53 -2.26 -34.89
C ASN A 98 -68.81 -2.96 -34.46
N LYS A 1 -3.49 18.76 -17.31
CA LYS A 1 -3.70 17.29 -17.29
C LYS A 1 -5.17 16.97 -17.08
N PRO A 2 -5.76 16.15 -17.95
CA PRO A 2 -7.17 15.77 -17.84
C PRO A 2 -7.43 14.74 -16.76
N VAL A 3 -7.32 15.17 -15.52
CA VAL A 3 -7.53 14.31 -14.37
C VAL A 3 -8.96 13.81 -14.33
N SER A 4 -9.17 12.68 -13.63
CA SER A 4 -10.48 12.04 -13.55
C SER A 4 -10.93 11.58 -14.94
N LEU A 5 -10.02 10.88 -15.63
CA LEU A 5 -10.31 10.40 -16.97
C LEU A 5 -9.82 8.97 -17.13
N SER A 6 -8.50 8.80 -17.27
CA SER A 6 -7.92 7.48 -17.45
C SER A 6 -6.62 7.35 -16.68
N TYR A 7 -6.41 8.24 -15.72
CA TYR A 7 -5.21 8.19 -14.88
C TYR A 7 -5.33 7.07 -13.86
N ARG A 8 -4.26 6.32 -13.69
CA ARG A 8 -4.26 5.19 -12.79
C ARG A 8 -3.77 5.58 -11.40
N CYS A 9 -3.69 4.57 -10.55
CA CYS A 9 -3.28 4.73 -9.18
C CYS A 9 -1.88 5.38 -9.08
N PRO A 10 -1.63 6.14 -8.00
CA PRO A 10 -0.43 6.96 -7.80
C PRO A 10 0.86 6.34 -8.33
N CYS A 11 1.17 5.13 -7.88
CA CYS A 11 2.46 4.53 -8.18
C CYS A 11 2.42 3.72 -9.47
N ARG A 12 3.57 3.66 -10.13
CA ARG A 12 3.79 2.80 -11.29
C ARG A 12 3.82 1.34 -10.87
N PHE A 13 4.18 0.45 -11.80
CA PHE A 13 4.11 -0.97 -11.51
C PHE A 13 5.28 -1.37 -10.61
N PHE A 14 5.00 -2.35 -9.76
CA PHE A 14 5.84 -2.68 -8.64
C PHE A 14 6.99 -3.59 -9.02
N GLU A 15 7.94 -3.74 -8.10
CA GLU A 15 9.06 -4.64 -8.29
C GLU A 15 8.88 -5.90 -7.46
N SER A 16 8.84 -7.02 -8.13
CA SER A 16 8.80 -8.32 -7.46
C SER A 16 10.23 -8.81 -7.32
N HIS A 17 11.12 -7.88 -7.03
CA HIS A 17 12.54 -8.16 -6.87
C HIS A 17 13.03 -7.61 -5.55
N ILE A 18 12.17 -6.88 -4.87
CA ILE A 18 12.52 -6.24 -3.61
C ILE A 18 12.36 -7.20 -2.44
N ALA A 19 13.34 -7.17 -1.54
CA ALA A 19 13.32 -8.01 -0.36
C ALA A 19 13.15 -7.17 0.90
N ARG A 20 12.63 -7.78 1.96
CA ARG A 20 12.45 -7.12 3.23
C ARG A 20 13.77 -6.63 3.80
N ALA A 21 14.81 -7.42 3.57
CA ALA A 21 16.13 -7.10 4.07
C ALA A 21 16.84 -6.11 3.17
N ASN A 22 16.21 -5.80 2.05
CA ASN A 22 16.77 -4.86 1.10
C ASN A 22 16.00 -3.57 1.10
N VAL A 23 14.90 -3.54 1.84
CA VAL A 23 14.07 -2.37 1.87
C VAL A 23 14.22 -1.61 3.17
N LYS A 24 14.05 -0.31 3.06
CA LYS A 24 14.04 0.61 4.18
C LYS A 24 12.61 0.91 4.56
N HIS A 25 12.44 2.04 5.24
CA HIS A 25 11.15 2.55 5.69
C HIS A 25 10.06 2.22 4.67
N LEU A 26 9.11 1.39 5.06
CA LEU A 26 8.07 0.96 4.16
C LEU A 26 6.76 1.65 4.49
N LYS A 27 6.13 2.18 3.45
CA LYS A 27 4.91 2.95 3.57
C LYS A 27 3.87 2.44 2.58
N ILE A 28 2.60 2.60 2.88
CA ILE A 28 1.55 2.20 1.97
C ILE A 28 0.70 3.39 1.56
N LEU A 29 0.59 3.60 0.25
CA LEU A 29 -0.20 4.70 -0.27
C LEU A 29 -1.67 4.42 -0.04
N ASN A 30 -2.32 5.28 0.72
CA ASN A 30 -3.77 5.21 0.85
C ASN A 30 -4.43 5.65 -0.45
N THR A 31 -4.72 4.68 -1.30
CA THR A 31 -5.28 4.94 -2.59
C THR A 31 -6.80 4.99 -2.59
N PRO A 32 -7.33 5.44 -3.73
CA PRO A 32 -8.75 5.41 -4.11
C PRO A 32 -9.50 4.11 -3.81
N ASN A 33 -8.78 3.13 -3.25
CA ASN A 33 -9.15 1.71 -3.22
C ASN A 33 -8.59 1.04 -4.45
N CYS A 34 -7.29 1.22 -4.58
CA CYS A 34 -6.44 0.51 -5.50
C CYS A 34 -5.75 -0.59 -4.72
N ALA A 35 -4.99 -1.43 -5.40
CA ALA A 35 -4.10 -2.33 -4.70
C ALA A 35 -3.23 -1.51 -3.77
N LEU A 36 -3.31 -1.79 -2.46
CA LEU A 36 -2.57 -1.04 -1.47
C LEU A 36 -1.11 -0.92 -1.88
N GLN A 37 -0.71 0.30 -2.18
CA GLN A 37 0.59 0.55 -2.79
C GLN A 37 1.68 0.47 -1.75
N ILE A 38 2.56 -0.48 -1.91
CA ILE A 38 3.68 -0.66 -1.01
C ILE A 38 4.83 0.23 -1.47
N VAL A 39 4.97 1.41 -0.89
CA VAL A 39 6.02 2.31 -1.30
C VAL A 39 7.22 2.19 -0.36
N ALA A 40 8.36 1.89 -0.93
CA ALA A 40 9.53 1.53 -0.17
C ALA A 40 10.73 2.34 -0.60
N ARG A 41 11.68 2.50 0.29
CA ARG A 41 12.98 3.03 -0.08
C ARG A 41 14.00 1.92 -0.03
N LEU A 42 14.80 1.80 -1.07
CA LEU A 42 15.79 0.73 -1.12
C LEU A 42 16.95 0.99 -0.17
N LYS A 43 17.35 -0.04 0.56
CA LYS A 43 18.36 0.06 1.62
C LYS A 43 19.58 0.84 1.17
N ASN A 44 20.29 0.31 0.20
CA ASN A 44 21.48 0.95 -0.30
C ASN A 44 21.17 1.98 -1.37
N ASN A 45 20.22 1.63 -2.23
CA ASN A 45 19.95 2.43 -3.42
C ASN A 45 19.31 3.77 -3.07
N ASN A 46 18.64 3.81 -1.92
CA ASN A 46 18.03 5.04 -1.38
C ASN A 46 16.81 5.48 -2.19
N ARG A 47 16.52 4.80 -3.28
CA ARG A 47 15.41 5.21 -4.14
C ARG A 47 14.09 4.73 -3.58
N GLN A 48 13.09 5.55 -3.83
CA GLN A 48 11.72 5.19 -3.52
C GLN A 48 11.19 4.30 -4.65
N VAL A 49 10.61 3.19 -4.28
CA VAL A 49 10.12 2.20 -5.23
C VAL A 49 8.90 1.50 -4.63
N CYS A 50 8.07 0.89 -5.45
CA CYS A 50 6.93 0.18 -4.92
C CYS A 50 7.14 -1.32 -4.99
N ILE A 51 6.94 -1.98 -3.86
CA ILE A 51 7.09 -3.43 -3.77
C ILE A 51 5.85 -4.09 -4.34
N ASP A 52 6.02 -5.24 -4.98
CA ASP A 52 4.91 -5.94 -5.59
C ASP A 52 4.05 -6.62 -4.53
N PRO A 53 2.75 -6.33 -4.52
CA PRO A 53 1.81 -6.87 -3.52
C PRO A 53 1.71 -8.39 -3.59
N LYS A 54 2.19 -8.96 -4.68
CA LYS A 54 2.07 -10.40 -4.91
C LYS A 54 3.33 -11.13 -4.43
N LEU A 55 4.31 -10.36 -3.96
CA LEU A 55 5.49 -10.92 -3.34
C LEU A 55 5.09 -11.72 -2.11
N LYS A 56 5.72 -12.87 -1.94
CA LYS A 56 5.31 -13.83 -0.93
C LYS A 56 5.55 -13.31 0.48
N TRP A 57 6.53 -12.43 0.64
CA TRP A 57 6.76 -11.81 1.94
C TRP A 57 5.88 -10.58 2.06
N ILE A 58 5.50 -10.03 0.93
CA ILE A 58 4.65 -8.86 0.89
C ILE A 58 3.21 -9.20 1.22
N GLN A 59 2.77 -10.38 0.80
CA GLN A 59 1.44 -10.88 1.10
C GLN A 59 1.18 -10.84 2.60
N GLU A 60 2.24 -11.03 3.35
CA GLU A 60 2.16 -11.01 4.80
C GLU A 60 2.02 -9.58 5.31
N TYR A 61 2.73 -8.67 4.66
CA TYR A 61 2.69 -7.27 5.00
C TYR A 61 1.38 -6.68 4.51
N LEU A 62 0.91 -7.23 3.44
CA LEU A 62 -0.36 -6.86 2.85
C LEU A 62 -1.47 -6.99 3.85
N GLU A 63 -1.46 -8.09 4.59
CA GLU A 63 -2.42 -8.30 5.64
C GLU A 63 -2.39 -7.15 6.64
N LYS A 64 -1.20 -6.60 6.82
CA LYS A 64 -1.00 -5.44 7.69
C LYS A 64 -1.59 -4.20 7.03
N ALA A 65 -1.30 -4.07 5.74
CA ALA A 65 -1.74 -2.94 4.94
C ALA A 65 -3.25 -2.92 4.78
N LEU A 66 -3.81 -4.10 4.69
CA LEU A 66 -5.23 -4.27 4.42
C LEU A 66 -6.04 -4.29 5.70
N ASN A 67 -5.31 -4.32 6.80
CA ASN A 67 -5.87 -4.37 8.16
C ASN A 67 -7.19 -3.64 8.29
N LYS A 68 -8.09 -4.36 8.89
CA LYS A 68 -9.47 -3.90 9.06
C LYS A 68 -9.84 -3.97 10.54
N GLY A 69 -9.27 -4.93 11.22
CA GLY A 69 -9.65 -5.21 12.59
C GLY A 69 -10.09 -6.65 12.73
N ARG A 70 -11.13 -7.01 11.99
CA ARG A 70 -11.60 -8.38 11.93
C ARG A 70 -12.21 -8.67 10.58
N ARG A 71 -13.36 -8.06 10.31
CA ARG A 71 -14.09 -8.23 9.06
C ARG A 71 -14.25 -9.70 8.70
N GLU A 72 -14.91 -10.45 9.59
CA GLU A 72 -15.17 -11.86 9.35
C GLU A 72 -16.26 -11.99 8.28
N GLU A 73 -17.01 -10.93 8.09
CA GLU A 73 -18.01 -10.85 7.04
C GLU A 73 -17.34 -10.76 5.67
N LYS A 74 -16.96 -11.91 5.14
CA LYS A 74 -16.22 -11.98 3.88
C LYS A 74 -14.86 -11.31 4.03
N VAL A 75 -13.93 -12.04 4.63
CA VAL A 75 -12.59 -11.53 4.90
C VAL A 75 -11.82 -11.29 3.59
N GLY A 76 -11.98 -10.08 3.06
CA GLY A 76 -11.32 -9.71 1.83
C GLY A 76 -11.72 -10.62 0.67
N LYS A 77 -10.77 -11.41 0.20
CA LYS A 77 -11.02 -12.34 -0.88
C LYS A 77 -10.72 -13.76 -0.44
N LYS A 78 -10.07 -13.88 0.73
CA LYS A 78 -9.52 -15.15 1.19
C LYS A 78 -8.56 -15.70 0.14
N GLU A 79 -7.57 -14.87 -0.20
CA GLU A 79 -6.58 -15.21 -1.21
C GLU A 79 -7.21 -15.28 -2.60
N LYS A 80 -6.40 -15.62 -3.61
CA LYS A 80 -6.88 -15.78 -4.98
C LYS A 80 -7.42 -14.45 -5.54
N ILE A 81 -8.09 -14.54 -6.69
CA ILE A 81 -8.78 -13.40 -7.29
C ILE A 81 -7.82 -12.24 -7.56
N GLY A 82 -7.14 -12.30 -8.70
CA GLY A 82 -6.20 -11.26 -9.06
C GLY A 82 -5.18 -11.76 -10.06
N LYS A 83 -4.05 -11.07 -10.13
CA LYS A 83 -2.98 -11.44 -11.06
C LYS A 83 -2.12 -12.56 -10.49
N LYS A 84 -2.75 -13.68 -10.21
CA LYS A 84 -2.06 -14.86 -9.70
C LYS A 84 -1.63 -15.73 -10.88
N LYS A 85 -0.68 -16.64 -10.61
CA LYS A 85 -0.11 -17.51 -11.65
C LYS A 85 0.71 -16.68 -12.65
N ARG A 86 1.83 -17.25 -13.09
CA ARG A 86 2.78 -16.52 -13.95
C ARG A 86 3.31 -15.30 -13.18
N GLN A 87 3.54 -15.50 -11.90
CA GLN A 87 4.03 -14.45 -11.02
C GLN A 87 5.03 -15.06 -10.05
N LYS A 88 6.31 -14.70 -10.21
CA LYS A 88 7.42 -15.30 -9.45
C LYS A 88 7.69 -16.73 -9.94
N LYS A 89 6.62 -17.45 -10.25
CA LYS A 89 6.72 -18.76 -10.87
C LYS A 89 5.51 -18.97 -11.79
N ARG A 90 5.64 -19.88 -12.74
CA ARG A 90 4.55 -20.16 -13.66
C ARG A 90 3.63 -21.22 -13.07
N LYS A 91 4.24 -22.33 -12.66
CA LYS A 91 3.51 -23.44 -12.06
C LYS A 91 4.15 -23.85 -10.75
N ALA A 92 5.32 -24.45 -10.84
CA ALA A 92 6.05 -24.94 -9.69
C ALA A 92 7.53 -24.92 -9.98
N ALA A 93 8.33 -24.87 -8.92
CA ALA A 93 9.77 -24.91 -9.06
C ALA A 93 10.25 -26.35 -9.11
N GLN A 94 10.11 -26.97 -10.27
CA GLN A 94 10.49 -28.36 -10.45
C GLN A 94 12.00 -28.46 -10.66
N LYS A 95 12.75 -28.28 -9.57
CA LYS A 95 14.20 -28.34 -9.63
C LYS A 95 14.67 -29.79 -9.62
N ARG A 96 13.97 -30.62 -8.85
CA ARG A 96 14.31 -32.03 -8.75
C ARG A 96 13.18 -32.88 -9.32
N LYS A 97 13.54 -33.93 -10.04
CA LYS A 97 12.54 -34.81 -10.65
C LYS A 97 12.60 -36.19 -10.02
N ASN A 98 11.53 -36.96 -10.20
CA ASN A 98 11.47 -38.32 -9.67
C ASN A 98 12.05 -39.29 -10.69
N LYS A 1 -19.00 9.01 -20.34
CA LYS A 1 -18.46 8.76 -18.99
C LYS A 1 -17.57 7.52 -19.02
N PRO A 2 -16.27 7.71 -19.32
CA PRO A 2 -15.30 6.61 -19.45
C PRO A 2 -15.07 5.88 -18.14
N VAL A 3 -14.46 4.71 -18.22
CA VAL A 3 -14.18 3.89 -17.06
C VAL A 3 -12.85 4.26 -16.42
N SER A 4 -12.65 5.55 -16.18
CA SER A 4 -11.40 6.04 -15.63
C SER A 4 -11.59 6.52 -14.18
N LEU A 5 -12.61 5.98 -13.52
CA LEU A 5 -12.94 6.38 -12.16
C LEU A 5 -11.82 6.03 -11.18
N SER A 6 -11.28 4.84 -11.33
CA SER A 6 -10.21 4.37 -10.47
C SER A 6 -9.00 3.98 -11.33
N TYR A 7 -8.82 4.72 -12.41
CA TYR A 7 -7.75 4.45 -13.35
C TYR A 7 -6.53 5.32 -13.03
N ARG A 8 -5.34 4.81 -13.38
CA ARG A 8 -4.08 5.49 -13.11
C ARG A 8 -3.90 5.75 -11.62
N CYS A 9 -3.47 4.71 -10.92
CA CYS A 9 -3.23 4.78 -9.49
C CYS A 9 -2.04 5.71 -9.20
N PRO A 10 -1.71 5.99 -7.91
CA PRO A 10 -0.65 6.93 -7.57
C PRO A 10 0.70 6.39 -7.98
N CYS A 11 1.01 5.20 -7.51
CA CYS A 11 2.25 4.53 -7.87
C CYS A 11 2.07 3.70 -9.14
N ARG A 12 3.08 3.73 -9.98
CA ARG A 12 3.16 2.89 -11.16
C ARG A 12 3.36 1.44 -10.76
N PHE A 13 3.62 0.57 -11.71
CA PHE A 13 3.65 -0.86 -11.45
C PHE A 13 4.94 -1.21 -10.72
N PHE A 14 4.79 -2.07 -9.73
CA PHE A 14 5.78 -2.24 -8.68
C PHE A 14 6.74 -3.39 -8.98
N GLU A 15 7.81 -3.45 -8.19
CA GLU A 15 8.93 -4.31 -8.46
C GLU A 15 8.84 -5.57 -7.60
N SER A 16 8.97 -6.71 -8.24
CA SER A 16 8.84 -8.00 -7.56
C SER A 16 10.23 -8.58 -7.33
N HIS A 17 11.18 -7.70 -7.06
CA HIS A 17 12.55 -8.11 -6.76
C HIS A 17 12.96 -7.49 -5.43
N ILE A 18 12.08 -6.68 -4.87
CA ILE A 18 12.31 -6.09 -3.56
C ILE A 18 12.36 -7.19 -2.49
N ALA A 19 13.03 -6.88 -1.40
CA ALA A 19 13.21 -7.83 -0.31
C ALA A 19 13.08 -7.11 1.02
N ARG A 20 12.65 -7.83 2.05
CA ARG A 20 12.47 -7.23 3.36
C ARG A 20 13.79 -6.69 3.88
N ALA A 21 14.83 -7.47 3.71
CA ALA A 21 16.15 -7.11 4.20
C ALA A 21 16.81 -6.09 3.29
N ASN A 22 16.17 -5.80 2.17
CA ASN A 22 16.68 -4.83 1.24
C ASN A 22 15.91 -3.54 1.31
N VAL A 23 14.79 -3.55 2.00
CA VAL A 23 13.96 -2.37 2.07
C VAL A 23 14.16 -1.61 3.37
N LYS A 24 14.04 -0.31 3.23
CA LYS A 24 14.04 0.63 4.32
C LYS A 24 12.60 1.06 4.60
N HIS A 25 12.46 2.23 5.19
CA HIS A 25 11.16 2.80 5.56
C HIS A 25 10.09 2.43 4.53
N LEU A 26 9.05 1.73 4.98
CA LEU A 26 8.02 1.25 4.08
C LEU A 26 6.69 1.95 4.38
N LYS A 27 6.05 2.42 3.32
CA LYS A 27 4.81 3.18 3.42
C LYS A 27 3.74 2.61 2.48
N ILE A 28 2.49 2.65 2.91
CA ILE A 28 1.39 2.17 2.09
C ILE A 28 0.43 3.30 1.72
N LEU A 29 0.09 3.39 0.44
CA LEU A 29 -0.86 4.39 -0.03
C LEU A 29 -2.26 3.82 -0.01
N ASN A 30 -3.18 4.52 0.64
CA ASN A 30 -4.57 4.15 0.63
C ASN A 30 -5.21 4.56 -0.69
N THR A 31 -5.22 3.64 -1.65
CA THR A 31 -5.71 3.92 -2.97
C THR A 31 -7.24 3.93 -3.11
N PRO A 32 -7.70 4.46 -4.27
CA PRO A 32 -9.09 4.44 -4.76
C PRO A 32 -9.82 3.09 -4.68
N ASN A 33 -9.10 2.04 -4.25
CA ASN A 33 -9.33 0.60 -4.56
C ASN A 33 -8.48 0.16 -5.74
N CYS A 34 -7.23 0.59 -5.67
CA CYS A 34 -6.16 0.07 -6.48
C CYS A 34 -5.43 -0.95 -5.63
N ALA A 35 -4.47 -1.67 -6.19
CA ALA A 35 -3.64 -2.54 -5.38
C ALA A 35 -3.05 -1.75 -4.23
N LEU A 36 -2.89 -2.40 -3.09
CA LEU A 36 -2.28 -1.78 -1.93
C LEU A 36 -0.90 -1.29 -2.31
N GLN A 37 -0.76 0.02 -2.38
CA GLN A 37 0.47 0.61 -2.85
C GLN A 37 1.52 0.57 -1.76
N ILE A 38 2.56 -0.19 -2.02
CA ILE A 38 3.59 -0.39 -1.06
C ILE A 38 4.84 0.35 -1.49
N VAL A 39 5.03 1.55 -0.96
CA VAL A 39 6.13 2.40 -1.39
C VAL A 39 7.30 2.25 -0.43
N ALA A 40 8.42 1.87 -0.99
CA ALA A 40 9.58 1.51 -0.21
C ALA A 40 10.80 2.27 -0.66
N ARG A 41 11.72 2.48 0.25
CA ARG A 41 13.02 3.01 -0.10
C ARG A 41 14.05 1.93 0.08
N LEU A 42 14.85 1.69 -0.94
CA LEU A 42 15.83 0.61 -0.89
C LEU A 42 16.94 0.92 0.09
N LYS A 43 17.53 -0.13 0.62
CA LYS A 43 18.58 -0.02 1.62
C LYS A 43 19.87 0.52 1.01
N ASN A 44 20.39 -0.18 0.02
CA ASN A 44 21.65 0.21 -0.61
C ASN A 44 21.40 1.31 -1.64
N ASN A 45 20.50 1.02 -2.56
CA ASN A 45 20.15 1.95 -3.64
C ASN A 45 19.55 3.24 -3.08
N ASN A 46 18.79 3.10 -1.99
CA ASN A 46 18.14 4.24 -1.31
C ASN A 46 17.02 4.84 -2.16
N ARG A 47 16.73 4.22 -3.30
CA ARG A 47 15.73 4.73 -4.20
C ARG A 47 14.34 4.35 -3.72
N GLN A 48 13.38 5.16 -4.08
CA GLN A 48 11.99 4.89 -3.81
C GLN A 48 11.44 3.96 -4.88
N VAL A 49 10.77 2.90 -4.44
CA VAL A 49 10.22 1.89 -5.33
C VAL A 49 8.96 1.34 -4.69
N CYS A 50 8.10 0.72 -5.48
CA CYS A 50 6.93 0.08 -4.91
C CYS A 50 7.14 -1.43 -4.90
N ILE A 51 6.76 -2.06 -3.80
CA ILE A 51 6.90 -3.49 -3.66
C ILE A 51 5.70 -4.20 -4.25
N ASP A 52 5.96 -5.25 -5.00
CA ASP A 52 4.92 -6.04 -5.64
C ASP A 52 4.07 -6.77 -4.60
N PRO A 53 2.74 -6.51 -4.58
CA PRO A 53 1.83 -7.14 -3.62
C PRO A 53 1.71 -8.64 -3.81
N LYS A 54 2.19 -9.11 -4.95
CA LYS A 54 2.17 -10.53 -5.27
C LYS A 54 3.36 -11.24 -4.64
N LEU A 55 4.29 -10.45 -4.12
CA LEU A 55 5.45 -10.97 -3.41
C LEU A 55 4.97 -11.76 -2.19
N LYS A 56 5.48 -12.97 -2.07
CA LYS A 56 5.05 -13.88 -1.02
C LYS A 56 5.31 -13.31 0.37
N TRP A 57 6.33 -12.47 0.48
CA TRP A 57 6.63 -11.84 1.76
C TRP A 57 5.80 -10.58 1.93
N ILE A 58 5.41 -10.00 0.81
CA ILE A 58 4.54 -8.84 0.83
C ILE A 58 3.14 -9.24 1.26
N GLN A 59 2.72 -10.42 0.83
CA GLN A 59 1.46 -11.01 1.28
C GLN A 59 1.42 -11.06 2.80
N GLU A 60 2.59 -11.20 3.39
CA GLU A 60 2.71 -11.19 4.84
C GLU A 60 2.47 -9.81 5.39
N TYR A 61 3.04 -8.81 4.74
CA TYR A 61 2.94 -7.45 5.20
C TYR A 61 1.54 -6.96 4.94
N LEU A 62 0.99 -7.44 3.84
CA LEU A 62 -0.35 -7.12 3.42
C LEU A 62 -1.35 -7.44 4.50
N GLU A 63 -1.17 -8.59 5.14
CA GLU A 63 -2.07 -8.99 6.20
C GLU A 63 -2.21 -7.91 7.26
N LYS A 64 -1.10 -7.26 7.56
CA LYS A 64 -1.09 -6.15 8.50
C LYS A 64 -1.78 -4.95 7.90
N ALA A 65 -1.48 -4.70 6.64
CA ALA A 65 -2.10 -3.61 5.89
C ALA A 65 -3.61 -3.79 5.83
N LEU A 66 -4.04 -5.03 5.80
CA LEU A 66 -5.46 -5.37 5.75
C LEU A 66 -6.08 -5.22 7.13
N ASN A 67 -5.23 -5.27 8.13
CA ASN A 67 -5.63 -5.04 9.51
C ASN A 67 -5.53 -3.56 9.86
N LYS A 68 -4.98 -2.78 8.95
CA LYS A 68 -4.86 -1.34 9.12
C LYS A 68 -5.98 -0.63 8.39
N GLY A 69 -6.16 -0.96 7.12
CA GLY A 69 -7.16 -0.31 6.32
C GLY A 69 -8.57 -0.64 6.79
N ARG A 70 -9.21 0.30 7.44
CA ARG A 70 -10.55 0.11 7.96
C ARG A 70 -11.58 0.49 6.91
N ARG A 71 -12.75 -0.15 6.97
CA ARG A 71 -13.87 0.14 6.07
C ARG A 71 -13.53 -0.22 4.62
N GLU A 72 -14.48 0.07 3.73
CA GLU A 72 -14.30 -0.08 2.30
C GLU A 72 -13.87 -1.48 1.91
N GLU A 73 -14.72 -2.45 2.18
CA GLU A 73 -14.47 -3.84 1.78
C GLU A 73 -15.19 -4.12 0.46
N LYS A 74 -15.64 -3.04 -0.17
CA LYS A 74 -16.35 -3.13 -1.45
C LYS A 74 -15.38 -3.42 -2.57
N VAL A 75 -15.85 -4.16 -3.57
CA VAL A 75 -15.05 -4.46 -4.74
C VAL A 75 -15.31 -3.44 -5.85
N GLY A 76 -14.28 -3.15 -6.62
CA GLY A 76 -14.41 -2.26 -7.75
C GLY A 76 -13.82 -2.85 -9.01
N LYS A 77 -12.59 -3.34 -8.89
CA LYS A 77 -11.92 -4.02 -9.99
C LYS A 77 -11.64 -5.47 -9.63
N LYS A 78 -10.86 -5.66 -8.57
CA LYS A 78 -10.49 -7.00 -8.15
C LYS A 78 -11.55 -7.56 -7.22
N GLU A 79 -12.04 -8.75 -7.56
CA GLU A 79 -13.05 -9.42 -6.75
C GLU A 79 -12.38 -10.42 -5.81
N LYS A 80 -11.10 -10.20 -5.56
CA LYS A 80 -10.33 -11.08 -4.68
C LYS A 80 -10.60 -10.73 -3.23
N ILE A 81 -11.78 -11.07 -2.76
CA ILE A 81 -12.18 -10.83 -1.40
C ILE A 81 -12.57 -12.12 -0.71
N GLY A 82 -12.95 -12.04 0.55
CA GLY A 82 -13.36 -13.22 1.28
C GLY A 82 -13.70 -12.90 2.71
N LYS A 83 -13.89 -13.93 3.51
CA LYS A 83 -14.22 -13.75 4.91
C LYS A 83 -12.95 -13.63 5.74
N LYS A 84 -13.13 -13.32 7.02
CA LYS A 84 -12.00 -13.07 7.91
C LYS A 84 -11.57 -14.36 8.60
N LYS A 85 -11.62 -15.47 7.86
CA LYS A 85 -11.26 -16.79 8.38
C LYS A 85 -12.11 -17.15 9.58
N ARG A 86 -13.40 -16.88 9.48
CA ARG A 86 -14.34 -17.13 10.58
C ARG A 86 -13.96 -16.27 11.78
N GLN A 87 -13.59 -15.02 11.48
CA GLN A 87 -13.20 -14.04 12.50
C GLN A 87 -12.02 -14.53 13.33
N LYS A 88 -11.05 -15.13 12.66
CA LYS A 88 -9.85 -15.61 13.32
C LYS A 88 -8.63 -14.85 12.84
N LYS A 89 -8.24 -13.85 13.61
CA LYS A 89 -7.04 -13.07 13.30
C LYS A 89 -5.79 -13.89 13.65
N ARG A 90 -5.28 -14.62 12.66
CA ARG A 90 -4.09 -15.43 12.88
C ARG A 90 -2.85 -14.56 12.88
N LYS A 91 -1.93 -14.84 13.80
CA LYS A 91 -0.71 -14.05 13.98
C LYS A 91 -1.07 -12.61 14.29
N ALA A 92 -2.07 -12.44 15.16
CA ALA A 92 -2.56 -11.12 15.51
C ALA A 92 -1.67 -10.46 16.56
N ALA A 93 -0.75 -9.64 16.11
CA ALA A 93 0.10 -8.87 17.02
C ALA A 93 -0.62 -7.60 17.46
N GLN A 94 -1.90 -7.76 17.79
CA GLN A 94 -2.77 -6.65 18.13
C GLN A 94 -3.51 -6.92 19.43
N LYS A 95 -2.90 -7.75 20.29
CA LYS A 95 -3.54 -8.11 21.55
C LYS A 95 -3.67 -6.90 22.46
N ARG A 96 -2.62 -6.11 22.54
CA ARG A 96 -2.60 -4.92 23.39
C ARG A 96 -3.12 -3.72 22.61
N LYS A 97 -3.08 -3.84 21.28
CA LYS A 97 -3.58 -2.81 20.36
C LYS A 97 -2.75 -1.53 20.47
N ASN A 98 -1.52 -1.68 20.97
CA ASN A 98 -0.65 -0.53 21.19
C ASN A 98 0.39 -0.43 20.09
N LYS A 1 -0.65 -6.26 -13.67
CA LYS A 1 -1.35 -5.20 -14.43
C LYS A 1 -1.48 -3.94 -13.60
N PRO A 2 -0.68 -2.90 -13.91
CA PRO A 2 -0.78 -1.61 -13.25
C PRO A 2 -1.84 -0.73 -13.89
N VAL A 3 -2.39 0.20 -13.12
CA VAL A 3 -3.43 1.08 -13.63
C VAL A 3 -2.79 2.24 -14.40
N SER A 4 -2.94 2.22 -15.73
CA SER A 4 -2.31 3.23 -16.57
C SER A 4 -3.16 3.49 -17.83
N LEU A 5 -4.47 3.46 -17.66
CA LEU A 5 -5.38 3.74 -18.78
C LEU A 5 -6.21 4.97 -18.46
N SER A 6 -5.63 6.15 -18.72
CA SER A 6 -6.20 7.43 -18.33
C SER A 6 -6.10 7.60 -16.82
N TYR A 7 -6.70 6.69 -16.13
CA TYR A 7 -6.60 6.60 -14.69
C TYR A 7 -5.29 5.93 -14.34
N ARG A 8 -4.53 6.53 -13.45
CA ARG A 8 -3.29 5.94 -13.00
C ARG A 8 -3.08 6.24 -11.53
N CYS A 9 -2.74 5.21 -10.77
CA CYS A 9 -2.57 5.35 -9.35
C CYS A 9 -1.17 5.89 -9.02
N PRO A 10 -1.05 6.60 -7.89
CA PRO A 10 0.19 7.24 -7.44
C PRO A 10 1.47 6.43 -7.73
N CYS A 11 1.43 5.15 -7.41
CA CYS A 11 2.61 4.30 -7.55
C CYS A 11 2.68 3.73 -8.94
N ARG A 12 3.89 3.66 -9.47
CA ARG A 12 4.17 3.01 -10.74
C ARG A 12 4.04 1.51 -10.58
N PHE A 13 4.41 0.75 -11.60
CA PHE A 13 4.31 -0.69 -11.50
C PHE A 13 5.44 -1.20 -10.61
N PHE A 14 5.09 -2.15 -9.78
CA PHE A 14 5.93 -2.51 -8.64
C PHE A 14 7.04 -3.46 -9.04
N GLU A 15 8.03 -3.56 -8.16
CA GLU A 15 9.19 -4.35 -8.41
C GLU A 15 9.14 -5.60 -7.55
N SER A 16 9.18 -6.74 -8.21
CA SER A 16 9.02 -8.02 -7.53
C SER A 16 10.38 -8.65 -7.29
N HIS A 17 11.35 -7.80 -6.96
CA HIS A 17 12.67 -8.26 -6.57
C HIS A 17 13.05 -7.59 -5.26
N ILE A 18 12.15 -6.78 -4.74
CA ILE A 18 12.36 -6.11 -3.46
C ILE A 18 12.27 -7.14 -2.33
N ALA A 19 13.19 -7.01 -1.39
CA ALA A 19 13.29 -7.92 -0.27
C ALA A 19 12.95 -7.19 1.02
N ARG A 20 12.91 -7.93 2.10
CA ARG A 20 12.63 -7.36 3.37
C ARG A 20 13.88 -6.73 3.97
N ALA A 21 15.01 -7.34 3.66
CA ALA A 21 16.29 -6.92 4.19
C ALA A 21 16.94 -5.85 3.33
N ASN A 22 16.43 -5.65 2.13
CA ASN A 22 17.01 -4.67 1.23
C ASN A 22 16.23 -3.38 1.26
N VAL A 23 15.09 -3.42 1.93
CA VAL A 23 14.22 -2.28 2.01
C VAL A 23 14.43 -1.48 3.29
N LYS A 24 14.22 -0.18 3.13
CA LYS A 24 14.21 0.78 4.19
C LYS A 24 12.77 1.09 4.56
N HIS A 25 12.55 2.25 5.16
CA HIS A 25 11.22 2.71 5.62
C HIS A 25 10.14 2.24 4.65
N LEU A 26 9.26 1.36 5.10
CA LEU A 26 8.20 0.87 4.24
C LEU A 26 6.90 1.59 4.56
N LYS A 27 6.28 2.13 3.53
CA LYS A 27 5.10 2.96 3.65
C LYS A 27 4.02 2.51 2.68
N ILE A 28 2.76 2.72 3.03
CA ILE A 28 1.67 2.41 2.14
C ILE A 28 0.98 3.69 1.69
N LEU A 29 0.87 3.89 0.39
CA LEU A 29 0.24 5.08 -0.15
C LEU A 29 -1.27 4.98 0.02
N ASN A 30 -1.84 5.96 0.69
CA ASN A 30 -3.28 6.06 0.80
C ASN A 30 -3.87 6.50 -0.53
N THR A 31 -4.26 5.53 -1.34
CA THR A 31 -4.76 5.81 -2.66
C THR A 31 -6.24 6.18 -2.71
N PRO A 32 -6.65 6.72 -3.88
CA PRO A 32 -8.05 6.97 -4.31
C PRO A 32 -9.03 5.83 -4.07
N ASN A 33 -8.55 4.72 -3.49
CA ASN A 33 -9.14 3.38 -3.59
C ASN A 33 -8.55 2.64 -4.76
N CYS A 34 -7.22 2.67 -4.78
CA CYS A 34 -6.40 1.82 -5.60
C CYS A 34 -5.93 0.68 -4.72
N ALA A 35 -5.24 -0.30 -5.29
CA ALA A 35 -4.56 -1.29 -4.47
C ALA A 35 -3.67 -0.57 -3.47
N LEU A 36 -3.63 -1.06 -2.24
CA LEU A 36 -2.78 -0.49 -1.22
C LEU A 36 -1.35 -0.47 -1.71
N GLN A 37 -0.83 0.72 -1.94
CA GLN A 37 0.47 0.87 -2.56
C GLN A 37 1.57 0.75 -1.52
N ILE A 38 2.36 -0.29 -1.65
CA ILE A 38 3.48 -0.51 -0.76
C ILE A 38 4.72 0.19 -1.33
N VAL A 39 5.00 1.38 -0.80
CA VAL A 39 6.10 2.19 -1.31
C VAL A 39 7.34 2.00 -0.42
N ALA A 40 8.47 1.68 -1.03
CA ALA A 40 9.63 1.28 -0.27
C ALA A 40 10.88 1.99 -0.73
N ARG A 41 11.68 2.44 0.20
CA ARG A 41 12.97 3.01 -0.12
C ARG A 41 14.03 1.94 -0.03
N LEU A 42 14.82 1.79 -1.06
CA LEU A 42 15.85 0.76 -1.05
C LEU A 42 16.98 1.13 -0.11
N LYS A 43 17.59 0.12 0.47
CA LYS A 43 18.63 0.30 1.45
C LYS A 43 19.89 0.90 0.81
N ASN A 44 20.43 0.21 -0.18
CA ASN A 44 21.65 0.65 -0.83
C ASN A 44 21.35 1.67 -1.91
N ASN A 45 20.46 1.31 -2.82
CA ASN A 45 20.12 2.17 -3.95
C ASN A 45 19.40 3.43 -3.49
N ASN A 46 18.69 3.30 -2.36
CA ASN A 46 18.09 4.43 -1.64
C ASN A 46 16.94 5.08 -2.40
N ARG A 47 16.52 4.47 -3.50
CA ARG A 47 15.42 5.00 -4.28
C ARG A 47 14.10 4.48 -3.77
N GLN A 48 13.07 5.29 -3.94
CA GLN A 48 11.72 4.93 -3.55
C GLN A 48 11.08 4.06 -4.64
N VAL A 49 10.55 2.93 -4.22
CA VAL A 49 9.97 1.95 -5.14
C VAL A 49 8.57 1.62 -4.70
N CYS A 50 7.92 0.80 -5.50
CA CYS A 50 6.66 0.21 -5.14
C CYS A 50 6.85 -1.30 -5.11
N ILE A 51 6.45 -1.95 -4.03
CA ILE A 51 6.65 -3.38 -3.91
C ILE A 51 5.48 -4.15 -4.48
N ASP A 52 5.78 -5.27 -5.11
CA ASP A 52 4.77 -6.14 -5.72
C ASP A 52 3.94 -6.83 -4.65
N PRO A 53 2.61 -6.61 -4.65
CA PRO A 53 1.69 -7.21 -3.69
C PRO A 53 1.64 -8.72 -3.80
N LYS A 54 2.13 -9.23 -4.92
CA LYS A 54 2.10 -10.66 -5.19
C LYS A 54 3.34 -11.36 -4.63
N LEU A 55 4.26 -10.55 -4.10
CA LEU A 55 5.42 -11.07 -3.42
C LEU A 55 4.98 -11.84 -2.18
N LYS A 56 5.56 -13.04 -2.03
CA LYS A 56 5.14 -13.98 -0.99
C LYS A 56 5.35 -13.41 0.40
N TRP A 57 6.35 -12.55 0.56
CA TRP A 57 6.59 -11.93 1.85
C TRP A 57 5.73 -10.67 1.99
N ILE A 58 5.35 -10.12 0.85
CA ILE A 58 4.54 -8.92 0.81
C ILE A 58 3.09 -9.21 1.18
N GLN A 59 2.61 -10.38 0.78
CA GLN A 59 1.27 -10.83 1.16
C GLN A 59 1.09 -10.75 2.67
N GLU A 60 2.18 -11.00 3.36
CA GLU A 60 2.20 -10.95 4.81
C GLU A 60 2.04 -9.52 5.31
N TYR A 61 2.70 -8.60 4.62
CA TYR A 61 2.65 -7.19 4.96
C TYR A 61 1.29 -6.63 4.55
N LEU A 62 0.80 -7.21 3.46
CA LEU A 62 -0.49 -6.84 2.90
C LEU A 62 -1.61 -7.04 3.88
N GLU A 63 -1.52 -8.11 4.66
CA GLU A 63 -2.50 -8.37 5.69
C GLU A 63 -2.68 -7.14 6.57
N LYS A 64 -1.57 -6.54 6.94
CA LYS A 64 -1.56 -5.33 7.73
C LYS A 64 -2.04 -4.16 6.89
N ALA A 65 -1.56 -4.11 5.66
CA ALA A 65 -1.90 -3.05 4.72
C ALA A 65 -3.40 -2.99 4.48
N LEU A 66 -4.03 -4.15 4.53
CA LEU A 66 -5.47 -4.24 4.28
C LEU A 66 -6.25 -4.05 5.56
N ASN A 67 -5.67 -4.48 6.66
CA ASN A 67 -6.29 -4.31 7.96
C ASN A 67 -6.19 -2.87 8.44
N LYS A 68 -5.22 -2.15 7.89
CA LYS A 68 -5.03 -0.76 8.20
C LYS A 68 -5.03 0.07 6.91
N GLY A 69 -3.84 0.42 6.43
CA GLY A 69 -3.74 1.24 5.23
C GLY A 69 -4.15 2.67 5.46
N ARG A 70 -5.45 2.89 5.58
CA ARG A 70 -5.99 4.21 5.86
C ARG A 70 -5.90 4.49 7.35
N ARG A 71 -4.87 5.20 7.76
CA ARG A 71 -4.65 5.51 9.16
C ARG A 71 -4.30 6.98 9.32
N GLU A 72 -5.32 7.80 9.56
CA GLU A 72 -5.09 9.24 9.73
C GLU A 72 -4.19 9.52 10.91
N GLU A 73 -3.64 10.72 10.97
CA GLU A 73 -2.71 11.09 12.03
C GLU A 73 -3.30 10.83 13.41
N LYS A 74 -4.55 11.24 13.60
CA LYS A 74 -5.23 10.97 14.85
C LYS A 74 -6.36 9.97 14.64
N VAL A 75 -6.32 8.88 15.39
CA VAL A 75 -7.45 7.96 15.44
C VAL A 75 -8.45 8.48 16.47
N GLY A 76 -7.93 9.28 17.39
CA GLY A 76 -8.73 9.99 18.34
C GLY A 76 -7.99 11.20 18.86
N LYS A 77 -7.12 10.99 19.84
CA LYS A 77 -6.26 12.04 20.36
C LYS A 77 -4.81 11.55 20.38
N LYS A 78 -4.65 10.25 20.63
CA LYS A 78 -3.34 9.59 20.75
C LYS A 78 -2.58 10.12 21.96
N GLU A 79 -1.82 11.19 21.78
CA GLU A 79 -1.02 11.78 22.84
C GLU A 79 -1.46 13.20 23.12
N LYS A 80 -1.15 14.09 22.19
CA LYS A 80 -1.51 15.50 22.30
C LYS A 80 -1.43 16.17 20.94
N ILE A 81 -2.20 17.23 20.77
CA ILE A 81 -2.23 17.97 19.52
C ILE A 81 -0.86 18.56 19.21
N GLY A 82 -0.37 18.31 18.00
CA GLY A 82 0.96 18.74 17.62
C GLY A 82 1.84 17.55 17.28
N LYS A 83 1.50 16.40 17.82
CA LYS A 83 2.26 15.17 17.57
C LYS A 83 1.54 14.30 16.56
N LYS A 84 2.00 14.34 15.33
CA LYS A 84 1.43 13.53 14.26
C LYS A 84 2.55 12.85 13.49
N LYS A 85 3.58 12.42 14.20
CA LYS A 85 4.75 11.79 13.60
C LYS A 85 4.49 10.30 13.38
N ARG A 86 3.47 10.00 12.56
CA ARG A 86 3.08 8.63 12.22
C ARG A 86 2.43 7.93 13.42
N GLN A 87 3.20 7.74 14.48
CA GLN A 87 2.72 7.07 15.67
C GLN A 87 3.36 7.68 16.91
N LYS A 88 2.93 7.23 18.08
CA LYS A 88 3.57 7.63 19.32
C LYS A 88 4.76 6.72 19.58
N LYS A 89 5.69 7.19 20.40
CA LYS A 89 6.91 6.45 20.69
C LYS A 89 6.58 5.19 21.48
N ARG A 90 6.51 4.07 20.78
CA ARG A 90 6.18 2.80 21.40
C ARG A 90 7.42 2.00 21.73
N LYS A 91 8.06 1.45 20.71
CA LYS A 91 9.22 0.59 20.90
C LYS A 91 10.22 0.75 19.77
N ALA A 92 11.34 0.03 19.89
CA ALA A 92 12.43 0.07 18.92
C ALA A 92 13.14 1.42 18.93
N ALA A 93 12.54 2.42 18.27
CA ALA A 93 13.13 3.74 18.18
C ALA A 93 12.66 4.61 19.34
N GLN A 94 13.15 4.30 20.53
CA GLN A 94 12.73 5.01 21.73
C GLN A 94 13.76 6.07 22.10
N LYS A 95 14.93 5.63 22.55
CA LYS A 95 15.97 6.56 22.96
C LYS A 95 17.18 6.45 22.03
N ARG A 96 18.09 5.55 22.37
CA ARG A 96 19.28 5.32 21.55
C ARG A 96 19.66 3.85 21.62
N LYS A 97 19.69 3.32 22.83
CA LYS A 97 19.98 1.92 23.03
C LYS A 97 18.67 1.17 23.27
N ASN A 98 18.27 0.35 22.31
CA ASN A 98 17.06 -0.43 22.44
C ASN A 98 17.31 -1.63 23.34
N LYS A 1 -14.48 4.64 -8.10
CA LYS A 1 -14.58 5.78 -9.05
C LYS A 1 -15.02 5.30 -10.43
N PRO A 2 -16.23 5.68 -10.87
CA PRO A 2 -16.74 5.30 -12.18
C PRO A 2 -16.06 6.07 -13.31
N VAL A 3 -15.62 5.33 -14.33
CA VAL A 3 -14.91 5.90 -15.48
C VAL A 3 -13.79 6.83 -15.02
N SER A 4 -12.75 6.26 -14.42
CA SER A 4 -11.62 7.02 -13.94
C SER A 4 -10.32 6.28 -14.25
N LEU A 5 -9.30 6.48 -13.44
CA LEU A 5 -8.01 5.86 -13.67
C LEU A 5 -8.04 4.39 -13.26
N SER A 6 -7.94 4.14 -11.95
CA SER A 6 -7.88 2.78 -11.42
C SER A 6 -6.78 1.97 -12.12
N TYR A 7 -5.69 2.66 -12.44
CA TYR A 7 -4.57 2.08 -13.14
C TYR A 7 -3.38 3.01 -13.04
N ARG A 8 -3.60 4.22 -13.49
CA ARG A 8 -2.63 5.30 -13.33
C ARG A 8 -2.69 5.85 -11.91
N CYS A 9 -2.39 4.98 -10.97
CA CYS A 9 -2.41 5.29 -9.56
C CYS A 9 -1.07 5.88 -9.12
N PRO A 10 -1.04 6.52 -7.93
CA PRO A 10 0.15 7.15 -7.35
C PRO A 10 1.47 6.40 -7.59
N CYS A 11 1.48 5.12 -7.25
CA CYS A 11 2.69 4.31 -7.36
C CYS A 11 2.81 3.72 -8.75
N ARG A 12 4.05 3.64 -9.23
CA ARG A 12 4.35 3.05 -10.52
C ARG A 12 4.24 1.54 -10.44
N PHE A 13 4.64 0.85 -11.49
CA PHE A 13 4.44 -0.59 -11.54
C PHE A 13 5.49 -1.26 -10.68
N PHE A 14 5.09 -2.32 -10.02
CA PHE A 14 5.80 -2.86 -8.90
C PHE A 14 6.96 -3.76 -9.32
N GLU A 15 8.00 -3.76 -8.49
CA GLU A 15 9.16 -4.61 -8.69
C GLU A 15 9.03 -5.87 -7.84
N SER A 16 9.09 -7.03 -8.48
CA SER A 16 9.02 -8.30 -7.75
C SER A 16 10.43 -8.82 -7.46
N HIS A 17 11.34 -7.89 -7.16
CA HIS A 17 12.71 -8.25 -6.82
C HIS A 17 13.11 -7.56 -5.53
N ILE A 18 12.25 -6.68 -5.06
CA ILE A 18 12.47 -5.98 -3.81
C ILE A 18 12.37 -6.94 -2.63
N ALA A 19 13.29 -6.80 -1.70
CA ALA A 19 13.37 -7.71 -0.55
C ALA A 19 13.16 -6.96 0.75
N ARG A 20 12.65 -7.68 1.76
CA ARG A 20 12.43 -7.12 3.08
C ARG A 20 13.76 -6.75 3.71
N ALA A 21 14.79 -7.49 3.35
CA ALA A 21 16.12 -7.27 3.88
C ALA A 21 16.84 -6.18 3.09
N ASN A 22 16.20 -5.70 2.05
CA ASN A 22 16.78 -4.64 1.25
C ASN A 22 15.92 -3.40 1.32
N VAL A 23 14.90 -3.43 2.14
CA VAL A 23 14.00 -2.30 2.24
C VAL A 23 14.17 -1.57 3.57
N LYS A 24 14.01 -0.28 3.46
CA LYS A 24 13.97 0.63 4.58
C LYS A 24 12.52 0.95 4.91
N HIS A 25 12.33 2.10 5.54
CA HIS A 25 11.00 2.62 5.88
C HIS A 25 10.00 2.25 4.80
N LEU A 26 9.11 1.32 5.10
CA LEU A 26 8.13 0.87 4.13
C LEU A 26 6.79 1.51 4.44
N LYS A 27 6.09 1.86 3.39
CA LYS A 27 4.87 2.63 3.49
C LYS A 27 3.88 2.19 2.41
N ILE A 28 2.61 2.20 2.74
CA ILE A 28 1.59 1.87 1.75
C ILE A 28 0.80 3.11 1.41
N LEU A 29 0.71 3.42 0.13
CA LEU A 29 0.01 4.61 -0.32
C LEU A 29 -1.49 4.45 -0.10
N ASN A 30 -2.06 5.37 0.66
CA ASN A 30 -3.50 5.42 0.80
C ASN A 30 -4.10 6.01 -0.47
N THR A 31 -4.45 5.14 -1.38
CA THR A 31 -4.84 5.53 -2.71
C THR A 31 -6.31 5.94 -2.83
N PRO A 32 -6.63 6.53 -3.99
CA PRO A 32 -8.01 6.76 -4.50
C PRO A 32 -8.98 5.59 -4.33
N ASN A 33 -8.48 4.47 -3.76
CA ASN A 33 -9.08 3.14 -3.83
C ASN A 33 -8.56 2.42 -5.05
N CYS A 34 -7.24 2.36 -5.08
CA CYS A 34 -6.48 1.57 -6.02
C CYS A 34 -6.04 0.31 -5.27
N ALA A 35 -5.43 -0.62 -5.97
CA ALA A 35 -4.76 -1.71 -5.30
C ALA A 35 -3.68 -1.11 -4.40
N LEU A 36 -3.87 -1.25 -3.08
CA LEU A 36 -2.94 -0.71 -2.09
C LEU A 36 -1.48 -0.88 -2.53
N GLN A 37 -0.76 0.23 -2.53
CA GLN A 37 0.55 0.27 -3.15
C GLN A 37 1.65 0.34 -2.12
N ILE A 38 2.56 -0.61 -2.23
CA ILE A 38 3.65 -0.76 -1.30
C ILE A 38 4.84 0.12 -1.72
N VAL A 39 4.99 1.27 -1.09
CA VAL A 39 6.08 2.17 -1.43
C VAL A 39 7.24 1.96 -0.46
N ALA A 40 8.42 1.74 -0.98
CA ALA A 40 9.53 1.37 -0.13
C ALA A 40 10.81 2.03 -0.55
N ARG A 41 11.60 2.44 0.42
CA ARG A 41 12.91 3.01 0.15
C ARG A 41 13.97 1.94 0.34
N LEU A 42 14.70 1.64 -0.72
CA LEU A 42 15.68 0.56 -0.67
C LEU A 42 16.84 0.89 0.25
N LYS A 43 17.33 -0.12 0.95
CA LYS A 43 18.34 0.02 1.99
C LYS A 43 19.59 0.72 1.48
N ASN A 44 20.26 0.08 0.54
CA ASN A 44 21.51 0.61 0.00
C ASN A 44 21.24 1.61 -1.10
N ASN A 45 20.23 1.32 -1.90
CA ASN A 45 19.94 2.09 -3.08
C ASN A 45 19.33 3.45 -2.73
N ASN A 46 18.67 3.48 -1.57
CA ASN A 46 18.07 4.70 -1.02
C ASN A 46 16.98 5.26 -1.94
N ARG A 47 16.52 4.44 -2.87
CA ARG A 47 15.49 4.87 -3.80
C ARG A 47 14.12 4.39 -3.35
N GLN A 48 13.14 5.23 -3.60
CA GLN A 48 11.76 4.90 -3.31
C GLN A 48 11.17 4.10 -4.48
N VAL A 49 10.57 2.98 -4.15
CA VAL A 49 10.04 2.05 -5.14
C VAL A 49 8.63 1.66 -4.77
N CYS A 50 8.06 0.80 -5.58
CA CYS A 50 6.80 0.18 -5.29
C CYS A 50 6.99 -1.34 -5.33
N ILE A 51 6.69 -2.00 -4.22
CA ILE A 51 6.87 -3.45 -4.12
C ILE A 51 5.64 -4.15 -4.64
N ASP A 52 5.83 -5.31 -5.26
CA ASP A 52 4.72 -6.05 -5.83
C ASP A 52 3.85 -6.63 -4.71
N PRO A 53 2.57 -6.27 -4.68
CA PRO A 53 1.64 -6.71 -3.63
C PRO A 53 1.42 -8.21 -3.60
N LYS A 54 1.88 -8.89 -4.66
CA LYS A 54 1.69 -10.33 -4.78
C LYS A 54 2.93 -11.08 -4.34
N LEU A 55 3.95 -10.34 -3.94
CA LEU A 55 5.14 -10.90 -3.35
C LEU A 55 4.78 -11.63 -2.06
N LYS A 56 5.35 -12.80 -1.89
CA LYS A 56 4.96 -13.70 -0.81
C LYS A 56 5.39 -13.16 0.55
N TRP A 57 6.47 -12.37 0.56
CA TRP A 57 6.87 -11.72 1.79
C TRP A 57 6.04 -10.45 1.97
N ILE A 58 5.52 -9.95 0.86
CA ILE A 58 4.70 -8.75 0.87
C ILE A 58 3.29 -9.05 1.36
N GLN A 59 2.76 -10.21 1.00
CA GLN A 59 1.45 -10.64 1.50
C GLN A 59 1.43 -10.60 3.02
N GLU A 60 2.58 -10.88 3.60
CA GLU A 60 2.75 -10.81 5.05
C GLU A 60 2.74 -9.35 5.51
N TYR A 61 3.32 -8.49 4.69
CA TYR A 61 3.39 -7.06 4.97
C TYR A 61 2.03 -6.44 4.73
N LEU A 62 1.33 -7.01 3.77
CA LEU A 62 -0.02 -6.60 3.45
C LEU A 62 -0.88 -6.70 4.69
N GLU A 63 -0.69 -7.79 5.42
CA GLU A 63 -1.36 -7.99 6.69
C GLU A 63 -1.14 -6.83 7.65
N LYS A 64 0.00 -6.18 7.48
CA LYS A 64 0.32 -4.99 8.27
C LYS A 64 -0.52 -3.81 7.79
N ALA A 65 -0.55 -3.65 6.47
CA ALA A 65 -1.33 -2.60 5.82
C ALA A 65 -2.80 -2.75 6.13
N LEU A 66 -3.24 -3.99 6.13
CA LEU A 66 -4.63 -4.32 6.40
C LEU A 66 -4.90 -4.24 7.89
N ASN A 67 -3.97 -4.83 8.65
CA ASN A 67 -3.95 -4.88 10.12
C ASN A 67 -5.29 -5.21 10.78
N LYS A 68 -5.24 -6.24 11.61
CA LYS A 68 -6.41 -6.72 12.31
C LYS A 68 -6.80 -5.81 13.47
N GLY A 69 -7.78 -6.22 14.23
CA GLY A 69 -8.34 -5.39 15.28
C GLY A 69 -9.85 -5.35 15.18
N ARG A 70 -10.33 -4.81 14.08
CA ARG A 70 -11.76 -4.86 13.77
C ARG A 70 -11.99 -5.79 12.59
N ARG A 71 -10.90 -6.25 11.98
CA ARG A 71 -10.96 -7.14 10.84
C ARG A 71 -10.85 -8.59 11.30
N GLU A 72 -11.51 -8.89 12.40
CA GLU A 72 -11.40 -10.19 13.04
C GLU A 72 -12.23 -11.23 12.30
N GLU A 73 -11.81 -12.49 12.44
CA GLU A 73 -12.50 -13.63 11.81
C GLU A 73 -12.54 -13.46 10.30
N LYS A 74 -11.38 -13.30 9.70
CA LYS A 74 -11.28 -13.20 8.26
C LYS A 74 -11.26 -14.60 7.65
N VAL A 75 -12.44 -15.15 7.45
CA VAL A 75 -12.60 -16.50 6.93
C VAL A 75 -12.75 -16.48 5.42
N GLY A 76 -13.45 -15.46 4.91
CA GLY A 76 -13.70 -15.38 3.49
C GLY A 76 -14.93 -16.18 3.11
N LYS A 77 -14.71 -17.42 2.68
CA LYS A 77 -15.81 -18.32 2.35
C LYS A 77 -15.90 -19.41 3.41
N LYS A 78 -14.83 -20.19 3.49
CA LYS A 78 -14.74 -21.29 4.44
C LYS A 78 -13.29 -21.78 4.47
N GLU A 79 -12.51 -21.23 5.39
CA GLU A 79 -11.09 -21.54 5.46
C GLU A 79 -10.84 -22.81 6.27
N LYS A 80 -10.74 -22.66 7.59
CA LYS A 80 -10.51 -23.81 8.46
C LYS A 80 -11.40 -23.73 9.68
N ILE A 81 -11.04 -22.88 10.63
CA ILE A 81 -11.83 -22.70 11.85
C ILE A 81 -11.27 -21.52 12.64
N GLY A 82 -9.95 -21.38 12.65
CA GLY A 82 -9.31 -20.28 13.35
C GLY A 82 -7.94 -20.64 13.86
N LYS A 83 -7.86 -20.98 15.14
CA LYS A 83 -6.60 -21.34 15.82
C LYS A 83 -5.67 -20.14 15.98
N LYS A 84 -5.35 -19.48 14.87
CA LYS A 84 -4.49 -18.31 14.89
C LYS A 84 -5.28 -17.10 15.38
N LYS A 85 -5.73 -17.17 16.63
CA LYS A 85 -6.55 -16.11 17.21
C LYS A 85 -6.03 -15.74 18.59
N ARG A 86 -4.93 -16.35 19.01
CA ARG A 86 -4.32 -16.05 20.29
C ARG A 86 -3.02 -15.30 20.09
N GLN A 87 -2.92 -14.12 20.69
CA GLN A 87 -1.72 -13.30 20.63
C GLN A 87 -1.32 -13.01 19.19
N LYS A 88 -2.17 -12.30 18.47
CA LYS A 88 -1.90 -11.94 17.09
C LYS A 88 -1.53 -10.46 17.00
N LYS A 89 -1.19 -9.89 18.15
CA LYS A 89 -0.83 -8.48 18.22
C LYS A 89 0.63 -8.28 17.82
N ARG A 90 0.86 -8.15 16.52
CA ARG A 90 2.20 -7.95 15.99
C ARG A 90 2.64 -6.51 16.21
N LYS A 91 1.73 -5.59 15.94
CA LYS A 91 1.95 -4.17 16.16
C LYS A 91 0.96 -3.65 17.19
N ALA A 92 1.48 -3.11 18.28
CA ALA A 92 0.62 -2.54 19.33
C ALA A 92 0.18 -1.13 18.95
N ALA A 93 -0.55 -1.04 17.84
CA ALA A 93 -1.01 0.23 17.27
C ALA A 93 0.15 1.02 16.67
N GLN A 94 0.02 1.39 15.40
CA GLN A 94 1.05 2.14 14.72
C GLN A 94 0.92 3.63 15.07
N LYS A 95 1.33 3.96 16.28
CA LYS A 95 1.23 5.32 16.78
C LYS A 95 2.49 6.11 16.47
N ARG A 96 2.30 7.32 15.97
CA ARG A 96 3.39 8.26 15.70
C ARG A 96 4.29 7.72 14.59
N LYS A 97 3.67 7.10 13.59
CA LYS A 97 4.40 6.60 12.44
C LYS A 97 3.45 6.34 11.28
N ASN A 98 3.40 7.28 10.35
CA ASN A 98 2.61 7.11 9.15
C ASN A 98 3.52 7.24 7.94
N LYS A 1 4.79 8.05 -25.82
CA LYS A 1 4.97 9.38 -26.47
C LYS A 1 4.10 10.47 -25.82
N PRO A 2 2.77 10.28 -25.67
CA PRO A 2 1.92 11.33 -25.09
C PRO A 2 2.16 11.49 -23.58
N VAL A 3 1.99 12.72 -23.11
CA VAL A 3 2.23 13.05 -21.72
C VAL A 3 1.07 12.62 -20.81
N SER A 4 0.72 11.35 -20.91
CA SER A 4 -0.36 10.79 -20.13
C SER A 4 0.20 9.91 -19.01
N LEU A 5 1.43 10.18 -18.62
CA LEU A 5 2.11 9.38 -17.61
C LEU A 5 1.60 9.74 -16.22
N SER A 6 1.02 10.93 -16.10
CA SER A 6 0.43 11.38 -14.86
C SER A 6 -0.97 10.80 -14.68
N TYR A 7 -1.34 9.91 -15.59
CA TYR A 7 -2.63 9.24 -15.54
C TYR A 7 -2.47 7.93 -14.78
N ARG A 8 -3.60 7.32 -14.41
CA ARG A 8 -3.62 6.06 -13.66
C ARG A 8 -3.23 6.28 -12.21
N CYS A 9 -3.16 5.20 -11.47
CA CYS A 9 -2.85 5.23 -10.06
C CYS A 9 -1.49 5.89 -9.78
N PRO A 10 -1.36 6.50 -8.59
CA PRO A 10 -0.18 7.25 -8.17
C PRO A 10 1.15 6.60 -8.55
N CYS A 11 1.36 5.37 -8.10
CA CYS A 11 2.62 4.69 -8.35
C CYS A 11 2.59 3.90 -9.64
N ARG A 12 3.72 3.90 -10.32
CA ARG A 12 3.95 3.07 -11.50
C ARG A 12 4.09 1.62 -11.07
N PHE A 13 4.48 0.76 -11.99
CA PHE A 13 4.41 -0.67 -11.73
C PHE A 13 5.51 -1.08 -10.76
N PHE A 14 5.12 -1.93 -9.83
CA PHE A 14 5.93 -2.24 -8.65
C PHE A 14 6.99 -3.29 -8.97
N GLU A 15 7.94 -3.49 -8.06
CA GLU A 15 9.04 -4.36 -8.32
C GLU A 15 8.77 -5.70 -7.67
N SER A 16 9.28 -6.76 -8.24
CA SER A 16 9.08 -8.08 -7.66
C SER A 16 10.42 -8.71 -7.34
N HIS A 17 11.34 -7.88 -6.91
CA HIS A 17 12.70 -8.32 -6.66
C HIS A 17 13.19 -7.83 -5.31
N ILE A 18 12.57 -6.77 -4.79
CA ILE A 18 13.01 -6.21 -3.53
C ILE A 18 12.54 -7.06 -2.35
N ALA A 19 13.44 -7.22 -1.38
CA ALA A 19 13.19 -8.03 -0.20
C ALA A 19 13.00 -7.16 1.03
N ARG A 20 12.41 -7.74 2.07
CA ARG A 20 12.19 -7.05 3.33
C ARG A 20 13.53 -6.60 3.92
N ALA A 21 14.52 -7.47 3.81
CA ALA A 21 15.84 -7.19 4.38
C ALA A 21 16.62 -6.23 3.51
N ASN A 22 16.10 -5.97 2.33
CA ASN A 22 16.76 -5.10 1.38
C ASN A 22 16.05 -3.75 1.31
N VAL A 23 14.90 -3.66 1.95
CA VAL A 23 14.12 -2.44 1.90
C VAL A 23 14.22 -1.65 3.20
N LYS A 24 14.15 -0.34 3.04
CA LYS A 24 14.10 0.61 4.11
C LYS A 24 12.66 0.92 4.45
N HIS A 25 12.46 2.10 5.06
CA HIS A 25 11.15 2.59 5.49
C HIS A 25 10.05 2.13 4.53
N LEU A 26 9.01 1.50 5.07
CA LEU A 26 7.96 0.98 4.22
C LEU A 26 6.61 1.62 4.57
N LYS A 27 5.93 2.07 3.53
CA LYS A 27 4.68 2.81 3.65
C LYS A 27 3.68 2.33 2.59
N ILE A 28 2.39 2.49 2.83
CA ILE A 28 1.38 2.14 1.85
C ILE A 28 0.62 3.38 1.40
N LEU A 29 0.53 3.57 0.09
CA LEU A 29 -0.16 4.72 -0.46
C LEU A 29 -1.66 4.51 -0.38
N ASN A 30 -2.36 5.43 0.27
CA ASN A 30 -3.81 5.42 0.28
C ASN A 30 -4.33 5.88 -1.07
N THR A 31 -4.57 4.93 -1.95
CA THR A 31 -4.95 5.23 -3.31
C THR A 31 -6.45 5.43 -3.53
N PRO A 32 -6.78 5.95 -4.73
CA PRO A 32 -8.13 6.05 -5.31
C PRO A 32 -9.07 4.85 -5.08
N ASN A 33 -8.55 3.78 -4.46
CA ASN A 33 -9.08 2.40 -4.53
C ASN A 33 -8.38 1.66 -5.69
N CYS A 34 -7.07 1.82 -5.66
CA CYS A 34 -6.16 1.05 -6.48
C CYS A 34 -5.62 -0.07 -5.62
N ALA A 35 -4.88 -0.99 -6.20
CA ALA A 35 -4.14 -1.95 -5.40
C ALA A 35 -3.23 -1.18 -4.45
N LEU A 36 -3.37 -1.48 -3.16
CA LEU A 36 -2.60 -0.85 -2.12
C LEU A 36 -1.12 -0.79 -2.48
N GLN A 37 -0.68 0.38 -2.91
CA GLN A 37 0.69 0.54 -3.37
C GLN A 37 1.62 0.68 -2.18
N ILE A 38 2.47 -0.30 -2.03
CA ILE A 38 3.41 -0.36 -0.95
C ILE A 38 4.72 0.32 -1.36
N VAL A 39 4.91 1.54 -0.86
CA VAL A 39 6.04 2.36 -1.26
C VAL A 39 7.23 2.13 -0.35
N ALA A 40 8.36 1.87 -0.95
CA ALA A 40 9.55 1.47 -0.23
C ALA A 40 10.77 2.26 -0.69
N ARG A 41 11.79 2.30 0.14
CA ARG A 41 13.07 2.86 -0.26
C ARG A 41 14.15 1.79 -0.14
N LEU A 42 14.95 1.63 -1.18
CA LEU A 42 16.02 0.63 -1.16
C LEU A 42 17.06 0.94 -0.11
N LYS A 43 17.54 -0.10 0.55
CA LYS A 43 18.49 0.04 1.65
C LYS A 43 19.73 0.82 1.21
N ASN A 44 20.45 0.27 0.25
CA ASN A 44 21.68 0.89 -0.23
C ASN A 44 21.39 1.94 -1.29
N ASN A 45 20.68 1.52 -2.33
CA ASN A 45 20.38 2.38 -3.48
C ASN A 45 19.62 3.66 -3.06
N ASN A 46 18.82 3.53 -2.00
CA ASN A 46 18.10 4.67 -1.40
C ASN A 46 16.99 5.20 -2.32
N ARG A 47 16.70 4.50 -3.41
CA ARG A 47 15.64 4.93 -4.30
C ARG A 47 14.30 4.48 -3.77
N GLN A 48 13.29 5.25 -4.12
CA GLN A 48 11.92 4.92 -3.76
C GLN A 48 11.33 4.03 -4.84
N VAL A 49 10.58 3.04 -4.42
CA VAL A 49 9.99 2.05 -5.31
C VAL A 49 8.69 1.56 -4.70
N CYS A 50 7.83 0.96 -5.49
CA CYS A 50 6.66 0.32 -4.96
C CYS A 50 6.83 -1.18 -5.08
N ILE A 51 6.54 -1.88 -3.99
CA ILE A 51 6.70 -3.32 -3.92
C ILE A 51 5.51 -4.03 -4.55
N ASP A 52 5.76 -5.14 -5.24
CA ASP A 52 4.68 -5.92 -5.84
C ASP A 52 3.84 -6.56 -4.74
N PRO A 53 2.52 -6.28 -4.73
CA PRO A 53 1.61 -6.75 -3.68
C PRO A 53 1.48 -8.26 -3.64
N LYS A 54 1.98 -8.93 -4.67
CA LYS A 54 1.85 -10.37 -4.77
C LYS A 54 3.13 -11.07 -4.34
N LEU A 55 4.14 -10.28 -3.96
CA LEU A 55 5.38 -10.79 -3.41
C LEU A 55 5.08 -11.60 -2.15
N LYS A 56 5.76 -12.74 -2.03
CA LYS A 56 5.43 -13.71 -1.00
C LYS A 56 5.71 -13.19 0.39
N TRP A 57 6.69 -12.30 0.51
CA TRP A 57 6.96 -11.67 1.80
C TRP A 57 6.01 -10.50 1.99
N ILE A 58 5.55 -9.96 0.87
CA ILE A 58 4.64 -8.83 0.88
C ILE A 58 3.25 -9.25 1.32
N GLN A 59 2.86 -10.45 0.94
CA GLN A 59 1.58 -11.02 1.37
C GLN A 59 1.48 -11.00 2.89
N GLU A 60 2.61 -11.21 3.54
CA GLU A 60 2.68 -11.14 4.98
C GLU A 60 2.49 -9.71 5.46
N TYR A 61 3.03 -8.76 4.70
CA TYR A 61 2.92 -7.35 5.02
C TYR A 61 1.51 -6.89 4.73
N LEU A 62 0.94 -7.50 3.70
CA LEU A 62 -0.41 -7.23 3.26
C LEU A 62 -1.40 -7.42 4.37
N GLU A 63 -1.20 -8.48 5.13
CA GLU A 63 -2.08 -8.78 6.25
C GLU A 63 -2.22 -7.57 7.17
N LYS A 64 -1.09 -6.93 7.41
CA LYS A 64 -1.05 -5.69 8.19
C LYS A 64 -1.62 -4.54 7.38
N ALA A 65 -1.24 -4.49 6.11
CA ALA A 65 -1.70 -3.45 5.19
C ALA A 65 -3.22 -3.45 5.05
N LEU A 66 -3.81 -4.58 5.35
CA LEU A 66 -5.25 -4.78 5.19
C LEU A 66 -6.00 -4.42 6.46
N ASN A 67 -5.25 -4.15 7.50
CA ASN A 67 -5.77 -3.85 8.85
C ASN A 67 -6.96 -2.90 8.84
N LYS A 68 -6.99 -1.97 7.89
CA LYS A 68 -8.05 -0.97 7.81
C LYS A 68 -9.41 -1.64 7.63
N GLY A 69 -9.42 -2.76 6.94
CA GLY A 69 -10.65 -3.45 6.65
C GLY A 69 -10.41 -4.89 6.27
N ARG A 70 -9.81 -5.63 7.18
CA ARG A 70 -9.45 -7.02 6.92
C ARG A 70 -10.67 -7.92 7.09
N ARG A 71 -11.21 -8.37 5.97
CA ARG A 71 -12.40 -9.21 5.96
C ARG A 71 -12.14 -10.49 5.19
N GLU A 72 -12.68 -11.59 5.67
CA GLU A 72 -12.49 -12.89 5.03
C GLU A 72 -13.54 -13.10 3.94
N GLU A 73 -13.08 -13.50 2.77
CA GLU A 73 -13.95 -13.64 1.60
C GLU A 73 -14.55 -15.05 1.53
N LYS A 74 -13.71 -16.07 1.71
CA LYS A 74 -14.16 -17.44 1.57
C LYS A 74 -14.60 -18.02 2.91
N VAL A 75 -15.62 -17.42 3.49
CA VAL A 75 -16.13 -17.87 4.79
C VAL A 75 -17.04 -19.09 4.62
N GLY A 76 -17.60 -19.27 3.43
CA GLY A 76 -18.44 -20.41 3.16
C GLY A 76 -19.73 -20.03 2.46
N LYS A 77 -19.70 -20.03 1.14
CA LYS A 77 -20.89 -19.72 0.35
C LYS A 77 -20.96 -20.63 -0.88
N LYS A 78 -20.29 -21.78 -0.81
CA LYS A 78 -20.33 -22.75 -1.89
C LYS A 78 -20.99 -24.04 -1.42
N GLU A 79 -22.21 -24.28 -1.88
CA GLU A 79 -22.92 -25.50 -1.55
C GLU A 79 -22.29 -26.68 -2.28
N LYS A 80 -21.62 -26.38 -3.39
CA LYS A 80 -20.94 -27.40 -4.16
C LYS A 80 -19.59 -27.71 -3.55
N ILE A 81 -19.39 -28.96 -3.13
CA ILE A 81 -18.16 -29.36 -2.48
C ILE A 81 -17.03 -29.56 -3.49
N GLY A 82 -17.38 -29.73 -4.76
CA GLY A 82 -16.38 -29.82 -5.82
C GLY A 82 -15.64 -31.14 -5.82
N LYS A 83 -16.07 -32.06 -4.97
CA LYS A 83 -15.48 -33.39 -4.85
C LYS A 83 -13.99 -33.31 -4.49
N LYS A 84 -13.61 -32.24 -3.81
CA LYS A 84 -12.23 -32.11 -3.35
C LYS A 84 -12.09 -32.76 -1.97
N LYS A 85 -12.90 -33.78 -1.75
CA LYS A 85 -12.94 -34.50 -0.51
C LYS A 85 -12.08 -35.76 -0.60
N ARG A 86 -12.10 -36.58 0.43
CA ARG A 86 -11.32 -37.81 0.45
C ARG A 86 -12.05 -38.92 -0.33
N GLN A 87 -11.28 -39.83 -0.90
CA GLN A 87 -11.83 -41.02 -1.55
C GLN A 87 -11.76 -42.20 -0.59
N LYS A 88 -10.94 -42.04 0.45
CA LYS A 88 -10.79 -43.07 1.47
C LYS A 88 -11.93 -42.96 2.48
N LYS A 89 -13.15 -43.14 1.98
CA LYS A 89 -14.33 -43.03 2.80
C LYS A 89 -14.71 -44.38 3.40
N ARG A 90 -15.18 -45.30 2.55
CA ARG A 90 -15.69 -46.60 2.98
C ARG A 90 -16.90 -46.43 3.89
N LYS A 91 -16.64 -46.10 5.13
CA LYS A 91 -17.66 -45.81 6.12
C LYS A 91 -17.11 -44.80 7.11
N ALA A 92 -17.89 -43.76 7.40
CA ALA A 92 -17.46 -42.72 8.32
C ALA A 92 -17.44 -43.22 9.76
N ALA A 93 -16.49 -44.12 10.03
CA ALA A 93 -16.35 -44.77 11.34
C ALA A 93 -17.51 -45.74 11.59
N GLN A 94 -17.30 -46.67 12.51
CA GLN A 94 -18.29 -47.71 12.82
C GLN A 94 -18.68 -48.52 11.59
N LYS A 95 -17.86 -49.49 11.24
CA LYS A 95 -18.19 -50.40 10.16
C LYS A 95 -19.04 -51.54 10.69
N ARG A 96 -20.36 -51.35 10.62
CA ARG A 96 -21.32 -52.31 11.13
C ARG A 96 -21.18 -52.49 12.64
N LYS A 97 -21.15 -51.36 13.34
CA LYS A 97 -21.06 -51.37 14.80
C LYS A 97 -22.37 -50.85 15.39
N ASN A 98 -22.75 -49.65 14.96
CA ASN A 98 -23.98 -49.00 15.43
C ASN A 98 -24.03 -48.93 16.96
N LYS A 1 1.94 -10.05 -17.19
CA LYS A 1 1.03 -9.52 -18.24
C LYS A 1 -0.32 -9.10 -17.67
N PRO A 2 -1.10 -10.01 -17.02
CA PRO A 2 -2.37 -9.61 -16.40
C PRO A 2 -2.16 -8.58 -15.28
N VAL A 3 -2.71 -7.41 -15.48
CA VAL A 3 -2.49 -6.30 -14.56
C VAL A 3 -3.67 -6.14 -13.60
N SER A 4 -3.36 -5.91 -12.34
CA SER A 4 -4.37 -5.65 -11.33
C SER A 4 -4.93 -4.25 -11.50
N LEU A 5 -5.96 -3.91 -10.73
CA LEU A 5 -6.60 -2.60 -10.84
C LEU A 5 -5.78 -1.52 -10.15
N SER A 6 -4.54 -1.35 -10.61
CA SER A 6 -3.65 -0.34 -10.08
C SER A 6 -2.99 0.45 -11.21
N TYR A 7 -3.61 0.42 -12.38
CA TYR A 7 -3.09 1.11 -13.55
C TYR A 7 -3.39 2.60 -13.45
N ARG A 8 -2.41 3.44 -13.78
CA ARG A 8 -2.55 4.90 -13.68
C ARG A 8 -2.88 5.31 -12.25
N CYS A 9 -2.04 4.89 -11.33
CA CYS A 9 -2.22 5.17 -9.92
C CYS A 9 -0.91 5.68 -9.33
N PRO A 10 -0.99 6.30 -8.12
CA PRO A 10 0.14 6.93 -7.43
C PRO A 10 1.49 6.24 -7.65
N CYS A 11 1.55 4.95 -7.36
CA CYS A 11 2.78 4.20 -7.52
C CYS A 11 2.87 3.63 -8.93
N ARG A 12 4.07 3.66 -9.49
CA ARG A 12 4.35 3.04 -10.78
C ARG A 12 4.29 1.53 -10.63
N PHE A 13 4.65 0.79 -11.67
CA PHE A 13 4.52 -0.65 -11.62
C PHE A 13 5.63 -1.21 -10.74
N PHE A 14 5.27 -2.18 -9.93
CA PHE A 14 6.09 -2.58 -8.81
C PHE A 14 7.14 -3.60 -9.20
N GLU A 15 8.21 -3.63 -8.44
CA GLU A 15 9.32 -4.55 -8.67
C GLU A 15 9.12 -5.81 -7.85
N SER A 16 8.94 -6.93 -8.53
CA SER A 16 8.72 -8.20 -7.87
C SER A 16 10.04 -8.87 -7.52
N HIS A 17 11.02 -8.04 -7.13
CA HIS A 17 12.33 -8.53 -6.72
C HIS A 17 12.71 -7.89 -5.39
N ILE A 18 11.93 -6.90 -4.98
CA ILE A 18 12.21 -6.15 -3.77
C ILE A 18 12.08 -7.03 -2.53
N ALA A 19 13.09 -6.96 -1.68
CA ALA A 19 13.19 -7.78 -0.49
C ALA A 19 12.83 -7.00 0.76
N ARG A 20 12.64 -7.71 1.85
CA ARG A 20 12.42 -7.13 3.15
C ARG A 20 13.75 -6.71 3.77
N ALA A 21 14.82 -7.34 3.30
CA ALA A 21 16.15 -7.12 3.88
C ALA A 21 16.85 -5.98 3.19
N ASN A 22 16.32 -5.58 2.05
CA ASN A 22 16.92 -4.52 1.30
C ASN A 22 16.17 -3.23 1.49
N VAL A 23 15.02 -3.33 2.10
CA VAL A 23 14.13 -2.20 2.20
C VAL A 23 14.27 -1.47 3.53
N LYS A 24 14.11 -0.18 3.41
CA LYS A 24 14.03 0.74 4.52
C LYS A 24 12.58 1.04 4.80
N HIS A 25 12.33 2.20 5.42
CA HIS A 25 10.99 2.68 5.74
C HIS A 25 10.00 2.25 4.66
N LEU A 26 9.09 1.36 5.03
CA LEU A 26 8.10 0.88 4.08
C LEU A 26 6.75 1.51 4.37
N LYS A 27 6.17 2.12 3.35
CA LYS A 27 4.96 2.90 3.48
C LYS A 27 3.92 2.46 2.46
N ILE A 28 2.67 2.45 2.86
CA ILE A 28 1.60 2.03 1.97
C ILE A 28 0.71 3.21 1.58
N LEU A 29 0.48 3.37 0.29
CA LEU A 29 -0.30 4.50 -0.23
C LEU A 29 -1.78 4.16 -0.24
N ASN A 30 -2.58 5.03 0.36
CA ASN A 30 -4.03 4.92 0.28
C ASN A 30 -4.50 5.44 -1.08
N THR A 31 -4.65 4.53 -2.01
CA THR A 31 -5.00 4.85 -3.37
C THR A 31 -6.48 5.17 -3.58
N PRO A 32 -6.77 5.70 -4.79
CA PRO A 32 -8.12 5.86 -5.40
C PRO A 32 -9.08 4.68 -5.23
N ASN A 33 -8.62 3.60 -4.58
CA ASN A 33 -9.15 2.23 -4.67
C ASN A 33 -8.42 1.46 -5.77
N CYS A 34 -7.10 1.63 -5.71
CA CYS A 34 -6.15 0.78 -6.37
C CYS A 34 -5.64 -0.20 -5.32
N ALA A 35 -4.84 -1.18 -5.71
CA ALA A 35 -4.24 -2.06 -4.72
C ALA A 35 -3.39 -1.22 -3.78
N LEU A 36 -3.22 -1.72 -2.58
CA LEU A 36 -2.42 -1.04 -1.59
C LEU A 36 -1.00 -0.90 -2.10
N GLN A 37 -0.62 0.34 -2.37
CA GLN A 37 0.68 0.62 -2.96
C GLN A 37 1.74 0.51 -1.90
N ILE A 38 2.62 -0.44 -2.05
CA ILE A 38 3.68 -0.64 -1.09
C ILE A 38 4.92 0.12 -1.54
N VAL A 39 5.10 1.33 -0.99
CA VAL A 39 6.18 2.20 -1.41
C VAL A 39 7.38 2.01 -0.48
N ALA A 40 8.52 1.70 -1.06
CA ALA A 40 9.67 1.32 -0.26
C ALA A 40 10.89 2.11 -0.64
N ARG A 41 11.68 2.47 0.34
CA ARG A 41 12.96 3.10 0.08
C ARG A 41 14.07 2.10 0.31
N LEU A 42 14.86 1.85 -0.71
CA LEU A 42 15.91 0.84 -0.61
C LEU A 42 17.01 1.24 0.36
N LYS A 43 17.70 0.24 0.85
CA LYS A 43 18.68 0.39 1.90
C LYS A 43 19.95 1.07 1.39
N ASN A 44 20.61 0.42 0.44
CA ASN A 44 21.83 0.96 -0.14
C ASN A 44 21.51 1.94 -1.26
N ASN A 45 20.48 1.63 -2.01
CA ASN A 45 20.12 2.44 -3.17
C ASN A 45 19.40 3.71 -2.74
N ASN A 46 18.70 3.61 -1.60
CA ASN A 46 17.98 4.74 -0.98
C ASN A 46 16.80 5.22 -1.85
N ARG A 47 16.57 4.54 -2.97
CA ARG A 47 15.55 4.95 -3.91
C ARG A 47 14.18 4.46 -3.50
N GLN A 48 13.20 5.28 -3.81
CA GLN A 48 11.81 4.97 -3.56
C GLN A 48 11.27 4.08 -4.68
N VAL A 49 10.69 2.98 -4.28
CA VAL A 49 10.14 2.00 -5.20
C VAL A 49 8.74 1.62 -4.79
N CYS A 50 8.17 0.71 -5.54
CA CYS A 50 6.90 0.13 -5.22
C CYS A 50 7.07 -1.38 -5.21
N ILE A 51 6.71 -2.01 -4.10
CA ILE A 51 6.83 -3.46 -3.98
C ILE A 51 5.59 -4.13 -4.53
N ASP A 52 5.78 -5.27 -5.18
CA ASP A 52 4.66 -6.01 -5.74
C ASP A 52 3.81 -6.61 -4.62
N PRO A 53 2.49 -6.35 -4.66
CA PRO A 53 1.57 -6.75 -3.60
C PRO A 53 1.44 -8.27 -3.47
N LYS A 54 1.87 -8.99 -4.51
CA LYS A 54 1.69 -10.43 -4.55
C LYS A 54 2.97 -11.15 -4.17
N LEU A 55 4.02 -10.39 -3.89
CA LEU A 55 5.25 -10.93 -3.35
C LEU A 55 4.97 -11.74 -2.09
N LYS A 56 5.65 -12.87 -1.96
CA LYS A 56 5.33 -13.86 -0.94
C LYS A 56 5.55 -13.31 0.46
N TRP A 57 6.50 -12.40 0.59
CA TRP A 57 6.75 -11.76 1.87
C TRP A 57 5.86 -10.54 2.03
N ILE A 58 5.42 -10.00 0.89
CA ILE A 58 4.55 -8.85 0.87
C ILE A 58 3.13 -9.22 1.25
N GLN A 59 2.67 -10.38 0.82
CA GLN A 59 1.37 -10.90 1.21
C GLN A 59 1.26 -10.93 2.73
N GLU A 60 2.40 -11.15 3.36
CA GLU A 60 2.49 -11.16 4.80
C GLU A 60 2.40 -9.74 5.34
N TYR A 61 3.06 -8.81 4.65
CA TYR A 61 3.07 -7.42 5.07
C TYR A 61 1.70 -6.83 4.82
N LEU A 62 1.11 -7.28 3.74
CA LEU A 62 -0.21 -6.85 3.33
C LEU A 62 -1.21 -7.01 4.45
N GLU A 63 -1.13 -8.13 5.14
CA GLU A 63 -2.00 -8.36 6.27
C GLU A 63 -1.92 -7.19 7.26
N LYS A 64 -0.70 -6.75 7.52
CA LYS A 64 -0.45 -5.62 8.39
C LYS A 64 -0.88 -4.33 7.72
N ALA A 65 -0.58 -4.24 6.43
CA ALA A 65 -0.91 -3.08 5.62
C ALA A 65 -2.42 -2.85 5.60
N LEU A 66 -3.15 -3.94 5.68
CA LEU A 66 -4.62 -3.87 5.72
C LEU A 66 -5.08 -3.44 7.09
N ASN A 67 -4.28 -3.80 8.08
CA ASN A 67 -4.58 -3.49 9.47
C ASN A 67 -4.00 -2.15 9.89
N LYS A 68 -3.30 -1.49 8.98
CA LYS A 68 -2.70 -0.18 9.26
C LYS A 68 -3.75 0.82 9.70
N GLY A 69 -4.76 1.01 8.87
CA GLY A 69 -5.80 1.95 9.19
C GLY A 69 -6.85 2.05 8.10
N ARG A 70 -7.97 1.37 8.30
CA ARG A 70 -9.10 1.46 7.39
C ARG A 70 -9.66 2.88 7.43
N ARG A 71 -9.52 3.50 8.58
CA ARG A 71 -9.92 4.88 8.78
C ARG A 71 -8.83 5.60 9.55
N GLU A 72 -8.68 6.89 9.29
CA GLU A 72 -7.64 7.68 9.92
C GLU A 72 -8.01 7.97 11.37
N GLU A 73 -7.46 7.17 12.27
CA GLU A 73 -7.66 7.36 13.70
C GLU A 73 -6.31 7.32 14.42
N LYS A 74 -5.28 7.74 13.72
CA LYS A 74 -3.92 7.65 14.25
C LYS A 74 -3.34 9.04 14.46
N VAL A 75 -4.19 9.96 14.87
CA VAL A 75 -3.77 11.33 15.17
C VAL A 75 -3.04 11.39 16.51
N GLY A 76 -3.10 10.29 17.26
CA GLY A 76 -2.36 10.20 18.51
C GLY A 76 -0.91 9.86 18.28
N LYS A 77 -0.28 10.61 17.38
CA LYS A 77 1.11 10.40 17.02
C LYS A 77 1.99 11.27 17.92
N LYS A 78 3.17 10.76 18.28
CA LYS A 78 4.06 11.49 19.17
C LYS A 78 4.93 12.45 18.37
N GLU A 79 4.47 12.76 17.17
CA GLU A 79 5.13 13.73 16.30
C GLU A 79 4.12 14.80 15.90
N LYS A 80 4.10 15.88 16.67
CA LYS A 80 3.06 16.90 16.49
C LYS A 80 3.32 17.74 15.24
N ILE A 81 2.23 18.22 14.66
CA ILE A 81 2.29 19.11 13.51
C ILE A 81 2.11 20.55 13.97
N GLY A 82 2.47 21.49 13.11
CA GLY A 82 2.35 22.89 13.46
C GLY A 82 3.35 23.29 14.53
N LYS A 83 4.50 22.64 14.53
CA LYS A 83 5.53 22.91 15.52
C LYS A 83 6.43 24.06 15.07
N LYS A 84 5.82 25.05 14.43
CA LYS A 84 6.55 26.21 13.94
C LYS A 84 6.55 27.31 14.99
N LYS A 85 5.38 27.94 15.17
CA LYS A 85 5.19 29.00 16.16
C LYS A 85 6.12 30.18 15.91
N ARG A 86 6.00 31.19 16.77
CA ARG A 86 6.87 32.38 16.76
C ARG A 86 6.68 33.22 15.49
N GLN A 87 7.27 32.79 14.40
CA GLN A 87 7.30 33.58 13.19
C GLN A 87 6.76 32.78 12.00
N LYS A 88 5.55 33.13 11.58
CA LYS A 88 4.94 32.55 10.39
C LYS A 88 5.74 32.94 9.16
N LYS A 89 5.99 34.24 9.03
CA LYS A 89 6.86 34.74 7.98
C LYS A 89 8.16 35.24 8.60
N ARG A 90 9.15 35.52 7.76
CA ARG A 90 10.48 35.83 8.23
C ARG A 90 10.58 37.21 8.86
N LYS A 91 9.49 37.98 8.73
CA LYS A 91 9.34 39.26 9.41
C LYS A 91 10.43 40.24 8.99
N ALA A 92 10.83 40.16 7.73
CA ALA A 92 11.91 40.99 7.19
C ALA A 92 11.53 42.47 7.26
N ALA A 93 10.27 42.78 7.01
CA ALA A 93 9.79 44.16 7.03
C ALA A 93 8.97 44.43 8.29
N GLN A 94 9.22 43.66 9.33
CA GLN A 94 8.51 43.83 10.60
C GLN A 94 9.43 44.43 11.65
N LYS A 95 9.37 45.74 11.78
CA LYS A 95 10.12 46.46 12.81
C LYS A 95 9.15 46.97 13.86
N ARG A 96 8.19 46.12 14.21
CA ARG A 96 7.15 46.46 15.17
C ARG A 96 6.94 45.31 16.14
N LYS A 97 5.95 45.44 17.00
CA LYS A 97 5.62 44.40 17.96
C LYS A 97 4.76 43.33 17.32
N ASN A 98 5.08 42.07 17.61
CA ASN A 98 4.31 40.95 17.09
C ASN A 98 3.05 40.75 17.90
N LYS A 1 -0.91 15.50 -26.08
CA LYS A 1 -1.24 15.58 -24.65
C LYS A 1 -1.34 14.17 -24.06
N PRO A 2 -0.72 13.95 -22.89
CA PRO A 2 -0.75 12.66 -22.21
C PRO A 2 -2.07 12.45 -21.48
N VAL A 3 -2.42 11.19 -21.26
CA VAL A 3 -3.66 10.84 -20.60
C VAL A 3 -3.60 11.18 -19.12
N SER A 4 -4.03 12.39 -18.78
CA SER A 4 -4.03 12.85 -17.41
C SER A 4 -5.43 12.76 -16.83
N LEU A 5 -6.02 11.57 -16.92
CA LEU A 5 -7.40 11.35 -16.49
C LEU A 5 -7.45 10.50 -15.22
N SER A 6 -6.31 10.36 -14.56
CA SER A 6 -6.22 9.62 -13.31
C SER A 6 -6.61 8.15 -13.52
N TYR A 7 -6.26 7.60 -14.68
CA TYR A 7 -6.48 6.18 -14.96
C TYR A 7 -5.47 5.34 -14.21
N ARG A 8 -4.49 6.01 -13.64
CA ARG A 8 -3.43 5.34 -12.93
C ARG A 8 -3.49 5.72 -11.46
N CYS A 9 -2.98 4.85 -10.62
CA CYS A 9 -3.01 5.07 -9.18
C CYS A 9 -1.64 5.54 -8.68
N PRO A 10 -1.63 6.17 -7.48
CA PRO A 10 -0.46 6.81 -6.85
C PRO A 10 0.89 6.14 -7.13
N CYS A 11 0.96 4.83 -7.00
CA CYS A 11 2.24 4.14 -7.13
C CYS A 11 2.56 3.78 -8.57
N ARG A 12 3.84 3.69 -8.84
CA ARG A 12 4.35 3.26 -10.13
C ARG A 12 4.18 1.75 -10.24
N PHE A 13 4.71 1.16 -11.31
CA PHE A 13 4.63 -0.28 -11.45
C PHE A 13 5.65 -0.89 -10.52
N PHE A 14 5.27 -1.96 -9.84
CA PHE A 14 6.05 -2.46 -8.73
C PHE A 14 7.15 -3.39 -9.19
N GLU A 15 8.17 -3.49 -8.35
CA GLU A 15 9.33 -4.28 -8.62
C GLU A 15 9.31 -5.53 -7.76
N SER A 16 9.41 -6.67 -8.40
CA SER A 16 9.32 -7.95 -7.71
C SER A 16 10.70 -8.49 -7.36
N HIS A 17 11.60 -7.59 -7.00
CA HIS A 17 12.93 -7.97 -6.55
C HIS A 17 13.22 -7.31 -5.21
N ILE A 18 12.29 -6.49 -4.76
CA ILE A 18 12.40 -5.86 -3.45
C ILE A 18 12.17 -6.90 -2.36
N ALA A 19 13.02 -6.87 -1.35
CA ALA A 19 12.96 -7.83 -0.25
C ALA A 19 12.87 -7.12 1.09
N ARG A 20 12.38 -7.82 2.11
CA ARG A 20 12.22 -7.22 3.43
C ARG A 20 13.56 -6.73 3.99
N ALA A 21 14.60 -7.48 3.70
CA ALA A 21 15.93 -7.14 4.20
C ALA A 21 16.59 -6.09 3.33
N ASN A 22 16.04 -5.93 2.14
CA ASN A 22 16.58 -5.02 1.16
C ASN A 22 15.81 -3.72 1.17
N VAL A 23 14.74 -3.65 1.93
CA VAL A 23 13.92 -2.47 1.97
C VAL A 23 14.12 -1.68 3.26
N LYS A 24 14.01 -0.38 3.11
CA LYS A 24 14.03 0.56 4.20
C LYS A 24 12.61 0.96 4.56
N HIS A 25 12.50 2.11 5.21
CA HIS A 25 11.22 2.67 5.64
C HIS A 25 10.11 2.35 4.64
N LEU A 26 9.23 1.43 5.01
CA LEU A 26 8.18 1.01 4.10
C LEU A 26 6.87 1.71 4.42
N LYS A 27 6.25 2.26 3.39
CA LYS A 27 5.03 3.04 3.51
C LYS A 27 3.96 2.50 2.57
N ILE A 28 2.73 2.51 3.04
CA ILE A 28 1.61 2.07 2.22
C ILE A 28 0.72 3.25 1.84
N LEU A 29 0.49 3.43 0.56
CA LEU A 29 -0.32 4.53 0.06
C LEU A 29 -1.79 4.20 0.20
N ASN A 30 -2.51 5.06 0.88
CA ASN A 30 -3.95 4.95 0.97
C ASN A 30 -4.59 5.39 -0.34
N THR A 31 -4.84 4.44 -1.20
CA THR A 31 -5.36 4.72 -2.52
C THR A 31 -6.87 5.01 -2.55
N PRO A 32 -7.33 5.51 -3.73
CA PRO A 32 -8.75 5.62 -4.15
C PRO A 32 -9.60 4.38 -3.90
N ASN A 33 -9.00 3.34 -3.32
CA ASN A 33 -9.46 1.95 -3.35
C ASN A 33 -8.88 1.24 -4.55
N CYS A 34 -7.56 1.38 -4.64
CA CYS A 34 -6.71 0.59 -5.50
C CYS A 34 -6.06 -0.48 -4.65
N ALA A 35 -5.30 -1.37 -5.26
CA ALA A 35 -4.47 -2.28 -4.49
C ALA A 35 -3.61 -1.47 -3.54
N LEU A 36 -3.43 -1.96 -2.32
CA LEU A 36 -2.62 -1.28 -1.34
C LEU A 36 -1.22 -1.05 -1.90
N GLN A 37 -0.86 0.21 -2.06
CA GLN A 37 0.39 0.57 -2.68
C GLN A 37 1.51 0.49 -1.66
N ILE A 38 2.44 -0.40 -1.87
CA ILE A 38 3.55 -0.57 -0.97
C ILE A 38 4.77 0.18 -1.48
N VAL A 39 5.01 1.39 -0.95
CA VAL A 39 6.09 2.24 -1.43
C VAL A 39 7.30 2.08 -0.52
N ALA A 40 8.45 1.77 -1.11
CA ALA A 40 9.59 1.38 -0.32
C ALA A 40 10.86 2.07 -0.76
N ARG A 41 11.68 2.48 0.17
CA ARG A 41 12.99 2.99 -0.14
C ARG A 41 14.00 1.87 0.00
N LEU A 42 14.72 1.57 -1.07
CA LEU A 42 15.64 0.45 -1.06
C LEU A 42 16.82 0.70 -0.13
N LYS A 43 17.28 -0.36 0.52
CA LYS A 43 18.35 -0.28 1.49
C LYS A 43 19.62 0.32 0.90
N ASN A 44 20.19 -0.35 -0.09
CA ASN A 44 21.43 0.10 -0.69
C ASN A 44 21.19 1.15 -1.76
N ASN A 45 20.21 0.89 -2.62
CA ASN A 45 19.93 1.75 -3.76
C ASN A 45 19.36 3.10 -3.31
N ASN A 46 18.64 3.07 -2.19
CA ASN A 46 18.08 4.28 -1.56
C ASN A 46 16.93 4.85 -2.39
N ARG A 47 16.55 4.19 -3.47
CA ARG A 47 15.47 4.66 -4.32
C ARG A 47 14.12 4.29 -3.76
N GLN A 48 13.16 5.17 -3.99
CA GLN A 48 11.78 4.91 -3.63
C GLN A 48 11.10 4.09 -4.72
N VAL A 49 10.56 2.96 -4.34
CA VAL A 49 9.96 2.01 -5.26
C VAL A 49 8.57 1.66 -4.80
N CYS A 50 7.93 0.82 -5.56
CA CYS A 50 6.69 0.20 -5.17
C CYS A 50 6.90 -1.30 -5.20
N ILE A 51 6.56 -1.96 -4.12
CA ILE A 51 6.74 -3.40 -4.01
C ILE A 51 5.54 -4.13 -4.57
N ASP A 52 5.80 -5.24 -5.27
CA ASP A 52 4.73 -6.04 -5.82
C ASP A 52 3.90 -6.66 -4.70
N PRO A 53 2.58 -6.41 -4.71
CA PRO A 53 1.69 -6.85 -3.65
C PRO A 53 1.57 -8.37 -3.57
N LYS A 54 2.00 -9.04 -4.62
CA LYS A 54 1.86 -10.49 -4.70
C LYS A 54 3.14 -11.19 -4.26
N LEU A 55 4.16 -10.41 -3.94
CA LEU A 55 5.37 -10.92 -3.34
C LEU A 55 5.03 -11.67 -2.06
N LYS A 56 5.62 -12.86 -1.91
CA LYS A 56 5.30 -13.76 -0.81
C LYS A 56 5.54 -13.11 0.54
N TRP A 57 6.59 -12.31 0.65
CA TRP A 57 6.87 -11.62 1.91
C TRP A 57 5.96 -10.40 2.03
N ILE A 58 5.54 -9.88 0.89
CA ILE A 58 4.64 -8.74 0.86
C ILE A 58 3.23 -9.13 1.27
N GLN A 59 2.79 -10.30 0.82
CA GLN A 59 1.50 -10.86 1.20
C GLN A 59 1.39 -10.93 2.72
N GLU A 60 2.52 -11.15 3.36
CA GLU A 60 2.59 -11.21 4.81
C GLU A 60 2.44 -9.83 5.42
N TYR A 61 3.06 -8.83 4.78
CA TYR A 61 2.99 -7.47 5.25
C TYR A 61 1.61 -6.93 4.94
N LEU A 62 1.09 -7.37 3.81
CA LEU A 62 -0.23 -7.01 3.35
C LEU A 62 -1.26 -7.28 4.41
N GLU A 63 -1.14 -8.42 5.06
CA GLU A 63 -2.08 -8.81 6.10
C GLU A 63 -2.23 -7.69 7.13
N LYS A 64 -1.11 -7.08 7.48
CA LYS A 64 -1.10 -5.96 8.41
C LYS A 64 -1.68 -4.72 7.75
N ALA A 65 -1.21 -4.46 6.54
CA ALA A 65 -1.60 -3.29 5.78
C ALA A 65 -3.10 -3.28 5.48
N LEU A 66 -3.69 -4.47 5.50
CA LEU A 66 -5.10 -4.63 5.16
C LEU A 66 -5.94 -4.72 6.41
N ASN A 67 -5.32 -5.17 7.49
CA ASN A 67 -6.04 -5.34 8.75
C ASN A 67 -6.53 -4.00 9.29
N LYS A 68 -5.71 -2.98 9.06
CA LYS A 68 -6.02 -1.58 9.42
C LYS A 68 -5.95 -1.38 10.93
N GLY A 69 -6.71 -2.19 11.65
CA GLY A 69 -6.80 -2.06 13.08
C GLY A 69 -7.96 -2.87 13.61
N ARG A 70 -7.68 -3.77 14.54
CA ARG A 70 -8.73 -4.61 15.12
C ARG A 70 -9.06 -4.14 16.53
N ARG A 71 -8.25 -3.23 17.05
CA ARG A 71 -8.53 -2.60 18.33
C ARG A 71 -8.61 -1.09 18.16
N GLU A 72 -9.82 -0.56 18.30
CA GLU A 72 -10.10 0.86 18.05
C GLU A 72 -9.13 1.78 18.77
N GLU A 73 -8.21 2.36 18.01
CA GLU A 73 -7.24 3.33 18.51
C GLU A 73 -6.43 2.78 19.68
N LYS A 74 -6.10 1.50 19.63
CA LYS A 74 -5.25 0.91 20.65
C LYS A 74 -3.91 0.52 20.04
N VAL A 75 -3.95 -0.33 19.02
CA VAL A 75 -2.74 -0.75 18.34
C VAL A 75 -2.75 -0.26 16.89
N GLY A 76 -3.66 -0.80 16.10
CA GLY A 76 -3.79 -0.36 14.72
C GLY A 76 -4.83 0.73 14.58
N LYS A 77 -4.39 1.90 14.10
CA LYS A 77 -5.30 3.02 13.92
C LYS A 77 -4.82 3.93 12.79
N LYS A 78 -5.66 4.88 12.43
CA LYS A 78 -5.38 5.77 11.31
C LYS A 78 -5.33 7.22 11.80
N GLU A 79 -4.13 7.78 11.92
CA GLU A 79 -3.98 9.16 12.33
C GLU A 79 -4.12 10.08 11.12
N LYS A 80 -5.34 10.16 10.61
CA LYS A 80 -5.61 10.92 9.40
C LYS A 80 -6.22 12.28 9.73
N ILE A 81 -6.05 13.22 8.82
CA ILE A 81 -6.57 14.58 8.96
C ILE A 81 -6.10 15.21 10.27
N GLY A 82 -4.86 15.68 10.25
CA GLY A 82 -4.29 16.31 11.42
C GLY A 82 -3.47 17.53 11.05
N LYS A 83 -2.19 17.50 11.38
CA LYS A 83 -1.31 18.61 11.06
C LYS A 83 -1.04 18.65 9.56
N LYS A 84 -1.33 19.79 8.95
CA LYS A 84 -1.21 19.94 7.51
C LYS A 84 -0.58 21.31 7.21
N LYS A 85 0.04 21.42 6.04
CA LYS A 85 0.80 22.61 5.66
C LYS A 85 -0.11 23.78 5.26
N ARG A 86 -1.06 24.12 6.13
CA ARG A 86 -1.98 25.23 5.91
C ARG A 86 -2.59 25.20 4.52
N GLN A 87 -3.28 24.11 4.21
CA GLN A 87 -3.92 23.97 2.92
C GLN A 87 -5.42 24.23 3.06
N LYS A 88 -5.99 24.90 2.07
CA LYS A 88 -7.42 25.21 2.09
C LYS A 88 -8.24 23.96 1.81
N LYS A 89 -8.53 23.21 2.86
CA LYS A 89 -9.31 21.99 2.74
C LYS A 89 -10.80 22.33 2.67
N ARG A 90 -11.16 23.11 1.66
CA ARG A 90 -12.55 23.46 1.43
C ARG A 90 -13.26 22.35 0.67
N LYS A 91 -14.58 22.32 0.78
CA LYS A 91 -15.38 21.23 0.23
C LYS A 91 -15.41 21.28 -1.28
N ALA A 92 -14.50 20.56 -1.91
CA ALA A 92 -14.50 20.44 -3.36
C ALA A 92 -15.09 19.10 -3.77
N ALA A 93 -14.87 18.09 -2.91
CA ALA A 93 -15.40 16.74 -3.09
C ALA A 93 -14.74 16.02 -4.27
N GLN A 94 -14.91 16.54 -5.47
CA GLN A 94 -14.36 15.95 -6.67
C GLN A 94 -14.32 16.97 -7.79
N LYS A 95 -13.29 16.89 -8.63
CA LYS A 95 -13.13 17.80 -9.75
C LYS A 95 -14.15 17.48 -10.84
N ARG A 96 -15.25 18.22 -10.82
CA ARG A 96 -16.37 18.04 -11.76
C ARG A 96 -17.09 16.72 -11.52
N LYS A 97 -18.39 16.82 -11.28
CA LYS A 97 -19.22 15.65 -11.09
C LYS A 97 -19.64 15.07 -12.44
N ASN A 98 -18.94 14.02 -12.85
CA ASN A 98 -19.23 13.37 -14.12
C ASN A 98 -20.13 12.16 -13.89
N LYS A 1 -14.09 -6.52 -22.40
CA LYS A 1 -14.36 -5.17 -21.86
C LYS A 1 -13.39 -4.16 -22.48
N PRO A 2 -13.87 -2.95 -22.81
CA PRO A 2 -13.03 -1.92 -23.40
C PRO A 2 -12.08 -1.30 -22.40
N VAL A 3 -11.17 -0.48 -22.90
CA VAL A 3 -10.18 0.16 -22.04
C VAL A 3 -10.49 1.66 -21.92
N SER A 4 -11.73 1.94 -21.53
CA SER A 4 -12.17 3.31 -21.34
C SER A 4 -11.49 3.93 -20.11
N LEU A 5 -10.84 5.07 -20.32
CA LEU A 5 -10.10 5.75 -19.27
C LEU A 5 -9.01 4.84 -18.71
N SER A 6 -7.86 4.82 -19.37
CA SER A 6 -6.74 3.99 -18.95
C SER A 6 -6.02 4.65 -17.77
N TYR A 7 -6.77 4.97 -16.73
CA TYR A 7 -6.22 5.54 -15.51
C TYR A 7 -5.91 4.43 -14.53
N ARG A 8 -4.68 4.39 -14.06
CA ARG A 8 -4.26 3.36 -13.12
C ARG A 8 -4.09 3.95 -11.74
N CYS A 9 -3.82 3.08 -10.78
CA CYS A 9 -3.60 3.48 -9.41
C CYS A 9 -2.26 4.21 -9.26
N PRO A 10 -2.15 5.05 -8.21
CA PRO A 10 -1.03 5.97 -7.96
C PRO A 10 0.32 5.52 -8.50
N CYS A 11 0.78 4.37 -8.06
CA CYS A 11 2.13 3.94 -8.44
C CYS A 11 2.13 3.15 -9.74
N ARG A 12 3.24 3.30 -10.47
CA ARG A 12 3.52 2.52 -11.67
C ARG A 12 3.72 1.05 -11.30
N PHE A 13 4.15 0.25 -12.25
CA PHE A 13 4.26 -1.18 -11.99
C PHE A 13 5.47 -1.45 -11.10
N PHE A 14 5.28 -2.35 -10.16
CA PHE A 14 6.18 -2.48 -9.02
C PHE A 14 7.26 -3.52 -9.29
N GLU A 15 8.26 -3.53 -8.42
CA GLU A 15 9.38 -4.44 -8.56
C GLU A 15 9.15 -5.69 -7.73
N SER A 16 9.04 -6.83 -8.39
CA SER A 16 8.76 -8.07 -7.70
C SER A 16 10.05 -8.81 -7.38
N HIS A 17 11.08 -8.04 -7.03
CA HIS A 17 12.36 -8.61 -6.63
C HIS A 17 12.85 -7.94 -5.36
N ILE A 18 12.10 -6.94 -4.92
CA ILE A 18 12.41 -6.24 -3.68
C ILE A 18 12.27 -7.20 -2.49
N ALA A 19 13.18 -7.08 -1.54
CA ALA A 19 13.20 -7.93 -0.38
C ALA A 19 13.02 -7.12 0.90
N ARG A 20 12.57 -7.81 1.95
CA ARG A 20 12.34 -7.18 3.25
C ARG A 20 13.66 -6.70 3.84
N ALA A 21 14.72 -7.41 3.51
CA ALA A 21 16.04 -7.07 4.00
C ALA A 21 16.69 -6.04 3.11
N ASN A 22 16.11 -5.83 1.95
CA ASN A 22 16.62 -4.87 1.00
C ASN A 22 15.87 -3.56 1.10
N VAL A 23 14.90 -3.51 2.00
CA VAL A 23 14.07 -2.33 2.10
C VAL A 23 14.22 -1.63 3.45
N LYS A 24 14.12 -0.32 3.37
CA LYS A 24 14.10 0.57 4.50
C LYS A 24 12.66 0.96 4.78
N HIS A 25 12.45 2.11 5.43
CA HIS A 25 11.10 2.62 5.73
C HIS A 25 10.11 2.23 4.64
N LEU A 26 9.06 1.51 5.03
CA LEU A 26 8.07 1.06 4.09
C LEU A 26 6.73 1.74 4.39
N LYS A 27 6.07 2.18 3.34
CA LYS A 27 4.85 2.96 3.43
C LYS A 27 3.83 2.45 2.43
N ILE A 28 2.56 2.50 2.79
CA ILE A 28 1.51 2.00 1.91
C ILE A 28 0.57 3.12 1.48
N LEU A 29 0.16 3.08 0.22
CA LEU A 29 -0.73 4.09 -0.34
C LEU A 29 -2.18 3.67 -0.14
N ASN A 30 -2.95 4.53 0.50
CA ASN A 30 -4.38 4.34 0.62
C ASN A 30 -5.06 4.70 -0.70
N THR A 31 -5.27 3.70 -1.54
CA THR A 31 -5.82 3.90 -2.85
C THR A 31 -7.35 3.93 -2.86
N PRO A 32 -7.91 4.32 -4.03
CA PRO A 32 -9.32 4.18 -4.45
C PRO A 32 -10.06 2.92 -3.99
N ASN A 33 -9.37 2.04 -3.27
CA ASN A 33 -9.70 0.61 -3.10
C ASN A 33 -9.03 -0.15 -4.22
N CYS A 34 -7.71 -0.01 -4.23
CA CYS A 34 -6.82 -0.70 -5.13
C CYS A 34 -6.02 -1.70 -4.33
N ALA A 35 -5.22 -2.47 -5.04
CA ALA A 35 -4.19 -3.25 -4.38
C ALA A 35 -3.27 -2.28 -3.66
N LEU A 36 -3.09 -2.49 -2.36
CA LEU A 36 -2.31 -1.59 -1.54
C LEU A 36 -0.95 -1.33 -2.16
N GLN A 37 -0.66 -0.06 -2.43
CA GLN A 37 0.60 0.30 -3.05
C GLN A 37 1.70 0.27 -2.01
N ILE A 38 2.66 -0.61 -2.20
CA ILE A 38 3.73 -0.75 -1.24
C ILE A 38 4.90 0.14 -1.64
N VAL A 39 4.99 1.31 -1.04
CA VAL A 39 6.07 2.24 -1.38
C VAL A 39 7.21 2.09 -0.38
N ALA A 40 8.36 1.75 -0.89
CA ALA A 40 9.48 1.41 -0.07
C ALA A 40 10.72 2.18 -0.46
N ARG A 41 11.57 2.45 0.50
CA ARG A 41 12.86 3.05 0.22
C ARG A 41 13.93 1.99 0.30
N LEU A 42 14.60 1.74 -0.82
CA LEU A 42 15.57 0.65 -0.90
C LEU A 42 16.74 0.87 0.05
N LYS A 43 17.30 -0.22 0.54
CA LYS A 43 18.33 -0.18 1.57
C LYS A 43 19.53 0.66 1.15
N ASN A 44 20.25 0.17 0.14
CA ASN A 44 21.42 0.86 -0.37
C ASN A 44 21.03 1.87 -1.43
N ASN A 45 20.29 1.37 -2.41
CA ASN A 45 19.87 2.15 -3.56
C ASN A 45 19.02 3.36 -3.14
N ASN A 46 18.44 3.27 -1.94
CA ASN A 46 17.70 4.35 -1.27
C ASN A 46 16.64 5.03 -2.14
N ARG A 47 16.25 4.36 -3.20
CA ARG A 47 15.22 4.89 -4.07
C ARG A 47 13.85 4.50 -3.56
N GLN A 48 12.95 5.45 -3.64
CA GLN A 48 11.56 5.21 -3.34
C GLN A 48 10.96 4.37 -4.46
N VAL A 49 10.57 3.17 -4.12
CA VAL A 49 10.13 2.20 -5.11
C VAL A 49 8.85 1.53 -4.63
N CYS A 50 8.11 0.92 -5.53
CA CYS A 50 6.92 0.20 -5.14
C CYS A 50 7.17 -1.30 -5.22
N ILE A 51 6.80 -1.99 -4.16
CA ILE A 51 6.96 -3.43 -4.08
C ILE A 51 5.73 -4.13 -4.64
N ASP A 52 5.94 -5.26 -5.29
CA ASP A 52 4.85 -6.04 -5.83
C ASP A 52 3.98 -6.63 -4.72
N PRO A 53 2.69 -6.27 -4.68
CA PRO A 53 1.76 -6.71 -3.63
C PRO A 53 1.57 -8.22 -3.62
N LYS A 54 2.06 -8.86 -4.67
CA LYS A 54 1.89 -10.30 -4.85
C LYS A 54 3.06 -11.08 -4.29
N LEU A 55 4.13 -10.37 -3.93
CA LEU A 55 5.30 -10.97 -3.32
C LEU A 55 4.91 -11.72 -2.06
N LYS A 56 5.46 -12.93 -1.92
CA LYS A 56 5.08 -13.83 -0.83
C LYS A 56 5.42 -13.26 0.54
N TRP A 57 6.44 -12.42 0.59
CA TRP A 57 6.78 -11.77 1.85
C TRP A 57 5.95 -10.50 2.01
N ILE A 58 5.51 -9.98 0.89
CA ILE A 58 4.67 -8.79 0.85
C ILE A 58 3.26 -9.14 1.30
N GLN A 59 2.79 -10.30 0.92
CA GLN A 59 1.49 -10.80 1.39
C GLN A 59 1.43 -10.79 2.90
N GLU A 60 2.59 -11.00 3.51
CA GLU A 60 2.74 -10.94 4.96
C GLU A 60 2.74 -9.51 5.46
N TYR A 61 3.34 -8.61 4.68
CA TYR A 61 3.34 -7.20 5.03
C TYR A 61 1.95 -6.63 4.77
N LEU A 62 1.31 -7.18 3.77
CA LEU A 62 -0.06 -6.85 3.44
C LEU A 62 -0.93 -7.08 4.65
N GLU A 63 -0.63 -8.16 5.38
CA GLU A 63 -1.28 -8.44 6.64
C GLU A 63 -1.18 -7.23 7.56
N LYS A 64 -0.01 -6.60 7.54
CA LYS A 64 0.27 -5.43 8.35
C LYS A 64 -0.52 -4.24 7.83
N ALA A 65 -0.46 -4.04 6.52
CA ALA A 65 -1.12 -2.93 5.87
C ALA A 65 -2.63 -3.00 6.02
N LEU A 66 -3.12 -4.21 6.23
CA LEU A 66 -4.56 -4.46 6.33
C LEU A 66 -5.06 -4.27 7.75
N ASN A 67 -4.12 -4.11 8.66
CA ASN A 67 -4.41 -3.93 10.08
C ASN A 67 -5.47 -2.85 10.30
N LYS A 68 -5.34 -1.76 9.57
CA LYS A 68 -6.33 -0.69 9.60
C LYS A 68 -6.73 -0.33 8.18
N GLY A 69 -7.94 0.19 8.01
CA GLY A 69 -8.36 0.64 6.71
C GLY A 69 -9.73 0.12 6.32
N ARG A 70 -10.21 -0.86 7.07
CA ARG A 70 -11.51 -1.45 6.80
C ARG A 70 -12.44 -1.27 7.98
N ARG A 71 -13.21 -0.18 7.93
CA ARG A 71 -14.13 0.17 9.01
C ARG A 71 -13.36 0.36 10.32
N GLU A 72 -12.64 1.46 10.40
CA GLU A 72 -11.81 1.75 11.56
C GLU A 72 -12.56 2.65 12.55
N GLU A 73 -13.88 2.71 12.39
CA GLU A 73 -14.74 3.53 13.23
C GLU A 73 -14.34 5.00 13.14
N LYS A 74 -14.77 5.65 12.07
CA LYS A 74 -14.45 7.06 11.85
C LYS A 74 -15.24 7.92 12.83
N VAL A 75 -16.52 7.62 12.95
CA VAL A 75 -17.40 8.31 13.87
C VAL A 75 -18.06 7.34 14.84
N GLY A 76 -17.35 7.04 15.91
CA GLY A 76 -17.90 6.16 16.92
C GLY A 76 -18.48 6.95 18.08
N LYS A 77 -19.81 7.08 18.08
CA LYS A 77 -20.51 7.86 19.08
C LYS A 77 -20.07 9.32 19.00
N LYS A 78 -19.92 9.81 17.78
CA LYS A 78 -19.47 11.17 17.54
C LYS A 78 -20.61 12.15 17.73
N GLU A 79 -20.53 12.93 18.79
CA GLU A 79 -21.57 13.90 19.11
C GLU A 79 -21.18 15.30 18.65
N LYS A 80 -20.32 15.95 19.41
CA LYS A 80 -19.97 17.34 19.14
C LYS A 80 -18.45 17.55 19.13
N ILE A 81 -17.84 17.39 20.29
CA ILE A 81 -16.42 17.66 20.45
C ILE A 81 -15.58 16.44 20.11
N GLY A 82 -14.26 16.59 20.21
CA GLY A 82 -13.38 15.48 19.92
C GLY A 82 -13.30 14.50 21.07
N LYS A 83 -12.47 14.82 22.05
CA LYS A 83 -12.26 13.94 23.19
C LYS A 83 -12.74 14.61 24.48
N LYS A 84 -12.49 15.90 24.60
CA LYS A 84 -12.88 16.64 25.78
C LYS A 84 -12.87 18.13 25.47
N LYS A 85 -13.69 18.91 26.17
CA LYS A 85 -13.85 20.33 25.89
C LYS A 85 -12.52 21.07 25.96
N ARG A 86 -11.92 21.11 27.15
CA ARG A 86 -10.68 21.84 27.36
C ARG A 86 -9.46 20.95 27.07
N GLN A 87 -9.49 20.27 25.94
CA GLN A 87 -8.36 19.48 25.49
C GLN A 87 -7.76 20.12 24.24
N LYS A 88 -6.79 19.43 23.64
CA LYS A 88 -6.12 19.90 22.43
C LYS A 88 -5.32 21.17 22.71
N LYS A 89 -4.02 20.99 22.91
CA LYS A 89 -3.12 22.11 23.13
C LYS A 89 -3.06 22.98 21.88
N ARG A 90 -3.71 24.14 21.95
CA ARG A 90 -3.81 25.05 20.82
C ARG A 90 -2.44 25.44 20.29
N LYS A 91 -1.52 25.72 21.20
CA LYS A 91 -0.15 25.99 20.84
C LYS A 91 0.75 25.89 22.06
N ALA A 92 1.75 25.04 21.97
CA ALA A 92 2.73 24.91 23.04
C ALA A 92 3.82 25.96 22.87
N ALA A 93 3.46 27.21 23.17
CA ALA A 93 4.39 28.31 23.02
C ALA A 93 4.08 29.42 24.03
N GLN A 94 3.09 30.25 23.72
CA GLN A 94 2.75 31.40 24.54
C GLN A 94 3.98 32.27 24.79
N LYS A 95 4.65 32.63 23.69
CA LYS A 95 5.91 33.37 23.73
C LYS A 95 7.02 32.49 24.32
N ARG A 96 7.07 32.42 25.66
CA ARG A 96 7.99 31.53 26.37
C ARG A 96 9.43 31.72 25.92
N LYS A 97 10.09 32.72 26.48
CA LYS A 97 11.50 32.94 26.21
C LYS A 97 12.35 32.24 27.26
N ASN A 98 12.45 32.83 28.43
CA ASN A 98 13.22 32.25 29.52
C ASN A 98 12.55 32.51 30.86
N LYS A 1 5.65 -6.23 -22.75
CA LYS A 1 4.52 -5.69 -21.97
C LYS A 1 3.60 -4.87 -22.87
N PRO A 2 2.30 -5.21 -22.93
CA PRO A 2 1.32 -4.49 -23.75
C PRO A 2 0.98 -3.12 -23.19
N VAL A 3 -0.15 -2.57 -23.63
CA VAL A 3 -0.62 -1.28 -23.14
C VAL A 3 -0.71 -1.27 -21.61
N SER A 4 0.15 -0.47 -20.99
CA SER A 4 0.25 -0.44 -19.54
C SER A 4 -0.61 0.69 -18.96
N LEU A 5 -1.80 0.84 -19.51
CA LEU A 5 -2.75 1.84 -19.04
C LEU A 5 -3.86 1.19 -18.25
N SER A 6 -3.56 0.83 -17.01
CA SER A 6 -4.52 0.17 -16.15
C SER A 6 -5.59 1.13 -15.66
N TYR A 7 -5.25 1.89 -14.66
CA TYR A 7 -6.17 2.86 -14.07
C TYR A 7 -5.41 4.12 -13.66
N ARG A 8 -4.16 4.19 -14.14
CA ARG A 8 -3.19 5.25 -13.82
C ARG A 8 -3.25 5.69 -12.37
N CYS A 9 -3.17 4.70 -11.49
CA CYS A 9 -3.13 4.94 -10.06
C CYS A 9 -1.74 5.45 -9.64
N PRO A 10 -1.68 6.16 -8.49
CA PRO A 10 -0.50 6.85 -7.99
C PRO A 10 0.83 6.21 -8.37
N CYS A 11 1.07 5.01 -7.89
CA CYS A 11 2.30 4.31 -8.23
C CYS A 11 2.14 3.48 -9.49
N ARG A 12 3.19 3.52 -10.32
CA ARG A 12 3.30 2.69 -11.51
C ARG A 12 3.61 1.25 -11.10
N PHE A 13 3.95 0.41 -12.05
CA PHE A 13 4.06 -1.01 -11.79
C PHE A 13 5.33 -1.30 -10.99
N PHE A 14 5.19 -2.19 -10.03
CA PHE A 14 6.13 -2.34 -8.93
C PHE A 14 7.10 -3.49 -9.15
N GLU A 15 8.12 -3.55 -8.31
CA GLU A 15 9.22 -4.50 -8.50
C GLU A 15 8.96 -5.78 -7.71
N SER A 16 8.96 -6.90 -8.43
CA SER A 16 8.72 -8.21 -7.83
C SER A 16 10.04 -8.88 -7.48
N HIS A 17 11.00 -8.08 -7.04
CA HIS A 17 12.32 -8.60 -6.69
C HIS A 17 12.77 -8.04 -5.35
N ILE A 18 12.09 -7.01 -4.87
CA ILE A 18 12.48 -6.35 -3.63
C ILE A 18 12.30 -7.29 -2.43
N ALA A 19 13.30 -7.30 -1.58
CA ALA A 19 13.30 -8.14 -0.39
C ALA A 19 13.13 -7.29 0.86
N ARG A 20 12.73 -7.92 1.96
CA ARG A 20 12.60 -7.24 3.22
C ARG A 20 13.94 -6.69 3.67
N ALA A 21 14.97 -7.46 3.40
CA ALA A 21 16.34 -7.10 3.72
C ALA A 21 16.87 -6.05 2.78
N ASN A 22 16.10 -5.74 1.75
CA ASN A 22 16.51 -4.75 0.79
C ASN A 22 15.76 -3.46 1.00
N VAL A 23 14.72 -3.51 1.82
CA VAL A 23 13.88 -2.35 2.00
C VAL A 23 14.13 -1.65 3.33
N LYS A 24 14.05 -0.34 3.24
CA LYS A 24 14.07 0.56 4.37
C LYS A 24 12.64 0.91 4.72
N HIS A 25 12.48 2.07 5.37
CA HIS A 25 11.16 2.62 5.68
C HIS A 25 10.13 2.30 4.59
N LEU A 26 9.12 1.53 4.97
CA LEU A 26 8.10 1.09 4.04
C LEU A 26 6.75 1.72 4.38
N LYS A 27 6.06 2.19 3.35
CA LYS A 27 4.79 2.89 3.50
C LYS A 27 3.80 2.36 2.46
N ILE A 28 2.54 2.28 2.83
CA ILE A 28 1.52 1.79 1.89
C ILE A 28 0.59 2.92 1.47
N LEU A 29 0.37 3.02 0.18
CA LEU A 29 -0.47 4.06 -0.38
C LEU A 29 -1.91 3.59 -0.49
N ASN A 30 -2.82 4.39 0.05
CA ASN A 30 -4.23 4.13 -0.10
C ASN A 30 -4.76 4.80 -1.36
N THR A 31 -4.80 4.03 -2.42
CA THR A 31 -5.19 4.52 -3.71
C THR A 31 -6.68 4.79 -3.86
N PRO A 32 -7.02 5.47 -4.99
CA PRO A 32 -8.37 5.66 -5.59
C PRO A 32 -9.40 4.54 -5.41
N ASN A 33 -8.98 3.43 -4.80
CA ASN A 33 -9.53 2.10 -5.02
C ASN A 33 -8.75 1.43 -6.16
N CYS A 34 -7.49 1.20 -5.80
CA CYS A 34 -6.54 0.40 -6.53
C CYS A 34 -5.89 -0.53 -5.52
N ALA A 35 -5.02 -1.41 -5.97
CA ALA A 35 -4.32 -2.30 -5.05
C ALA A 35 -3.54 -1.48 -4.01
N LEU A 36 -3.28 -2.08 -2.87
CA LEU A 36 -2.50 -1.45 -1.83
C LEU A 36 -1.06 -1.34 -2.30
N GLN A 37 -0.64 -0.13 -2.61
CA GLN A 37 0.65 0.10 -3.22
C GLN A 37 1.73 0.24 -2.15
N ILE A 38 2.70 -0.65 -2.23
CA ILE A 38 3.75 -0.74 -1.22
C ILE A 38 4.91 0.17 -1.60
N VAL A 39 4.97 1.36 -1.02
CA VAL A 39 6.03 2.31 -1.37
C VAL A 39 7.19 2.18 -0.40
N ALA A 40 8.33 1.84 -0.94
CA ALA A 40 9.48 1.47 -0.15
C ALA A 40 10.69 2.30 -0.52
N ARG A 41 11.53 2.59 0.46
CA ARG A 41 12.82 3.16 0.16
C ARG A 41 13.87 2.07 0.26
N LEU A 42 14.59 1.85 -0.82
CA LEU A 42 15.55 0.76 -0.87
C LEU A 42 16.73 1.01 0.03
N LYS A 43 17.21 -0.06 0.64
CA LYS A 43 18.33 -0.01 1.54
C LYS A 43 19.63 0.26 0.78
N ASN A 44 19.80 -0.43 -0.33
CA ASN A 44 21.01 -0.30 -1.13
C ASN A 44 20.90 0.89 -2.08
N ASN A 45 19.79 0.96 -2.80
CA ASN A 45 19.60 1.99 -3.82
C ASN A 45 19.25 3.34 -3.19
N ASN A 46 18.58 3.30 -2.03
CA ASN A 46 18.15 4.52 -1.31
C ASN A 46 16.94 5.17 -2.00
N ARG A 47 16.57 4.65 -3.16
CA ARG A 47 15.46 5.21 -3.93
C ARG A 47 14.13 4.77 -3.34
N GLN A 48 13.11 5.53 -3.67
CA GLN A 48 11.75 5.14 -3.37
C GLN A 48 11.18 4.34 -4.54
N VAL A 49 10.60 3.20 -4.21
CA VAL A 49 10.12 2.26 -5.22
C VAL A 49 8.88 1.58 -4.67
N CYS A 50 8.13 0.88 -5.50
CA CYS A 50 7.01 0.12 -5.02
C CYS A 50 7.33 -1.37 -5.02
N ILE A 51 7.00 -2.01 -3.91
CA ILE A 51 7.15 -3.44 -3.79
C ILE A 51 5.91 -4.12 -4.37
N ASP A 52 6.11 -5.22 -5.07
CA ASP A 52 5.02 -5.97 -5.66
C ASP A 52 4.15 -6.58 -4.56
N PRO A 53 2.84 -6.25 -4.53
CA PRO A 53 1.91 -6.76 -3.53
C PRO A 53 1.77 -8.28 -3.60
N LYS A 54 2.26 -8.84 -4.69
CA LYS A 54 2.16 -10.27 -4.95
C LYS A 54 3.30 -11.05 -4.33
N LEU A 55 4.33 -10.32 -3.89
CA LEU A 55 5.46 -10.91 -3.22
C LEU A 55 5.00 -11.65 -1.96
N LYS A 56 5.50 -12.86 -1.80
CA LYS A 56 5.03 -13.74 -0.73
C LYS A 56 5.37 -13.19 0.64
N TRP A 57 6.43 -12.39 0.73
CA TRP A 57 6.76 -11.74 2.00
C TRP A 57 5.92 -10.48 2.15
N ILE A 58 5.49 -9.95 1.01
CA ILE A 58 4.65 -8.77 0.97
C ILE A 58 3.22 -9.09 1.34
N GLN A 59 2.72 -10.22 0.88
CA GLN A 59 1.38 -10.70 1.23
C GLN A 59 1.23 -10.75 2.74
N GLU A 60 2.30 -11.09 3.41
CA GLU A 60 2.34 -11.11 4.86
C GLU A 60 2.20 -9.70 5.42
N TYR A 61 2.90 -8.76 4.78
CA TYR A 61 2.89 -7.37 5.20
C TYR A 61 1.53 -6.77 4.84
N LEU A 62 1.02 -7.24 3.70
CA LEU A 62 -0.26 -6.83 3.16
C LEU A 62 -1.36 -7.01 4.19
N GLU A 63 -1.30 -8.11 4.91
CA GLU A 63 -2.27 -8.38 5.96
C GLU A 63 -2.36 -7.22 6.94
N LYS A 64 -1.20 -6.70 7.30
CA LYS A 64 -1.11 -5.55 8.20
C LYS A 64 -1.60 -4.30 7.50
N ALA A 65 -1.18 -4.15 6.25
CA ALA A 65 -1.53 -3.00 5.44
C ALA A 65 -3.02 -2.89 5.26
N LEU A 66 -3.69 -4.03 5.35
CA LEU A 66 -5.15 -4.07 5.20
C LEU A 66 -5.84 -3.90 6.54
N ASN A 67 -5.15 -4.32 7.58
CA ASN A 67 -5.70 -4.26 8.93
C ASN A 67 -5.46 -2.91 9.59
N LYS A 68 -4.39 -2.24 9.19
CA LYS A 68 -4.01 -0.98 9.79
C LYS A 68 -3.82 0.09 8.72
N GLY A 69 -4.15 1.33 9.08
CA GLY A 69 -3.97 2.44 8.17
C GLY A 69 -4.94 3.56 8.46
N ARG A 70 -6.22 3.22 8.52
CA ARG A 70 -7.27 4.20 8.76
C ARG A 70 -7.88 3.99 10.14
N ARG A 71 -8.23 5.11 10.78
CA ARG A 71 -8.86 5.10 12.11
C ARG A 71 -7.97 4.46 13.16
N GLU A 72 -7.18 5.30 13.82
CA GLU A 72 -6.27 4.88 14.88
C GLU A 72 -5.27 3.82 14.37
N GLU A 73 -4.34 4.26 13.56
CA GLU A 73 -3.25 3.39 13.15
C GLU A 73 -2.21 3.35 14.27
N LYS A 74 -2.14 4.45 15.01
CA LYS A 74 -1.26 4.55 16.17
C LYS A 74 -2.10 4.65 17.44
N VAL A 75 -2.01 3.62 18.27
CA VAL A 75 -2.72 3.59 19.54
C VAL A 75 -1.86 4.26 20.61
N GLY A 76 -2.47 5.10 21.44
CA GLY A 76 -1.72 5.79 22.46
C GLY A 76 -2.58 6.43 23.53
N LYS A 77 -3.73 6.97 23.11
CA LYS A 77 -4.62 7.73 24.01
C LYS A 77 -3.97 9.07 24.36
N LYS A 78 -3.09 9.06 25.35
CA LYS A 78 -2.26 10.23 25.63
C LYS A 78 -1.02 10.13 24.78
N GLU A 79 -1.19 10.41 23.50
CA GLU A 79 -0.15 10.20 22.50
C GLU A 79 1.10 11.02 22.79
N LYS A 80 2.25 10.44 22.48
CA LYS A 80 3.53 11.07 22.72
C LYS A 80 4.38 11.06 21.45
N ILE A 81 4.11 10.12 20.57
CA ILE A 81 4.87 9.96 19.33
C ILE A 81 4.14 10.67 18.19
N GLY A 82 2.83 10.55 18.19
CA GLY A 82 2.02 11.22 17.18
C GLY A 82 1.90 12.70 17.43
N LYS A 83 1.55 13.46 16.41
CA LYS A 83 1.48 14.90 16.52
C LYS A 83 0.04 15.35 16.82
N LYS A 84 -0.85 15.18 15.83
CA LYS A 84 -2.25 15.56 15.99
C LYS A 84 -2.88 14.80 17.15
N LYS A 85 -2.75 13.48 17.12
CA LYS A 85 -3.29 12.62 18.17
C LYS A 85 -2.97 11.17 17.86
N ARG A 86 -3.16 10.80 16.59
CA ARG A 86 -2.84 9.44 16.14
C ARG A 86 -2.07 9.51 14.83
N GLN A 87 -1.96 10.71 14.28
CA GLN A 87 -1.28 10.93 13.01
C GLN A 87 0.02 11.69 13.24
N LYS A 88 0.94 11.57 12.28
CA LYS A 88 2.21 12.28 12.32
C LYS A 88 2.80 12.31 10.92
N LYS A 89 3.77 13.20 10.71
CA LYS A 89 4.32 13.44 9.37
C LYS A 89 5.29 12.35 8.93
N ARG A 90 5.33 11.26 9.69
CA ARG A 90 6.13 10.10 9.31
C ARG A 90 5.27 9.10 8.53
N LYS A 91 3.97 9.35 8.51
CA LYS A 91 3.04 8.46 7.83
C LYS A 91 2.86 8.86 6.37
N ALA A 92 2.40 10.08 6.15
CA ALA A 92 2.16 10.56 4.80
C ALA A 92 2.68 11.98 4.62
N ALA A 93 3.97 12.12 4.47
CA ALA A 93 4.58 13.42 4.25
C ALA A 93 4.57 13.77 2.77
N GLN A 94 5.15 12.89 1.97
CA GLN A 94 5.23 13.08 0.53
C GLN A 94 4.24 12.15 -0.17
N LYS A 95 3.17 11.82 0.54
CA LYS A 95 2.12 10.96 0.00
C LYS A 95 0.76 11.52 0.37
N ARG A 96 -0.18 11.43 -0.56
CA ARG A 96 -1.48 12.06 -0.39
C ARG A 96 -2.47 11.15 0.32
N LYS A 97 -3.09 11.67 1.36
CA LYS A 97 -4.16 11.00 2.07
C LYS A 97 -5.02 12.04 2.77
N ASN A 98 -6.03 11.59 3.50
CA ASN A 98 -6.81 12.50 4.33
C ASN A 98 -6.08 12.70 5.65
N LYS A 1 3.75 -6.44 -16.78
CA LYS A 1 2.88 -5.44 -17.45
C LYS A 1 1.42 -5.66 -17.04
N PRO A 2 0.74 -4.60 -16.58
CA PRO A 2 -0.68 -4.67 -16.23
C PRO A 2 -1.55 -5.09 -17.42
N VAL A 3 -2.57 -5.87 -17.14
CA VAL A 3 -3.46 -6.36 -18.18
C VAL A 3 -4.71 -5.49 -18.26
N SER A 4 -4.70 -4.56 -19.21
CA SER A 4 -5.83 -3.65 -19.42
C SER A 4 -6.17 -2.89 -18.15
N LEU A 5 -5.14 -2.34 -17.52
CA LEU A 5 -5.32 -1.63 -16.26
C LEU A 5 -4.72 -0.24 -16.34
N SER A 6 -3.41 -0.17 -16.61
CA SER A 6 -2.68 1.07 -16.59
C SER A 6 -2.95 1.86 -15.31
N TYR A 7 -2.30 1.46 -14.23
CA TYR A 7 -2.50 2.09 -12.93
C TYR A 7 -2.06 3.55 -13.00
N ARG A 8 -3.03 4.43 -12.96
CA ARG A 8 -2.77 5.87 -12.95
C ARG A 8 -2.83 6.36 -11.52
N CYS A 9 -2.23 5.59 -10.66
CA CYS A 9 -2.23 5.82 -9.24
C CYS A 9 -0.86 6.29 -8.78
N PRO A 10 -0.77 6.91 -7.59
CA PRO A 10 0.45 7.44 -7.00
C PRO A 10 1.72 6.63 -7.30
N CYS A 11 1.66 5.33 -7.09
CA CYS A 11 2.83 4.49 -7.23
C CYS A 11 3.00 3.99 -8.66
N ARG A 12 4.25 3.83 -9.04
CA ARG A 12 4.62 3.24 -10.32
C ARG A 12 4.41 1.74 -10.25
N PHE A 13 4.80 1.01 -11.29
CA PHE A 13 4.55 -0.41 -11.33
C PHE A 13 5.55 -1.12 -10.42
N PHE A 14 5.09 -2.19 -9.80
CA PHE A 14 5.76 -2.77 -8.67
C PHE A 14 6.89 -3.70 -9.07
N GLU A 15 7.96 -3.67 -8.29
CA GLU A 15 9.11 -4.53 -8.51
C GLU A 15 9.00 -5.79 -7.66
N SER A 16 9.09 -6.93 -8.29
CA SER A 16 9.02 -8.20 -7.59
C SER A 16 10.42 -8.73 -7.32
N HIS A 17 11.32 -7.81 -7.01
CA HIS A 17 12.68 -8.16 -6.60
C HIS A 17 13.07 -7.39 -5.37
N ILE A 18 12.13 -6.60 -4.86
CA ILE A 18 12.35 -5.85 -3.65
C ILE A 18 12.25 -6.78 -2.44
N ALA A 19 13.31 -6.80 -1.66
CA ALA A 19 13.44 -7.71 -0.55
C ALA A 19 13.26 -6.98 0.77
N ARG A 20 12.76 -7.72 1.77
CA ARG A 20 12.57 -7.17 3.11
C ARG A 20 13.90 -6.79 3.73
N ALA A 21 14.96 -7.43 3.25
CA ALA A 21 16.29 -7.19 3.74
C ALA A 21 16.98 -6.08 2.98
N ASN A 22 16.38 -5.66 1.87
CA ASN A 22 16.92 -4.57 1.09
C ASN A 22 16.03 -3.36 1.15
N VAL A 23 14.99 -3.42 1.95
CA VAL A 23 14.09 -2.31 2.06
C VAL A 23 14.27 -1.53 3.36
N LYS A 24 14.03 -0.26 3.25
CA LYS A 24 14.02 0.68 4.35
C LYS A 24 12.57 1.00 4.71
N HIS A 25 12.39 2.14 5.36
CA HIS A 25 11.10 2.65 5.77
C HIS A 25 10.02 2.28 4.75
N LEU A 26 9.11 1.39 5.13
CA LEU A 26 8.09 0.94 4.23
C LEU A 26 6.76 1.63 4.51
N LYS A 27 6.19 2.20 3.46
CA LYS A 27 4.96 2.99 3.56
C LYS A 27 3.92 2.44 2.60
N ILE A 28 2.68 2.47 3.02
CA ILE A 28 1.57 2.08 2.17
C ILE A 28 0.76 3.30 1.78
N LEU A 29 0.60 3.51 0.48
CA LEU A 29 -0.13 4.66 0.00
C LEU A 29 -1.62 4.37 -0.02
N ASN A 30 -2.36 5.15 0.74
CA ASN A 30 -3.81 5.09 0.71
C ASN A 30 -4.31 5.68 -0.60
N THR A 31 -4.51 4.84 -1.58
CA THR A 31 -4.89 5.27 -2.89
C THR A 31 -6.40 5.43 -3.06
N PRO A 32 -6.77 6.04 -4.20
CA PRO A 32 -8.13 6.20 -4.73
C PRO A 32 -9.03 4.96 -4.62
N ASN A 33 -8.47 3.87 -4.07
CA ASN A 33 -8.97 2.51 -4.18
C ASN A 33 -8.38 1.88 -5.42
N CYS A 34 -7.06 1.94 -5.43
CA CYS A 34 -6.23 1.28 -6.40
C CYS A 34 -5.72 0.01 -5.75
N ALA A 35 -5.05 -0.84 -6.49
CA ALA A 35 -4.31 -1.92 -5.87
C ALA A 35 -3.35 -1.31 -4.87
N LEU A 36 -3.58 -1.56 -3.58
CA LEU A 36 -2.78 -1.01 -2.50
C LEU A 36 -1.30 -0.96 -2.86
N GLN A 37 -0.70 0.19 -2.63
CA GLN A 37 0.63 0.44 -3.13
C GLN A 37 1.62 0.53 -2.00
N ILE A 38 2.55 -0.40 -2.03
CA ILE A 38 3.55 -0.56 -1.01
C ILE A 38 4.82 0.18 -1.43
N VAL A 39 5.02 1.39 -0.91
CA VAL A 39 6.11 2.24 -1.37
C VAL A 39 7.31 2.08 -0.43
N ALA A 40 8.45 1.72 -1.01
CA ALA A 40 9.59 1.34 -0.22
C ALA A 40 10.85 2.04 -0.66
N ARG A 41 11.65 2.45 0.29
CA ARG A 41 12.97 2.98 -0.02
C ARG A 41 13.98 1.88 0.11
N LEU A 42 14.80 1.70 -0.90
CA LEU A 42 15.79 0.63 -0.87
C LEU A 42 16.92 0.94 0.10
N LYS A 43 17.53 -0.11 0.61
CA LYS A 43 18.60 0.00 1.59
C LYS A 43 19.90 0.39 0.93
N ASN A 44 20.27 -0.34 -0.11
CA ASN A 44 21.51 -0.07 -0.83
C ASN A 44 21.32 1.05 -1.83
N ASN A 45 20.28 0.92 -2.64
CA ASN A 45 20.02 1.89 -3.70
C ASN A 45 19.52 3.21 -3.11
N ASN A 46 18.75 3.11 -2.02
CA ASN A 46 18.17 4.26 -1.33
C ASN A 46 17.10 4.95 -2.16
N ARG A 47 16.67 4.31 -3.24
CA ARG A 47 15.63 4.86 -4.08
C ARG A 47 14.26 4.47 -3.55
N GLN A 48 13.27 5.25 -3.92
CA GLN A 48 11.89 4.96 -3.59
C GLN A 48 11.32 4.05 -4.68
N VAL A 49 10.66 2.99 -4.25
CA VAL A 49 10.08 2.02 -5.19
C VAL A 49 8.69 1.65 -4.73
N CYS A 50 8.09 0.74 -5.45
CA CYS A 50 6.82 0.17 -5.09
C CYS A 50 6.96 -1.35 -5.11
N ILE A 51 6.68 -1.99 -3.98
CA ILE A 51 6.86 -3.42 -3.85
C ILE A 51 5.68 -4.16 -4.46
N ASP A 52 5.97 -5.27 -5.14
CA ASP A 52 4.92 -6.09 -5.75
C ASP A 52 4.04 -6.71 -4.69
N PRO A 53 2.72 -6.46 -4.77
CA PRO A 53 1.75 -6.91 -3.78
C PRO A 53 1.64 -8.44 -3.70
N LYS A 54 2.12 -9.10 -4.74
CA LYS A 54 2.01 -10.55 -4.83
C LYS A 54 3.25 -11.24 -4.29
N LEU A 55 4.24 -10.44 -3.90
CA LEU A 55 5.42 -10.96 -3.24
C LEU A 55 5.03 -11.71 -1.98
N LYS A 56 5.60 -12.89 -1.80
CA LYS A 56 5.21 -13.80 -0.74
C LYS A 56 5.45 -13.19 0.64
N TRP A 57 6.43 -12.31 0.75
CA TRP A 57 6.67 -11.64 2.01
C TRP A 57 5.77 -10.41 2.14
N ILE A 58 5.34 -9.92 0.99
CA ILE A 58 4.46 -8.76 0.93
C ILE A 58 3.03 -9.14 1.27
N GLN A 59 2.59 -10.31 0.81
CA GLN A 59 1.27 -10.83 1.16
C GLN A 59 1.08 -10.86 2.66
N GLU A 60 2.18 -11.13 3.35
CA GLU A 60 2.19 -11.14 4.81
C GLU A 60 2.08 -9.71 5.34
N TYR A 61 2.72 -8.78 4.66
CA TYR A 61 2.68 -7.38 5.06
C TYR A 61 1.31 -6.81 4.71
N LEU A 62 0.78 -7.32 3.60
CA LEU A 62 -0.52 -6.94 3.10
C LEU A 62 -1.58 -7.11 4.15
N GLU A 63 -1.47 -8.19 4.90
CA GLU A 63 -2.39 -8.45 5.98
C GLU A 63 -2.51 -7.26 6.92
N LYS A 64 -1.37 -6.65 7.19
CA LYS A 64 -1.31 -5.44 8.01
C LYS A 64 -1.86 -4.25 7.25
N ALA A 65 -1.46 -4.14 5.99
CA ALA A 65 -1.88 -3.05 5.13
C ALA A 65 -3.38 -3.06 4.91
N LEU A 66 -3.94 -4.24 4.90
CA LEU A 66 -5.37 -4.43 4.67
C LEU A 66 -6.14 -4.42 5.98
N ASN A 67 -5.42 -4.80 7.04
CA ASN A 67 -5.90 -4.93 8.43
C ASN A 67 -7.41 -4.81 8.60
N LYS A 68 -7.99 -5.93 9.00
CA LYS A 68 -9.42 -6.03 9.23
C LYS A 68 -9.93 -4.94 10.18
N GLY A 69 -11.13 -4.48 9.89
CA GLY A 69 -11.74 -3.46 10.72
C GLY A 69 -11.86 -2.14 10.00
N ARG A 70 -11.56 -1.05 10.69
CA ARG A 70 -11.59 0.28 10.09
C ARG A 70 -10.42 1.11 10.60
N ARG A 71 -9.32 1.09 9.88
CA ARG A 71 -8.17 1.90 10.22
C ARG A 71 -8.24 3.22 9.46
N GLU A 72 -9.29 3.99 9.70
CA GLU A 72 -9.49 5.25 9.01
C GLU A 72 -10.31 6.20 9.87
N GLU A 73 -10.33 7.46 9.48
CA GLU A 73 -11.10 8.48 10.19
C GLU A 73 -11.89 9.32 9.20
N LYS A 74 -12.40 8.67 8.16
CA LYS A 74 -13.10 9.37 7.09
C LYS A 74 -14.59 9.44 7.39
N VAL A 75 -15.09 8.43 8.08
CA VAL A 75 -16.46 8.44 8.54
C VAL A 75 -16.53 8.72 10.04
N GLY A 76 -17.48 9.55 10.44
CA GLY A 76 -17.64 9.87 11.84
C GLY A 76 -18.63 8.94 12.52
N LYS A 77 -18.27 7.65 12.56
CA LYS A 77 -19.11 6.60 13.16
C LYS A 77 -20.35 6.34 12.30
N LYS A 78 -21.23 7.32 12.23
CA LYS A 78 -22.45 7.19 11.44
C LYS A 78 -22.55 8.34 10.45
N GLU A 79 -22.53 7.99 9.16
CA GLU A 79 -22.60 8.99 8.11
C GLU A 79 -24.06 9.31 7.77
N LYS A 80 -24.37 10.60 7.68
CA LYS A 80 -25.72 11.08 7.40
C LYS A 80 -26.70 10.62 8.48
N ILE A 81 -26.83 11.44 9.52
CA ILE A 81 -27.69 11.10 10.64
C ILE A 81 -29.16 11.33 10.31
N GLY A 82 -29.86 10.25 9.98
CA GLY A 82 -31.26 10.34 9.68
C GLY A 82 -32.11 10.03 10.89
N LYS A 83 -31.45 9.69 11.99
CA LYS A 83 -32.13 9.41 13.25
C LYS A 83 -32.89 10.64 13.73
N LYS A 84 -32.31 11.80 13.49
CA LYS A 84 -32.92 13.06 13.87
C LYS A 84 -32.40 14.17 12.96
N LYS A 85 -33.27 14.68 12.10
CA LYS A 85 -32.87 15.75 11.18
C LYS A 85 -32.93 17.11 11.87
N ARG A 86 -32.70 17.09 13.18
CA ARG A 86 -32.63 18.29 14.02
C ARG A 86 -33.88 19.16 13.86
N GLN A 87 -33.78 20.16 13.00
CA GLN A 87 -34.90 21.05 12.72
C GLN A 87 -34.73 21.64 11.33
N LYS A 88 -34.00 20.93 10.49
CA LYS A 88 -33.66 21.43 9.16
C LYS A 88 -33.73 20.30 8.14
N LYS A 89 -34.05 20.66 6.90
CA LYS A 89 -34.03 19.70 5.81
C LYS A 89 -32.67 19.75 5.14
N ARG A 90 -32.49 20.70 4.23
CA ARG A 90 -31.21 20.94 3.56
C ARG A 90 -30.59 19.67 3.00
N LYS A 91 -31.43 18.74 2.57
CA LYS A 91 -30.94 17.51 1.96
C LYS A 91 -30.75 17.73 0.47
N ALA A 92 -31.50 18.70 -0.05
CA ALA A 92 -31.33 19.15 -1.42
C ALA A 92 -30.39 20.34 -1.45
N ALA A 93 -29.66 20.52 -0.35
CA ALA A 93 -28.72 21.61 -0.23
C ALA A 93 -27.30 21.07 -0.04
N GLN A 94 -27.00 19.99 -0.75
CA GLN A 94 -25.67 19.41 -0.75
C GLN A 94 -24.66 20.44 -1.26
N LYS A 95 -23.49 20.48 -0.65
CA LYS A 95 -22.51 21.50 -0.98
C LYS A 95 -21.73 21.11 -2.24
N ARG A 96 -22.43 21.17 -3.37
CA ARG A 96 -21.91 20.88 -4.72
C ARG A 96 -21.12 19.55 -4.81
N LYS A 97 -19.88 19.52 -4.30
CA LYS A 97 -18.98 18.36 -4.44
C LYS A 97 -18.55 18.17 -5.89
N ASN A 98 -17.25 17.88 -6.06
CA ASN A 98 -16.66 17.67 -7.38
C ASN A 98 -16.78 18.93 -8.24
N LYS A 1 0.02 23.73 -7.69
CA LYS A 1 0.95 22.58 -7.85
C LYS A 1 0.20 21.37 -8.38
N PRO A 2 0.45 21.01 -9.65
CA PRO A 2 -0.23 19.87 -10.30
C PRO A 2 0.33 18.54 -9.82
N VAL A 3 -0.37 17.47 -10.18
CA VAL A 3 0.06 16.12 -9.81
C VAL A 3 0.40 15.32 -11.06
N SER A 4 1.66 14.95 -11.21
CA SER A 4 2.11 14.20 -12.37
C SER A 4 1.87 12.71 -12.20
N LEU A 5 1.06 12.37 -11.21
CA LEU A 5 0.65 11.00 -10.96
C LEU A 5 -0.85 10.87 -11.16
N SER A 6 -1.37 11.60 -12.13
CA SER A 6 -2.79 11.53 -12.46
C SER A 6 -3.03 10.32 -13.34
N TYR A 7 -1.96 9.86 -13.94
CA TYR A 7 -1.96 8.62 -14.68
C TYR A 7 -1.75 7.48 -13.70
N ARG A 8 -2.50 6.40 -13.88
CA ARG A 8 -2.51 5.25 -12.97
C ARG A 8 -2.71 5.69 -11.51
N CYS A 9 -2.59 4.76 -10.61
CA CYS A 9 -2.62 5.07 -9.20
C CYS A 9 -1.23 5.56 -8.76
N PRO A 10 -1.20 6.40 -7.70
CA PRO A 10 0.01 7.07 -7.17
C PRO A 10 1.33 6.29 -7.29
N CYS A 11 1.28 4.98 -7.05
CA CYS A 11 2.50 4.18 -7.10
C CYS A 11 2.75 3.68 -8.51
N ARG A 12 4.03 3.69 -8.88
CA ARG A 12 4.48 3.20 -10.17
C ARG A 12 4.37 1.68 -10.22
N PHE A 13 4.88 1.07 -11.27
CA PHE A 13 4.73 -0.36 -11.44
C PHE A 13 5.70 -1.08 -10.51
N PHE A 14 5.21 -2.15 -9.92
CA PHE A 14 5.85 -2.75 -8.77
C PHE A 14 7.00 -3.66 -9.17
N GLU A 15 8.07 -3.59 -8.39
CA GLU A 15 9.24 -4.43 -8.61
C GLU A 15 9.12 -5.70 -7.80
N SER A 16 9.09 -6.83 -8.47
CA SER A 16 9.01 -8.11 -7.80
C SER A 16 10.40 -8.64 -7.46
N HIS A 17 11.28 -7.73 -7.09
CA HIS A 17 12.65 -8.08 -6.71
C HIS A 17 12.99 -7.48 -5.36
N ILE A 18 12.15 -6.57 -4.89
CA ILE A 18 12.36 -5.89 -3.63
C ILE A 18 12.22 -6.87 -2.47
N ALA A 19 13.14 -6.78 -1.53
CA ALA A 19 13.17 -7.67 -0.38
C ALA A 19 13.04 -6.89 0.91
N ARG A 20 12.46 -7.53 1.93
CA ARG A 20 12.30 -6.93 3.24
C ARG A 20 13.64 -6.67 3.89
N ALA A 21 14.63 -7.43 3.48
CA ALA A 21 15.97 -7.29 4.00
C ALA A 21 16.72 -6.19 3.29
N ASN A 22 16.22 -5.83 2.11
CA ASN A 22 16.85 -4.80 1.31
C ASN A 22 16.06 -3.51 1.33
N VAL A 23 14.98 -3.49 2.10
CA VAL A 23 14.14 -2.31 2.14
C VAL A 23 14.32 -1.51 3.43
N LYS A 24 14.14 -0.22 3.26
CA LYS A 24 14.11 0.74 4.35
C LYS A 24 12.67 1.07 4.68
N HIS A 25 12.47 2.22 5.30
CA HIS A 25 11.14 2.71 5.69
C HIS A 25 10.09 2.31 4.65
N LEU A 26 9.23 1.38 5.03
CA LEU A 26 8.18 0.93 4.13
C LEU A 26 6.90 1.70 4.39
N LYS A 27 6.38 2.27 3.34
CA LYS A 27 5.23 3.17 3.40
C LYS A 27 4.10 2.62 2.54
N ILE A 28 2.88 2.80 3.01
CA ILE A 28 1.71 2.38 2.25
C ILE A 28 0.89 3.60 1.86
N LEU A 29 0.90 3.91 0.57
CA LEU A 29 0.22 5.09 0.05
C LEU A 29 -1.28 4.96 0.21
N ASN A 30 -1.87 5.92 0.92
CA ASN A 30 -3.32 6.00 1.00
C ASN A 30 -3.89 6.44 -0.34
N THR A 31 -4.24 5.47 -1.17
CA THR A 31 -4.73 5.74 -2.49
C THR A 31 -6.19 6.20 -2.54
N PRO A 32 -6.58 6.72 -3.73
CA PRO A 32 -7.97 7.05 -4.14
C PRO A 32 -9.04 5.99 -3.79
N ASN A 33 -8.61 4.87 -3.22
CA ASN A 33 -9.30 3.56 -3.25
C ASN A 33 -8.78 2.74 -4.45
N CYS A 34 -7.46 2.75 -4.52
CA CYS A 34 -6.68 1.84 -5.34
C CYS A 34 -6.20 0.74 -4.43
N ALA A 35 -5.55 -0.28 -4.97
CA ALA A 35 -4.88 -1.26 -4.13
C ALA A 35 -3.93 -0.55 -3.19
N LEU A 36 -3.72 -1.13 -2.03
CA LEU A 36 -2.82 -0.57 -1.05
C LEU A 36 -1.42 -0.53 -1.60
N GLN A 37 -0.94 0.68 -1.83
CA GLN A 37 0.34 0.87 -2.49
C GLN A 37 1.48 0.70 -1.52
N ILE A 38 2.31 -0.29 -1.75
CA ILE A 38 3.43 -0.53 -0.90
C ILE A 38 4.68 0.13 -1.46
N VAL A 39 5.01 1.31 -0.95
CA VAL A 39 6.11 2.11 -1.47
C VAL A 39 7.32 1.98 -0.54
N ALA A 40 8.47 1.64 -1.10
CA ALA A 40 9.62 1.26 -0.29
C ALA A 40 10.88 1.99 -0.71
N ARG A 41 11.69 2.38 0.26
CA ARG A 41 12.99 2.97 -0.04
C ARG A 41 14.04 1.89 0.09
N LEU A 42 14.85 1.70 -0.94
CA LEU A 42 15.85 0.64 -0.91
C LEU A 42 16.97 0.93 0.08
N LYS A 43 17.46 -0.13 0.70
CA LYS A 43 18.41 -0.03 1.82
C LYS A 43 19.60 0.86 1.51
N ASN A 44 20.41 0.43 0.55
CA ASN A 44 21.58 1.20 0.16
C ASN A 44 21.23 2.25 -0.89
N ASN A 45 20.42 1.83 -1.85
CA ASN A 45 20.15 2.64 -3.04
C ASN A 45 19.30 3.87 -2.69
N ASN A 46 18.47 3.72 -1.66
CA ASN A 46 17.65 4.80 -1.12
C ASN A 46 16.58 5.26 -2.12
N ARG A 47 16.46 4.59 -3.24
CA ARG A 47 15.42 4.90 -4.20
C ARG A 47 14.08 4.43 -3.69
N GLN A 48 13.08 5.27 -3.85
CA GLN A 48 11.72 4.94 -3.48
C GLN A 48 11.07 4.13 -4.60
N VAL A 49 10.58 2.96 -4.25
CA VAL A 49 10.01 2.01 -5.20
C VAL A 49 8.63 1.59 -4.77
N CYS A 50 8.02 0.75 -5.56
CA CYS A 50 6.75 0.15 -5.21
C CYS A 50 6.93 -1.36 -5.20
N ILE A 51 6.61 -1.99 -4.08
CA ILE A 51 6.81 -3.43 -3.93
C ILE A 51 5.63 -4.18 -4.53
N ASP A 52 5.94 -5.28 -5.21
CA ASP A 52 4.91 -6.12 -5.81
C ASP A 52 4.05 -6.77 -4.74
N PRO A 53 2.73 -6.54 -4.79
CA PRO A 53 1.81 -7.06 -3.78
C PRO A 53 1.69 -8.58 -3.83
N LYS A 54 2.15 -9.17 -4.92
CA LYS A 54 2.08 -10.61 -5.11
C LYS A 54 3.30 -11.30 -4.49
N LEU A 55 4.24 -10.48 -4.04
CA LEU A 55 5.38 -10.96 -3.30
C LEU A 55 4.94 -11.69 -2.06
N LYS A 56 5.46 -12.89 -1.87
CA LYS A 56 5.04 -13.76 -0.79
C LYS A 56 5.38 -13.17 0.56
N TRP A 57 6.42 -12.34 0.62
CA TRP A 57 6.73 -11.65 1.86
C TRP A 57 5.84 -10.42 2.01
N ILE A 58 5.39 -9.89 0.88
CA ILE A 58 4.50 -8.75 0.88
C ILE A 58 3.09 -9.15 1.30
N GLN A 59 2.63 -10.30 0.83
CA GLN A 59 1.35 -10.85 1.24
C GLN A 59 1.26 -10.93 2.75
N GLU A 60 2.41 -11.16 3.36
CA GLU A 60 2.51 -11.24 4.82
C GLU A 60 2.35 -9.85 5.42
N TYR A 61 2.95 -8.87 4.78
CA TYR A 61 2.89 -7.50 5.29
C TYR A 61 1.50 -6.97 5.03
N LEU A 62 0.96 -7.38 3.90
CA LEU A 62 -0.36 -7.00 3.47
C LEU A 62 -1.38 -7.29 4.54
N GLU A 63 -1.24 -8.43 5.19
CA GLU A 63 -2.14 -8.81 6.26
C GLU A 63 -2.28 -7.70 7.28
N LYS A 64 -1.15 -7.14 7.66
CA LYS A 64 -1.10 -6.07 8.64
C LYS A 64 -1.67 -4.79 8.06
N ALA A 65 -1.32 -4.53 6.82
CA ALA A 65 -1.76 -3.34 6.11
C ALA A 65 -3.27 -3.40 5.88
N LEU A 66 -3.78 -4.61 5.76
CA LEU A 66 -5.21 -4.82 5.51
C LEU A 66 -5.98 -4.77 6.82
N ASN A 67 -5.23 -4.82 7.89
CA ASN A 67 -5.79 -4.68 9.22
C ASN A 67 -6.09 -3.23 9.54
N LYS A 68 -5.57 -2.33 8.72
CA LYS A 68 -5.76 -0.91 8.94
C LYS A 68 -6.74 -0.37 7.91
N GLY A 69 -7.61 0.52 8.34
CA GLY A 69 -8.52 1.13 7.40
C GLY A 69 -8.80 2.57 7.76
N ARG A 70 -7.76 3.28 8.18
CA ARG A 70 -7.90 4.66 8.60
C ARG A 70 -6.89 5.54 7.88
N ARG A 71 -6.90 6.83 8.18
CA ARG A 71 -6.00 7.77 7.53
C ARG A 71 -4.62 7.69 8.17
N GLU A 72 -4.57 7.82 9.49
CA GLU A 72 -3.30 7.75 10.21
C GLU A 72 -2.71 6.36 10.16
N GLU A 73 -1.39 6.31 10.10
CA GLU A 73 -0.67 5.08 9.85
C GLU A 73 0.54 4.93 10.77
N LYS A 74 1.13 6.05 11.16
CA LYS A 74 2.41 6.02 11.84
C LYS A 74 2.22 5.88 13.34
N VAL A 75 1.58 6.86 13.95
CA VAL A 75 1.34 6.84 15.38
C VAL A 75 -0.07 6.30 15.65
N GLY A 76 -0.96 6.52 14.70
CA GLY A 76 -2.32 6.04 14.81
C GLY A 76 -3.10 6.82 15.86
N LYS A 77 -3.38 6.18 16.99
CA LYS A 77 -4.01 6.85 18.12
C LYS A 77 -5.31 7.53 17.71
N LYS A 78 -5.65 8.62 18.38
CA LYS A 78 -6.82 9.39 18.02
C LYS A 78 -6.41 10.82 17.67
N GLU A 79 -5.39 10.93 16.84
CA GLU A 79 -4.90 12.23 16.40
C GLU A 79 -5.49 12.61 15.04
N LYS A 80 -6.81 12.59 14.96
CA LYS A 80 -7.51 12.89 13.73
C LYS A 80 -7.72 14.40 13.58
N ILE A 81 -7.51 15.12 14.67
CA ILE A 81 -7.68 16.57 14.68
C ILE A 81 -6.50 17.27 14.00
N GLY A 82 -5.30 16.73 14.20
CA GLY A 82 -4.11 17.37 13.68
C GLY A 82 -3.53 16.62 12.49
N LYS A 83 -3.78 17.12 11.30
CA LYS A 83 -3.21 16.54 10.10
C LYS A 83 -1.78 17.06 9.93
N LYS A 84 -1.66 18.26 9.39
CA LYS A 84 -0.36 18.90 9.16
C LYS A 84 0.58 17.98 8.38
N LYS A 85 1.87 18.17 8.59
CA LYS A 85 2.88 17.29 8.01
C LYS A 85 3.17 16.15 8.98
N ARG A 86 2.96 14.92 8.54
CA ARG A 86 3.14 13.76 9.41
C ARG A 86 4.63 13.46 9.58
N GLN A 87 5.47 14.12 8.79
CA GLN A 87 6.91 14.01 8.96
C GLN A 87 7.37 14.83 10.15
N LYS A 88 6.50 15.73 10.61
CA LYS A 88 6.78 16.57 11.76
C LYS A 88 6.95 15.73 13.01
N LYS A 89 8.19 15.55 13.45
CA LYS A 89 8.48 14.78 14.64
C LYS A 89 8.53 15.72 15.85
N ARG A 90 7.42 16.38 16.11
CA ARG A 90 7.34 17.38 17.18
C ARG A 90 7.11 16.69 18.51
N LYS A 91 8.21 16.44 19.22
CA LYS A 91 8.17 15.74 20.51
C LYS A 91 7.66 14.31 20.34
N ALA A 92 7.63 13.57 21.45
CA ALA A 92 7.21 12.17 21.44
C ALA A 92 8.08 11.34 20.49
N ALA A 93 7.65 10.11 20.24
CA ALA A 93 8.35 9.22 19.31
C ALA A 93 9.82 9.11 19.66
N GLN A 94 10.11 8.75 20.91
CA GLN A 94 11.48 8.67 21.40
C GLN A 94 12.19 7.47 20.82
N LYS A 95 11.44 6.58 20.18
CA LYS A 95 12.00 5.42 19.51
C LYS A 95 12.27 5.78 18.04
N ARG A 96 12.16 7.07 17.72
CA ARG A 96 12.34 7.60 16.37
C ARG A 96 11.13 7.28 15.49
N LYS A 97 10.90 6.00 15.24
CA LYS A 97 9.74 5.53 14.49
C LYS A 97 9.70 6.18 13.10
N ASN A 98 10.64 5.78 12.25
CA ASN A 98 10.70 6.27 10.89
C ASN A 98 10.78 5.09 9.93
N LYS A 1 -11.50 17.21 -7.30
CA LYS A 1 -12.33 16.68 -8.40
C LYS A 1 -11.85 15.28 -8.80
N PRO A 2 -12.13 14.28 -7.95
CA PRO A 2 -11.60 12.92 -8.12
C PRO A 2 -12.39 12.10 -9.11
N VAL A 3 -13.15 12.79 -9.92
CA VAL A 3 -13.93 12.16 -10.98
C VAL A 3 -13.12 12.15 -12.26
N SER A 4 -12.03 12.88 -12.24
CA SER A 4 -11.15 12.98 -13.38
C SER A 4 -9.98 12.01 -13.27
N LEU A 5 -10.17 10.96 -12.50
CA LEU A 5 -9.12 9.97 -12.30
C LEU A 5 -9.15 8.93 -13.42
N SER A 6 -9.21 9.41 -14.64
CA SER A 6 -9.20 8.54 -15.81
C SER A 6 -7.77 8.16 -16.18
N TYR A 7 -6.97 7.93 -15.15
CA TYR A 7 -5.56 7.62 -15.33
C TYR A 7 -5.22 6.33 -14.61
N ARG A 8 -3.92 6.05 -14.50
CA ARG A 8 -3.45 4.90 -13.76
C ARG A 8 -3.43 5.20 -12.27
N CYS A 9 -3.08 4.20 -11.48
CA CYS A 9 -2.98 4.37 -10.05
C CYS A 9 -1.79 5.26 -9.69
N PRO A 10 -1.86 5.96 -8.53
CA PRO A 10 -0.84 6.89 -8.05
C PRO A 10 0.60 6.45 -8.33
N CYS A 11 0.96 5.27 -7.83
CA CYS A 11 2.29 4.73 -8.06
C CYS A 11 2.31 3.89 -9.33
N ARG A 12 3.47 3.86 -9.96
CA ARG A 12 3.71 3.06 -11.16
C ARG A 12 3.73 1.58 -10.81
N PHE A 13 4.09 0.73 -11.75
CA PHE A 13 3.94 -0.71 -11.57
C PHE A 13 5.05 -1.21 -10.65
N PHE A 14 4.68 -2.17 -9.82
CA PHE A 14 5.47 -2.57 -8.69
C PHE A 14 6.58 -3.55 -9.10
N GLU A 15 7.60 -3.66 -8.26
CA GLU A 15 8.72 -4.50 -8.54
C GLU A 15 8.75 -5.70 -7.61
N SER A 16 8.95 -6.86 -8.21
CA SER A 16 8.94 -8.12 -7.48
C SER A 16 10.36 -8.61 -7.26
N HIS A 17 11.25 -7.65 -6.99
CA HIS A 17 12.65 -7.96 -6.72
C HIS A 17 13.04 -7.43 -5.35
N ILE A 18 12.23 -6.50 -4.84
CA ILE A 18 12.47 -5.91 -3.54
C ILE A 18 12.39 -6.94 -2.42
N ALA A 19 13.35 -6.87 -1.51
CA ALA A 19 13.43 -7.80 -0.39
C ALA A 19 13.23 -7.07 0.93
N ARG A 20 12.71 -7.79 1.91
CA ARG A 20 12.42 -7.25 3.21
C ARG A 20 13.66 -6.67 3.89
N ALA A 21 14.74 -7.41 3.76
CA ALA A 21 16.00 -7.02 4.39
C ALA A 21 16.75 -6.00 3.56
N ASN A 22 16.27 -5.78 2.36
CA ASN A 22 16.90 -4.83 1.47
C ASN A 22 16.12 -3.53 1.43
N VAL A 23 14.93 -3.54 2.01
CA VAL A 23 14.11 -2.35 2.05
C VAL A 23 14.27 -1.61 3.37
N LYS A 24 14.15 -0.30 3.27
CA LYS A 24 14.10 0.58 4.41
C LYS A 24 12.66 0.84 4.76
N HIS A 25 12.44 1.92 5.51
CA HIS A 25 11.11 2.35 5.91
C HIS A 25 10.09 2.13 4.81
N LEU A 26 9.01 1.49 5.17
CA LEU A 26 8.02 1.05 4.20
C LEU A 26 6.68 1.75 4.45
N LYS A 27 6.05 2.18 3.37
CA LYS A 27 4.84 2.98 3.44
C LYS A 27 3.82 2.47 2.43
N ILE A 28 2.55 2.58 2.77
CA ILE A 28 1.49 2.12 1.87
C ILE A 28 0.67 3.29 1.36
N LEU A 29 0.39 3.30 0.06
CA LEU A 29 -0.45 4.32 -0.54
C LEU A 29 -1.91 3.92 -0.45
N ASN A 30 -2.70 4.73 0.22
CA ASN A 30 -4.13 4.53 0.26
C ASN A 30 -4.73 4.97 -1.07
N THR A 31 -4.89 4.03 -1.97
CA THR A 31 -5.29 4.30 -3.33
C THR A 31 -6.79 4.50 -3.50
N PRO A 32 -7.14 5.01 -4.70
CA PRO A 32 -8.51 5.08 -5.26
C PRO A 32 -9.35 3.81 -5.11
N ASN A 33 -8.76 2.77 -4.51
CA ASN A 33 -9.19 1.36 -4.60
C ASN A 33 -8.47 0.70 -5.74
N CYS A 34 -7.17 0.91 -5.71
CA CYS A 34 -6.21 0.16 -6.50
C CYS A 34 -5.60 -0.88 -5.57
N ALA A 35 -4.75 -1.75 -6.11
CA ALA A 35 -3.95 -2.61 -5.25
C ALA A 35 -3.18 -1.75 -4.27
N LEU A 36 -3.08 -2.21 -3.03
CA LEU A 36 -2.32 -1.50 -2.01
C LEU A 36 -0.90 -1.29 -2.48
N GLN A 37 -0.56 -0.06 -2.81
CA GLN A 37 0.75 0.25 -3.35
C GLN A 37 1.74 0.43 -2.22
N ILE A 38 2.72 -0.45 -2.17
CA ILE A 38 3.69 -0.44 -1.10
C ILE A 38 4.93 0.35 -1.51
N VAL A 39 5.04 1.58 -1.03
CA VAL A 39 6.16 2.43 -1.42
C VAL A 39 7.32 2.24 -0.45
N ALA A 40 8.46 1.89 -1.01
CA ALA A 40 9.62 1.50 -0.24
C ALA A 40 10.84 2.28 -0.67
N ARG A 41 11.79 2.41 0.23
CA ARG A 41 13.09 2.96 -0.13
C ARG A 41 14.15 1.92 0.13
N LEU A 42 14.97 1.64 -0.88
CA LEU A 42 15.94 0.57 -0.75
C LEU A 42 17.09 0.94 0.18
N LYS A 43 17.64 -0.06 0.84
CA LYS A 43 18.67 0.12 1.84
C LYS A 43 19.88 0.84 1.27
N ASN A 44 20.51 0.22 0.28
CA ASN A 44 21.72 0.77 -0.32
C ASN A 44 21.37 1.82 -1.37
N ASN A 45 20.54 1.42 -2.31
CA ASN A 45 20.15 2.28 -3.44
C ASN A 45 19.53 3.58 -2.97
N ASN A 46 18.76 3.50 -1.88
CA ASN A 46 17.97 4.63 -1.37
C ASN A 46 16.83 4.98 -2.33
N ARG A 47 16.64 4.16 -3.36
CA ARG A 47 15.61 4.42 -4.34
C ARG A 47 14.24 4.18 -3.77
N GLN A 48 13.32 5.01 -4.18
CA GLN A 48 11.93 4.85 -3.81
C GLN A 48 11.22 4.05 -4.89
N VAL A 49 10.60 2.98 -4.48
CA VAL A 49 9.98 2.03 -5.40
C VAL A 49 8.74 1.44 -4.74
N CYS A 50 7.83 0.89 -5.53
CA CYS A 50 6.67 0.23 -4.97
C CYS A 50 6.83 -1.27 -5.10
N ILE A 51 6.65 -1.95 -3.98
CA ILE A 51 6.82 -3.40 -3.91
C ILE A 51 5.61 -4.10 -4.51
N ASP A 52 5.84 -5.26 -5.09
CA ASP A 52 4.77 -6.04 -5.71
C ASP A 52 3.90 -6.71 -4.65
N PRO A 53 2.58 -6.46 -4.68
CA PRO A 53 1.62 -6.99 -3.70
C PRO A 53 1.46 -8.50 -3.76
N LYS A 54 1.97 -9.10 -4.82
CA LYS A 54 1.87 -10.54 -5.02
C LYS A 54 3.11 -11.25 -4.48
N LEU A 55 4.09 -10.46 -4.06
CA LEU A 55 5.29 -10.97 -3.41
C LEU A 55 4.91 -11.75 -2.16
N LYS A 56 5.49 -12.93 -2.03
CA LYS A 56 5.12 -13.86 -0.96
C LYS A 56 5.42 -13.29 0.41
N TRP A 57 6.40 -12.40 0.49
CA TRP A 57 6.70 -11.74 1.75
C TRP A 57 5.86 -10.49 1.91
N ILE A 58 5.45 -9.92 0.79
CA ILE A 58 4.58 -8.76 0.80
C ILE A 58 3.19 -9.17 1.21
N GLN A 59 2.80 -10.38 0.85
CA GLN A 59 1.56 -10.97 1.33
C GLN A 59 1.53 -10.96 2.84
N GLU A 60 2.70 -11.11 3.44
CA GLU A 60 2.84 -11.03 4.88
C GLU A 60 2.61 -9.61 5.35
N TYR A 61 3.15 -8.65 4.59
CA TYR A 61 3.05 -7.26 4.97
C TYR A 61 1.64 -6.78 4.72
N LEU A 62 1.07 -7.31 3.65
CA LEU A 62 -0.29 -7.05 3.25
C LEU A 62 -1.23 -7.28 4.39
N GLU A 63 -0.99 -8.34 5.13
CA GLU A 63 -1.80 -8.66 6.28
C GLU A 63 -1.89 -7.47 7.25
N LYS A 64 -0.78 -6.79 7.42
CA LYS A 64 -0.73 -5.57 8.23
C LYS A 64 -1.42 -4.43 7.52
N ALA A 65 -1.06 -4.26 6.25
CA ALA A 65 -1.55 -3.17 5.43
C ALA A 65 -3.05 -3.23 5.22
N LEU A 66 -3.58 -4.44 5.26
CA LEU A 66 -5.02 -4.67 5.07
C LEU A 66 -5.77 -4.45 6.37
N ASN A 67 -4.99 -4.39 7.43
CA ASN A 67 -5.52 -4.02 8.74
C ASN A 67 -5.65 -2.51 8.85
N LYS A 68 -5.12 -1.81 7.85
CA LYS A 68 -5.12 -0.36 7.84
C LYS A 68 -6.25 0.18 6.97
N GLY A 69 -6.46 1.48 7.05
CA GLY A 69 -7.46 2.13 6.24
C GLY A 69 -8.86 1.97 6.80
N ARG A 70 -9.69 1.18 6.11
CA ARG A 70 -11.06 0.95 6.53
C ARG A 70 -11.55 -0.39 6.01
N ARG A 71 -10.67 -1.39 6.02
CA ARG A 71 -11.02 -2.72 5.55
C ARG A 71 -11.66 -3.54 6.66
N GLU A 72 -12.62 -2.91 7.34
CA GLU A 72 -13.36 -3.55 8.41
C GLU A 72 -14.32 -4.58 7.83
N GLU A 73 -14.84 -4.28 6.64
CA GLU A 73 -15.75 -5.17 5.95
C GLU A 73 -14.99 -6.33 5.33
N LYS A 74 -14.85 -7.40 6.10
CA LYS A 74 -14.19 -8.60 5.64
C LYS A 74 -15.22 -9.57 5.09
N VAL A 75 -16.45 -9.42 5.57
CA VAL A 75 -17.58 -10.17 5.04
C VAL A 75 -18.30 -9.35 3.96
N GLY A 76 -17.56 -8.99 2.92
CA GLY A 76 -18.12 -8.20 1.85
C GLY A 76 -18.95 -9.03 0.89
N LYS A 77 -18.81 -10.34 0.97
CA LYS A 77 -19.55 -11.24 0.10
C LYS A 77 -20.95 -11.48 0.67
N LYS A 78 -21.69 -10.40 0.84
CA LYS A 78 -23.03 -10.44 1.40
C LYS A 78 -24.07 -10.60 0.29
N GLU A 79 -23.79 -11.51 -0.63
CA GLU A 79 -24.67 -11.72 -1.78
C GLU A 79 -26.06 -12.17 -1.35
N LYS A 80 -26.10 -13.11 -0.42
CA LYS A 80 -27.35 -13.66 0.08
C LYS A 80 -27.14 -14.38 1.40
N ILE A 81 -26.52 -13.68 2.34
CA ILE A 81 -26.28 -14.25 3.66
C ILE A 81 -27.53 -14.07 4.52
N GLY A 82 -28.24 -12.98 4.28
CA GLY A 82 -29.48 -12.72 4.99
C GLY A 82 -29.25 -12.08 6.34
N LYS A 83 -29.55 -12.82 7.40
CA LYS A 83 -29.39 -12.32 8.75
C LYS A 83 -27.94 -12.53 9.20
N LYS A 84 -27.02 -11.87 8.52
CA LYS A 84 -25.60 -11.95 8.87
C LYS A 84 -25.34 -11.13 10.13
N LYS A 85 -26.18 -10.13 10.33
CA LYS A 85 -26.14 -9.29 11.51
C LYS A 85 -27.42 -8.49 11.57
N ARG A 86 -27.59 -7.61 10.59
CA ARG A 86 -28.84 -6.89 10.43
C ARG A 86 -29.86 -7.77 9.74
N GLN A 87 -31.11 -7.69 10.17
CA GLN A 87 -32.17 -8.49 9.57
C GLN A 87 -32.95 -7.66 8.57
N LYS A 88 -33.09 -8.21 7.37
CA LYS A 88 -33.88 -7.59 6.32
C LYS A 88 -34.45 -8.68 5.43
N LYS A 89 -35.64 -8.46 4.90
CA LYS A 89 -36.27 -9.42 4.01
C LYS A 89 -35.90 -9.11 2.57
N ARG A 90 -36.02 -7.84 2.22
CA ARG A 90 -35.68 -7.37 0.88
C ARG A 90 -35.02 -6.01 0.96
N LYS A 91 -34.21 -5.69 -0.04
CA LYS A 91 -33.58 -4.38 -0.11
C LYS A 91 -33.45 -3.96 -1.57
N ALA A 92 -34.54 -3.47 -2.13
CA ALA A 92 -34.57 -3.02 -3.51
C ALA A 92 -35.74 -2.09 -3.75
N ALA A 93 -35.50 -0.80 -3.58
CA ALA A 93 -36.54 0.20 -3.81
C ALA A 93 -36.69 0.48 -5.30
N GLN A 94 -35.62 0.24 -6.04
CA GLN A 94 -35.64 0.41 -7.49
C GLN A 94 -36.41 -0.73 -8.16
N LYS A 95 -37.00 -0.44 -9.31
CA LYS A 95 -37.73 -1.44 -10.06
C LYS A 95 -36.83 -2.05 -11.13
N ARG A 96 -35.82 -2.79 -10.71
CA ARG A 96 -34.89 -3.39 -11.64
C ARG A 96 -35.46 -4.70 -12.20
N LYS A 97 -36.46 -4.55 -13.05
CA LYS A 97 -37.09 -5.68 -13.71
C LYS A 97 -37.50 -5.29 -15.13
N ASN A 98 -36.77 -5.81 -16.10
CA ASN A 98 -37.06 -5.51 -17.50
C ASN A 98 -36.58 -6.65 -18.40
N LYS A 1 -14.16 11.21 -22.08
CA LYS A 1 -12.91 11.07 -21.31
C LYS A 1 -13.01 11.81 -19.99
N PRO A 2 -12.96 11.07 -18.87
CA PRO A 2 -12.99 11.67 -17.53
C PRO A 2 -11.65 12.30 -17.18
N VAL A 3 -11.62 13.10 -16.13
CA VAL A 3 -10.39 13.72 -15.68
C VAL A 3 -9.60 12.71 -14.85
N SER A 4 -8.38 12.42 -15.28
CA SER A 4 -7.58 11.37 -14.68
C SER A 4 -6.99 11.76 -13.33
N LEU A 5 -7.73 11.47 -12.27
CA LEU A 5 -7.22 11.60 -10.91
C LEU A 5 -7.19 10.25 -10.24
N SER A 6 -8.36 9.62 -10.15
CA SER A 6 -8.48 8.28 -9.61
C SER A 6 -8.72 7.29 -10.75
N TYR A 7 -8.52 7.78 -11.97
CA TYR A 7 -8.67 6.98 -13.18
C TYR A 7 -7.50 6.03 -13.33
N ARG A 8 -6.49 6.25 -12.51
CA ARG A 8 -5.29 5.45 -12.50
C ARG A 8 -4.72 5.40 -11.10
N CYS A 9 -4.00 4.33 -10.79
CA CYS A 9 -3.43 4.15 -9.48
C CYS A 9 -2.19 5.02 -9.30
N PRO A 10 -2.00 5.51 -8.07
CA PRO A 10 -0.92 6.45 -7.72
C PRO A 10 0.44 6.08 -8.28
N CYS A 11 0.97 4.96 -7.85
CA CYS A 11 2.33 4.58 -8.19
C CYS A 11 2.39 3.81 -9.50
N ARG A 12 3.57 3.83 -10.11
CA ARG A 12 3.87 3.04 -11.29
C ARG A 12 3.94 1.57 -10.92
N PHE A 13 4.36 0.73 -11.86
CA PHE A 13 4.27 -0.70 -11.68
C PHE A 13 5.38 -1.16 -10.73
N PHE A 14 5.00 -2.06 -9.85
CA PHE A 14 5.82 -2.42 -8.70
C PHE A 14 6.82 -3.51 -9.05
N GLU A 15 7.82 -3.70 -8.19
CA GLU A 15 8.88 -4.62 -8.48
C GLU A 15 8.67 -5.90 -7.70
N SER A 16 8.90 -7.01 -8.34
CA SER A 16 8.74 -8.29 -7.70
C SER A 16 10.11 -8.91 -7.46
N HIS A 17 11.06 -8.07 -7.05
CA HIS A 17 12.43 -8.52 -6.84
C HIS A 17 12.95 -8.08 -5.48
N ILE A 18 12.41 -6.97 -4.96
CA ILE A 18 12.93 -6.40 -3.73
C ILE A 18 12.47 -7.20 -2.50
N ALA A 19 13.32 -7.20 -1.47
CA ALA A 19 13.11 -8.00 -0.27
C ALA A 19 12.92 -7.12 0.97
N ARG A 20 12.41 -7.73 2.04
CA ARG A 20 12.21 -7.02 3.29
C ARG A 20 13.54 -6.59 3.88
N ALA A 21 14.50 -7.48 3.80
CA ALA A 21 15.83 -7.23 4.34
C ALA A 21 16.64 -6.31 3.44
N ASN A 22 16.02 -5.86 2.36
CA ASN A 22 16.67 -4.94 1.46
C ASN A 22 15.90 -3.64 1.39
N VAL A 23 14.81 -3.55 2.13
CA VAL A 23 14.03 -2.33 2.15
C VAL A 23 14.20 -1.56 3.45
N LYS A 24 14.08 -0.25 3.31
CA LYS A 24 14.06 0.68 4.41
C LYS A 24 12.62 1.09 4.66
N HIS A 25 12.42 2.27 5.27
CA HIS A 25 11.07 2.80 5.58
C HIS A 25 10.05 2.33 4.56
N LEU A 26 9.02 1.61 5.03
CA LEU A 26 8.03 1.06 4.14
C LEU A 26 6.64 1.62 4.44
N LYS A 27 5.95 2.01 3.39
CA LYS A 27 4.66 2.70 3.49
C LYS A 27 3.67 2.10 2.49
N ILE A 28 2.41 2.05 2.86
CA ILE A 28 1.37 1.53 1.99
C ILE A 28 0.44 2.64 1.51
N LEU A 29 0.26 2.73 0.20
CA LEU A 29 -0.62 3.72 -0.37
C LEU A 29 -2.07 3.28 -0.25
N ASN A 30 -2.87 4.05 0.45
CA ASN A 30 -4.30 3.85 0.47
C ASN A 30 -4.88 4.28 -0.86
N THR A 31 -5.00 3.33 -1.76
CA THR A 31 -5.33 3.60 -3.13
C THR A 31 -6.82 3.79 -3.40
N PRO A 32 -7.10 4.30 -4.62
CA PRO A 32 -8.43 4.35 -5.26
C PRO A 32 -9.32 3.12 -5.10
N ASN A 33 -8.79 2.09 -4.43
CA ASN A 33 -9.26 0.69 -4.49
C ASN A 33 -8.50 0.00 -5.61
N CYS A 34 -7.21 0.29 -5.61
CA CYS A 34 -6.22 -0.42 -6.37
C CYS A 34 -5.56 -1.41 -5.44
N ALA A 35 -4.65 -2.22 -5.95
CA ALA A 35 -3.87 -3.07 -5.07
C ALA A 35 -3.15 -2.20 -4.05
N LEU A 36 -2.92 -2.74 -2.87
CA LEU A 36 -2.22 -2.01 -1.84
C LEU A 36 -0.80 -1.74 -2.30
N GLN A 37 -0.54 -0.49 -2.68
CA GLN A 37 0.75 -0.14 -3.25
C GLN A 37 1.74 0.15 -2.16
N ILE A 38 2.77 -0.65 -2.11
CA ILE A 38 3.75 -0.58 -1.06
C ILE A 38 4.94 0.28 -1.50
N VAL A 39 5.02 1.51 -1.00
CA VAL A 39 6.11 2.40 -1.38
C VAL A 39 7.28 2.22 -0.43
N ALA A 40 8.42 1.92 -0.98
CA ALA A 40 9.59 1.56 -0.21
C ALA A 40 10.78 2.41 -0.59
N ARG A 41 11.72 2.51 0.33
CA ARG A 41 13.01 3.11 0.03
C ARG A 41 14.10 2.06 0.18
N LEU A 42 14.84 1.82 -0.88
CA LEU A 42 15.85 0.77 -0.89
C LEU A 42 16.97 1.01 0.09
N LYS A 43 17.40 -0.07 0.71
CA LYS A 43 18.48 -0.05 1.67
C LYS A 43 19.80 0.28 1.00
N ASN A 44 19.98 -0.20 -0.22
CA ASN A 44 21.22 -0.01 -0.96
C ASN A 44 21.25 1.34 -1.66
N ASN A 45 20.25 1.58 -2.49
CA ASN A 45 20.24 2.77 -3.36
C ASN A 45 19.58 3.97 -2.70
N ASN A 46 18.76 3.72 -1.69
CA ASN A 46 17.93 4.75 -1.05
C ASN A 46 16.85 5.24 -2.01
N ARG A 47 16.71 4.56 -3.15
CA ARG A 47 15.71 4.93 -4.12
C ARG A 47 14.34 4.50 -3.68
N GLN A 48 13.37 5.34 -3.96
CA GLN A 48 11.98 5.05 -3.69
C GLN A 48 11.47 4.08 -4.76
N VAL A 49 10.77 3.05 -4.35
CA VAL A 49 10.24 2.05 -5.26
C VAL A 49 8.94 1.50 -4.69
N CYS A 50 8.06 1.01 -5.55
CA CYS A 50 6.83 0.42 -5.09
C CYS A 50 6.90 -1.09 -5.25
N ILE A 51 6.68 -1.80 -4.15
CA ILE A 51 6.83 -3.25 -4.08
C ILE A 51 5.59 -3.95 -4.63
N ASP A 52 5.80 -5.10 -5.29
CA ASP A 52 4.69 -5.88 -5.83
C ASP A 52 3.89 -6.53 -4.71
N PRO A 53 2.56 -6.29 -4.69
CA PRO A 53 1.67 -6.79 -3.64
C PRO A 53 1.51 -8.31 -3.65
N LYS A 54 1.92 -8.94 -4.75
CA LYS A 54 1.82 -10.38 -4.89
C LYS A 54 3.08 -11.07 -4.39
N LEU A 55 4.08 -10.28 -4.04
CA LEU A 55 5.30 -10.79 -3.44
C LEU A 55 4.97 -11.55 -2.17
N LYS A 56 5.54 -12.73 -2.04
CA LYS A 56 5.22 -13.64 -0.96
C LYS A 56 5.56 -13.05 0.40
N TRP A 57 6.59 -12.22 0.46
CA TRP A 57 6.94 -11.55 1.71
C TRP A 57 6.06 -10.33 1.90
N ILE A 58 5.55 -9.80 0.79
CA ILE A 58 4.65 -8.67 0.82
C ILE A 58 3.26 -9.10 1.29
N GLN A 59 2.81 -10.27 0.85
CA GLN A 59 1.56 -10.85 1.33
C GLN A 59 1.56 -10.94 2.84
N GLU A 60 2.75 -11.12 3.37
CA GLU A 60 2.95 -11.17 4.82
C GLU A 60 2.77 -9.77 5.41
N TYR A 61 3.32 -8.79 4.72
CA TYR A 61 3.24 -7.41 5.19
C TYR A 61 1.82 -6.90 4.99
N LEU A 62 1.22 -7.40 3.93
CA LEU A 62 -0.14 -7.07 3.56
C LEU A 62 -1.10 -7.40 4.67
N GLU A 63 -0.84 -8.49 5.36
CA GLU A 63 -1.66 -8.88 6.49
C GLU A 63 -1.80 -7.72 7.46
N LYS A 64 -0.67 -7.09 7.73
CA LYS A 64 -0.61 -5.92 8.60
C LYS A 64 -1.23 -4.72 7.91
N ALA A 65 -0.97 -4.60 6.62
CA ALA A 65 -1.48 -3.50 5.82
C ALA A 65 -2.99 -3.54 5.73
N LEU A 66 -3.54 -4.73 5.89
CA LEU A 66 -5.00 -4.93 5.86
C LEU A 66 -5.59 -4.48 7.19
N ASN A 67 -4.76 -4.47 8.19
CA ASN A 67 -5.13 -4.05 9.51
C ASN A 67 -4.86 -2.57 9.68
N LYS A 68 -5.80 -1.92 10.29
CA LYS A 68 -5.72 -0.50 10.57
C LYS A 68 -4.95 -0.26 11.85
N GLY A 69 -5.41 -0.91 12.91
CA GLY A 69 -4.79 -0.74 14.21
C GLY A 69 -3.60 -1.65 14.40
N ARG A 70 -2.43 -1.16 14.05
CA ARG A 70 -1.20 -1.93 14.20
C ARG A 70 -0.38 -1.43 15.38
N ARG A 71 -0.89 -0.41 16.05
CA ARG A 71 -0.20 0.19 17.19
C ARG A 71 1.17 0.71 16.75
N GLU A 72 2.06 0.95 17.70
CA GLU A 72 3.39 1.41 17.34
C GLU A 72 4.37 0.24 17.25
N GLU A 73 4.42 -0.58 18.29
CA GLU A 73 5.45 -1.60 18.41
C GLU A 73 4.86 -3.00 18.53
N LYS A 74 3.80 -3.29 17.78
CA LYS A 74 3.20 -4.62 17.82
C LYS A 74 2.70 -5.04 16.44
N VAL A 75 3.39 -6.02 15.87
CA VAL A 75 3.01 -6.70 14.60
C VAL A 75 3.17 -5.83 13.36
N GLY A 76 2.98 -4.52 13.50
CA GLY A 76 3.04 -3.64 12.35
C GLY A 76 4.47 -3.35 11.93
N LYS A 77 5.22 -2.71 12.81
CA LYS A 77 6.59 -2.29 12.49
C LYS A 77 7.53 -3.50 12.41
N LYS A 78 8.61 -3.32 11.67
CA LYS A 78 9.61 -4.35 11.50
C LYS A 78 10.99 -3.71 11.41
N GLU A 79 11.98 -4.38 11.98
CA GLU A 79 13.37 -3.90 12.00
C GLU A 79 13.50 -2.61 12.82
N LYS A 80 13.75 -2.77 14.10
CA LYS A 80 13.94 -1.64 14.99
C LYS A 80 15.41 -1.24 15.00
N ILE A 81 15.73 -0.12 14.37
CA ILE A 81 17.11 0.33 14.24
C ILE A 81 17.46 1.39 15.29
N GLY A 82 16.80 1.31 16.43
CA GLY A 82 17.02 2.29 17.48
C GLY A 82 18.38 2.14 18.13
N LYS A 83 18.86 0.90 18.20
CA LYS A 83 20.17 0.62 18.77
C LYS A 83 21.28 0.91 17.76
N LYS A 84 20.87 1.29 16.55
CA LYS A 84 21.80 1.62 15.48
C LYS A 84 21.96 3.13 15.38
N LYS A 85 21.15 3.86 16.15
CA LYS A 85 21.18 5.32 16.15
C LYS A 85 22.52 5.80 16.70
N ARG A 86 22.88 5.34 17.89
CA ARG A 86 24.18 5.63 18.51
C ARG A 86 24.46 7.12 18.54
N GLN A 87 23.64 7.85 19.28
CA GLN A 87 23.83 9.28 19.43
C GLN A 87 24.03 9.61 20.91
N LYS A 88 24.62 10.78 21.18
CA LYS A 88 24.98 11.20 22.53
C LYS A 88 26.17 10.39 23.05
N LYS A 89 25.96 9.08 23.24
CA LYS A 89 26.96 8.14 23.75
C LYS A 89 27.81 8.77 24.86
N ARG A 90 27.13 9.26 25.89
CA ARG A 90 27.78 9.90 27.04
C ARG A 90 28.61 11.10 26.58
N LYS A 91 27.91 12.13 26.11
CA LYS A 91 28.57 13.32 25.58
C LYS A 91 28.95 14.28 26.69
N ALA A 92 29.02 13.77 27.91
CA ALA A 92 29.46 14.56 29.05
C ALA A 92 30.94 14.84 28.97
N ALA A 93 31.68 13.92 28.35
CA ALA A 93 33.10 14.10 28.10
C ALA A 93 33.31 14.92 26.84
N GLN A 94 32.90 16.19 26.92
CA GLN A 94 32.95 17.08 25.77
C GLN A 94 34.24 17.90 25.76
N LYS A 95 35.16 17.58 26.67
CA LYS A 95 36.44 18.27 26.73
C LYS A 95 37.33 17.85 25.56
N ARG A 96 36.87 16.87 24.80
CA ARG A 96 37.53 16.46 23.58
C ARG A 96 36.69 16.87 22.38
N LYS A 97 37.32 17.48 21.39
CA LYS A 97 36.63 17.87 20.18
C LYS A 97 36.76 16.81 19.11
N ASN A 98 37.79 15.98 19.25
CA ASN A 98 37.98 14.86 18.36
C ASN A 98 37.51 13.58 19.03
N LYS A 1 -17.07 6.60 -2.56
CA LYS A 1 -16.20 6.64 -3.76
C LYS A 1 -16.20 5.28 -4.45
N PRO A 2 -16.71 5.22 -5.69
CA PRO A 2 -16.80 3.96 -6.44
C PRO A 2 -15.43 3.51 -6.94
N VAL A 3 -15.30 2.21 -7.17
CA VAL A 3 -14.04 1.61 -7.59
C VAL A 3 -13.86 1.67 -9.11
N SER A 4 -14.19 2.83 -9.68
CA SER A 4 -14.14 2.99 -11.12
C SER A 4 -12.85 3.71 -11.55
N LEU A 5 -11.83 3.64 -10.70
CA LEU A 5 -10.57 4.32 -10.97
C LEU A 5 -9.43 3.31 -10.99
N SER A 6 -9.60 2.26 -11.77
CA SER A 6 -8.60 1.21 -11.88
C SER A 6 -7.57 1.59 -12.94
N TYR A 7 -6.98 2.76 -12.77
CA TYR A 7 -6.01 3.29 -13.74
C TYR A 7 -4.60 3.26 -13.17
N ARG A 8 -3.69 4.00 -13.79
CA ARG A 8 -2.33 4.10 -13.30
C ARG A 8 -2.28 4.94 -12.02
N CYS A 9 -2.59 4.26 -10.93
CA CYS A 9 -2.60 4.85 -9.60
C CYS A 9 -1.22 5.39 -9.19
N PRO A 10 -1.18 6.23 -8.12
CA PRO A 10 0.00 6.91 -7.61
C PRO A 10 1.33 6.19 -7.84
N CYS A 11 1.36 4.91 -7.53
CA CYS A 11 2.60 4.15 -7.65
C CYS A 11 2.75 3.59 -9.06
N ARG A 12 3.98 3.64 -9.55
CA ARG A 12 4.31 3.04 -10.84
C ARG A 12 4.36 1.53 -10.70
N PHE A 13 4.80 0.83 -11.72
CA PHE A 13 4.71 -0.61 -11.72
C PHE A 13 5.79 -1.15 -10.80
N PHE A 14 5.41 -2.15 -10.02
CA PHE A 14 6.18 -2.54 -8.85
C PHE A 14 7.27 -3.53 -9.20
N GLU A 15 8.30 -3.53 -8.37
CA GLU A 15 9.45 -4.39 -8.57
C GLU A 15 9.25 -5.70 -7.82
N SER A 16 9.01 -6.76 -8.55
CA SER A 16 8.78 -8.08 -7.96
C SER A 16 10.09 -8.76 -7.64
N HIS A 17 11.04 -7.96 -7.17
CA HIS A 17 12.39 -8.45 -6.88
C HIS A 17 12.84 -8.01 -5.49
N ILE A 18 12.21 -6.95 -4.98
CA ILE A 18 12.60 -6.37 -3.70
C ILE A 18 12.45 -7.37 -2.56
N ALA A 19 13.40 -7.31 -1.64
CA ALA A 19 13.40 -8.17 -0.46
C ALA A 19 13.08 -7.37 0.79
N ARG A 20 12.69 -8.06 1.85
CA ARG A 20 12.41 -7.41 3.13
C ARG A 20 13.72 -6.85 3.69
N ALA A 21 14.80 -7.55 3.44
CA ALA A 21 16.11 -7.14 3.91
C ALA A 21 16.76 -6.18 2.93
N ASN A 22 16.02 -5.84 1.88
CA ASN A 22 16.50 -4.91 0.89
C ASN A 22 15.74 -3.62 0.99
N VAL A 23 14.74 -3.60 1.85
CA VAL A 23 13.88 -2.45 1.97
C VAL A 23 14.04 -1.76 3.32
N LYS A 24 13.88 -0.45 3.27
CA LYS A 24 13.87 0.41 4.42
C LYS A 24 12.43 0.82 4.72
N HIS A 25 12.29 1.94 5.41
CA HIS A 25 10.99 2.48 5.83
C HIS A 25 9.92 2.20 4.78
N LEU A 26 8.98 1.34 5.11
CA LEU A 26 7.95 0.95 4.17
C LEU A 26 6.64 1.66 4.46
N LYS A 27 5.96 2.00 3.40
CA LYS A 27 4.76 2.82 3.44
C LYS A 27 3.74 2.30 2.42
N ILE A 28 2.47 2.53 2.68
CA ILE A 28 1.43 2.14 1.74
C ILE A 28 0.65 3.37 1.27
N LEU A 29 0.34 3.42 -0.01
CA LEU A 29 -0.42 4.53 -0.57
C LEU A 29 -1.91 4.22 -0.52
N ASN A 30 -2.65 5.09 0.14
CA ASN A 30 -4.11 4.98 0.13
C ASN A 30 -4.64 5.48 -1.20
N THR A 31 -4.85 4.55 -2.11
CA THR A 31 -5.25 4.85 -3.46
C THR A 31 -6.76 5.00 -3.63
N PRO A 32 -7.13 5.46 -4.84
CA PRO A 32 -8.50 5.54 -5.36
C PRO A 32 -9.36 4.28 -5.15
N ASN A 33 -8.76 3.28 -4.50
CA ASN A 33 -9.24 1.88 -4.45
C ASN A 33 -8.59 1.11 -5.59
N CYS A 34 -7.26 1.21 -5.57
CA CYS A 34 -6.37 0.36 -6.31
C CYS A 34 -5.82 -0.67 -5.36
N ALA A 35 -5.03 -1.61 -5.85
CA ALA A 35 -4.29 -2.48 -4.95
C ALA A 35 -3.42 -1.62 -4.06
N LEU A 36 -3.44 -1.89 -2.77
CA LEU A 36 -2.71 -1.10 -1.80
C LEU A 36 -1.25 -0.99 -2.17
N GLN A 37 -0.83 0.23 -2.45
CA GLN A 37 0.49 0.47 -3.03
C GLN A 37 1.56 0.37 -1.97
N ILE A 38 2.45 -0.58 -2.14
CA ILE A 38 3.57 -0.77 -1.24
C ILE A 38 4.73 0.11 -1.69
N VAL A 39 4.89 1.27 -1.05
CA VAL A 39 5.95 2.18 -1.43
C VAL A 39 7.08 2.09 -0.41
N ALA A 40 8.26 1.82 -0.91
CA ALA A 40 9.39 1.52 -0.05
C ALA A 40 10.62 2.29 -0.46
N ARG A 41 11.54 2.46 0.47
CA ARG A 41 12.85 2.99 0.14
C ARG A 41 13.88 1.89 0.26
N LEU A 42 14.65 1.69 -0.79
CA LEU A 42 15.59 0.56 -0.82
C LEU A 42 16.77 0.78 0.13
N LYS A 43 17.20 -0.31 0.76
CA LYS A 43 18.19 -0.28 1.83
C LYS A 43 19.44 0.50 1.44
N ASN A 44 20.16 -0.01 0.46
CA ASN A 44 21.40 0.61 0.02
C ASN A 44 21.13 1.68 -1.01
N ASN A 45 20.13 1.42 -1.85
CA ASN A 45 19.89 2.26 -3.02
C ASN A 45 19.26 3.59 -2.63
N ASN A 46 18.57 3.61 -1.48
CA ASN A 46 17.96 4.83 -0.93
C ASN A 46 16.80 5.32 -1.79
N ARG A 47 16.49 4.63 -2.86
CA ARG A 47 15.45 5.07 -3.78
C ARG A 47 14.09 4.59 -3.32
N GLN A 48 13.10 5.43 -3.56
CA GLN A 48 11.71 5.09 -3.32
C GLN A 48 11.20 4.25 -4.48
N VAL A 49 10.62 3.12 -4.15
CA VAL A 49 10.17 2.16 -5.14
C VAL A 49 8.83 1.56 -4.69
N CYS A 50 8.11 0.96 -5.62
CA CYS A 50 6.88 0.30 -5.29
C CYS A 50 7.09 -1.20 -5.32
N ILE A 51 6.73 -1.88 -4.25
CA ILE A 51 6.92 -3.33 -4.15
C ILE A 51 5.68 -4.05 -4.68
N ASP A 52 5.90 -5.21 -5.25
CA ASP A 52 4.81 -6.02 -5.78
C ASP A 52 3.97 -6.58 -4.63
N PRO A 53 2.67 -6.28 -4.62
CA PRO A 53 1.75 -6.69 -3.54
C PRO A 53 1.60 -8.20 -3.44
N LYS A 54 2.05 -8.90 -4.47
CA LYS A 54 1.86 -10.34 -4.56
C LYS A 54 3.12 -11.09 -4.09
N LEU A 55 4.18 -10.33 -3.79
CA LEU A 55 5.40 -10.89 -3.24
C LEU A 55 5.11 -11.65 -1.97
N LYS A 56 5.80 -12.77 -1.80
CA LYS A 56 5.50 -13.73 -0.74
C LYS A 56 5.81 -13.17 0.64
N TRP A 57 6.76 -12.24 0.72
CA TRP A 57 7.02 -11.57 1.98
C TRP A 57 6.12 -10.34 2.10
N ILE A 58 5.68 -9.85 0.95
CA ILE A 58 4.80 -8.70 0.89
C ILE A 58 3.39 -9.05 1.36
N GLN A 59 2.95 -10.25 1.03
CA GLN A 59 1.65 -10.76 1.48
C GLN A 59 1.54 -10.65 2.99
N GLU A 60 2.68 -10.80 3.65
CA GLU A 60 2.78 -10.69 5.10
C GLU A 60 2.59 -9.24 5.53
N TYR A 61 3.17 -8.34 4.75
CA TYR A 61 3.09 -6.91 5.03
C TYR A 61 1.71 -6.41 4.66
N LEU A 62 1.15 -7.05 3.66
CA LEU A 62 -0.19 -6.76 3.21
C LEU A 62 -1.19 -6.96 4.34
N GLU A 63 -0.99 -8.03 5.10
CA GLU A 63 -1.80 -8.30 6.27
C GLU A 63 -1.80 -7.10 7.20
N LYS A 64 -0.67 -6.42 7.24
CA LYS A 64 -0.52 -5.21 8.04
C LYS A 64 -1.31 -4.08 7.39
N ALA A 65 -1.08 -3.93 6.10
CA ALA A 65 -1.68 -2.88 5.30
C ALA A 65 -3.19 -2.96 5.28
N LEU A 66 -3.70 -4.17 5.37
CA LEU A 66 -5.14 -4.39 5.31
C LEU A 66 -5.78 -4.20 6.67
N ASN A 67 -4.98 -4.37 7.70
CA ASN A 67 -5.46 -4.23 9.07
C ASN A 67 -5.29 -2.81 9.60
N LYS A 68 -4.46 -2.02 8.94
CA LYS A 68 -4.17 -0.68 9.41
C LYS A 68 -4.07 0.30 8.25
N GLY A 69 -4.74 1.43 8.38
CA GLY A 69 -4.64 2.46 7.38
C GLY A 69 -5.69 2.31 6.29
N ARG A 70 -6.90 1.93 6.68
CA ARG A 70 -7.99 1.74 5.73
C ARG A 70 -8.93 2.94 5.76
N ARG A 71 -8.42 4.08 6.23
CA ARG A 71 -9.22 5.29 6.43
C ARG A 71 -10.31 5.03 7.45
N GLU A 72 -9.98 4.20 8.43
CA GLU A 72 -10.91 3.85 9.51
C GLU A 72 -10.71 4.79 10.69
N GLU A 73 -9.56 5.45 10.71
CA GLU A 73 -9.20 6.35 11.79
C GLU A 73 -9.97 7.66 11.68
N LYS A 74 -10.51 8.12 12.81
CA LYS A 74 -11.28 9.36 12.83
C LYS A 74 -10.48 10.47 13.50
N VAL A 75 -9.50 10.10 14.31
CA VAL A 75 -8.66 11.07 14.97
C VAL A 75 -7.44 11.38 14.10
N GLY A 76 -7.21 10.52 13.12
CA GLY A 76 -6.09 10.70 12.22
C GLY A 76 -6.41 11.65 11.09
N LYS A 77 -6.51 12.93 11.41
CA LYS A 77 -6.81 13.95 10.43
C LYS A 77 -5.56 14.30 9.63
N LYS A 78 -5.20 13.41 8.72
CA LYS A 78 -4.06 13.63 7.83
C LYS A 78 -4.49 14.44 6.61
N GLU A 79 -3.51 14.95 5.88
CA GLU A 79 -3.78 15.70 4.66
C GLU A 79 -3.59 14.77 3.46
N LYS A 80 -3.45 13.50 3.74
CA LYS A 80 -3.30 12.49 2.71
C LYS A 80 -4.42 11.44 2.78
N ILE A 81 -5.09 11.37 3.93
CA ILE A 81 -6.22 10.44 4.08
C ILE A 81 -7.35 10.86 3.16
N GLY A 82 -7.61 12.16 3.11
CA GLY A 82 -8.50 12.72 2.12
C GLY A 82 -7.72 13.59 1.15
N LYS A 83 -6.75 12.97 0.50
CA LYS A 83 -5.80 13.68 -0.36
C LYS A 83 -6.50 14.45 -1.49
N LYS A 84 -5.77 15.41 -2.05
CA LYS A 84 -6.30 16.33 -3.06
C LYS A 84 -7.30 17.29 -2.43
N LYS A 85 -6.96 17.78 -1.25
CA LYS A 85 -7.79 18.76 -0.55
C LYS A 85 -7.80 20.08 -1.31
N ARG A 86 -6.62 20.51 -1.75
CA ARG A 86 -6.48 21.78 -2.45
C ARG A 86 -6.81 21.63 -3.93
N GLN A 87 -7.99 21.12 -4.22
CA GLN A 87 -8.42 20.97 -5.60
C GLN A 87 -9.58 21.90 -5.90
N LYS A 88 -9.28 23.21 -5.94
CA LYS A 88 -10.27 24.23 -6.29
C LYS A 88 -11.40 24.26 -5.27
N LYS A 89 -11.09 23.94 -4.02
CA LYS A 89 -12.08 23.89 -2.97
C LYS A 89 -11.68 24.81 -1.82
N ARG A 90 -11.86 26.10 -2.02
CA ARG A 90 -11.54 27.07 -0.99
C ARG A 90 -12.40 28.32 -1.17
N LYS A 91 -13.56 28.34 -0.54
CA LYS A 91 -14.46 29.48 -0.63
C LYS A 91 -14.76 30.06 0.74
N ALA A 92 -14.81 29.19 1.75
CA ALA A 92 -15.12 29.57 3.13
C ALA A 92 -16.56 30.08 3.26
N ALA A 93 -16.82 31.27 2.72
CA ALA A 93 -18.16 31.84 2.74
C ALA A 93 -19.00 31.22 1.63
N GLN A 94 -19.33 29.95 1.80
CA GLN A 94 -20.09 29.21 0.82
C GLN A 94 -21.57 29.60 0.88
N LYS A 95 -22.24 29.17 1.94
CA LYS A 95 -23.67 29.43 2.10
C LYS A 95 -24.03 29.65 3.57
N ARG A 96 -23.79 30.85 4.06
CA ARG A 96 -24.17 31.19 5.43
C ARG A 96 -25.44 32.04 5.39
N LYS A 97 -26.24 31.95 6.44
CA LYS A 97 -27.53 32.64 6.53
C LYS A 97 -28.43 32.23 5.37
N ASN A 98 -28.97 31.03 5.45
CA ASN A 98 -29.88 30.53 4.41
C ASN A 98 -31.31 30.63 4.90
N LYS A 1 -2.09 -12.35 -22.64
CA LYS A 1 -3.14 -11.33 -22.44
C LYS A 1 -2.65 -10.27 -21.46
N PRO A 2 -2.55 -9.01 -21.92
CA PRO A 2 -2.16 -7.90 -21.07
C PRO A 2 -3.35 -7.28 -20.35
N VAL A 3 -3.12 -6.77 -19.16
CA VAL A 3 -4.15 -6.10 -18.39
C VAL A 3 -4.54 -4.80 -19.10
N SER A 4 -5.69 -4.82 -19.75
CA SER A 4 -6.16 -3.66 -20.49
C SER A 4 -7.09 -2.82 -19.62
N LEU A 5 -7.08 -3.13 -18.34
CA LEU A 5 -7.80 -2.36 -17.34
C LEU A 5 -6.87 -1.32 -16.76
N SER A 6 -6.72 -0.22 -17.47
CA SER A 6 -5.74 0.79 -17.11
C SER A 6 -6.23 1.65 -15.94
N TYR A 7 -6.36 1.01 -14.78
CA TYR A 7 -6.58 1.74 -13.54
C TYR A 7 -5.22 2.15 -12.98
N ARG A 8 -4.62 3.13 -13.60
CA ARG A 8 -3.27 3.56 -13.24
C ARG A 8 -3.28 4.39 -11.96
N CYS A 9 -3.17 3.67 -10.85
CA CYS A 9 -3.13 4.26 -9.53
C CYS A 9 -1.80 5.00 -9.28
N PRO A 10 -1.77 5.82 -8.20
CA PRO A 10 -0.64 6.68 -7.82
C PRO A 10 0.74 6.13 -8.20
N CYS A 11 1.04 4.92 -7.78
CA CYS A 11 2.35 4.35 -8.03
C CYS A 11 2.39 3.59 -9.36
N ARG A 12 3.52 3.71 -10.02
CA ARG A 12 3.81 2.98 -11.25
C ARG A 12 4.12 1.52 -10.93
N PHE A 13 4.61 0.77 -11.91
CA PHE A 13 4.70 -0.67 -11.76
C PHE A 13 5.83 -1.00 -10.80
N PHE A 14 5.56 -1.94 -9.92
CA PHE A 14 6.40 -2.20 -8.77
C PHE A 14 7.38 -3.32 -9.04
N GLU A 15 8.40 -3.41 -8.20
CA GLU A 15 9.48 -4.35 -8.39
C GLU A 15 9.20 -5.65 -7.65
N SER A 16 9.02 -6.71 -8.40
CA SER A 16 8.71 -8.01 -7.82
C SER A 16 10.01 -8.75 -7.48
N HIS A 17 11.00 -8.00 -7.04
CA HIS A 17 12.29 -8.57 -6.64
C HIS A 17 12.75 -8.00 -5.31
N ILE A 18 11.98 -7.06 -4.77
CA ILE A 18 12.37 -6.39 -3.54
C ILE A 18 12.22 -7.32 -2.33
N ALA A 19 13.20 -7.27 -1.46
CA ALA A 19 13.22 -8.10 -0.26
C ALA A 19 13.14 -7.25 0.99
N ARG A 20 12.71 -7.87 2.08
CA ARG A 20 12.59 -7.22 3.36
C ARG A 20 13.95 -6.68 3.81
N ALA A 21 14.97 -7.47 3.58
CA ALA A 21 16.34 -7.11 3.95
C ALA A 21 16.95 -6.16 2.95
N ASN A 22 16.21 -5.85 1.91
CA ASN A 22 16.68 -4.92 0.90
C ASN A 22 15.91 -3.62 0.98
N VAL A 23 14.85 -3.60 1.76
CA VAL A 23 14.03 -2.41 1.86
C VAL A 23 14.25 -1.64 3.17
N LYS A 24 14.07 -0.34 3.05
CA LYS A 24 14.09 0.59 4.14
C LYS A 24 12.65 1.02 4.44
N HIS A 25 12.47 2.18 5.07
CA HIS A 25 11.15 2.66 5.51
C HIS A 25 10.06 2.27 4.51
N LEU A 26 9.08 1.51 4.99
CA LEU A 26 8.03 1.02 4.11
C LEU A 26 6.68 1.65 4.45
N LYS A 27 5.99 2.11 3.43
CA LYS A 27 4.70 2.77 3.56
C LYS A 27 3.75 2.21 2.51
N ILE A 28 2.48 2.13 2.83
CA ILE A 28 1.51 1.61 1.88
C ILE A 28 0.55 2.70 1.43
N LEU A 29 0.32 2.76 0.13
CA LEU A 29 -0.59 3.75 -0.44
C LEU A 29 -2.01 3.23 -0.36
N ASN A 30 -2.85 3.93 0.36
CA ASN A 30 -4.27 3.64 0.38
C ASN A 30 -4.92 4.16 -0.89
N THR A 31 -5.01 3.28 -1.87
CA THR A 31 -5.52 3.62 -3.16
C THR A 31 -7.04 3.54 -3.24
N PRO A 32 -7.56 4.05 -4.38
CA PRO A 32 -8.96 3.94 -4.83
C PRO A 32 -9.59 2.55 -4.69
N ASN A 33 -8.83 1.60 -4.16
CA ASN A 33 -9.08 0.16 -4.22
C ASN A 33 -8.42 -0.42 -5.45
N CYS A 34 -7.13 -0.09 -5.51
CA CYS A 34 -6.19 -0.72 -6.39
C CYS A 34 -5.42 -1.73 -5.58
N ALA A 35 -4.55 -2.50 -6.21
CA ALA A 35 -3.61 -3.31 -5.45
C ALA A 35 -2.88 -2.40 -4.47
N LEU A 36 -2.78 -2.83 -3.22
CA LEU A 36 -2.13 -2.03 -2.20
C LEU A 36 -0.71 -1.74 -2.60
N GLN A 37 -0.45 -0.47 -2.91
CA GLN A 37 0.84 -0.09 -3.43
C GLN A 37 1.82 0.07 -2.28
N ILE A 38 2.83 -0.78 -2.29
CA ILE A 38 3.79 -0.86 -1.22
C ILE A 38 4.96 0.08 -1.53
N VAL A 39 4.96 1.28 -0.96
CA VAL A 39 5.98 2.25 -1.31
C VAL A 39 7.15 2.14 -0.34
N ALA A 40 8.30 1.86 -0.89
CA ALA A 40 9.47 1.55 -0.12
C ALA A 40 10.65 2.39 -0.54
N ARG A 41 11.62 2.52 0.33
CA ARG A 41 12.90 3.08 -0.06
C ARG A 41 13.94 1.98 -0.02
N LEU A 42 14.63 1.79 -1.12
CA LEU A 42 15.57 0.69 -1.23
C LEU A 42 16.79 0.95 -0.36
N LYS A 43 17.15 -0.04 0.43
CA LYS A 43 18.27 0.06 1.34
C LYS A 43 19.56 0.26 0.56
N ASN A 44 19.65 -0.41 -0.57
CA ASN A 44 20.83 -0.34 -1.41
C ASN A 44 20.79 0.88 -2.31
N ASN A 45 19.61 1.17 -2.84
CA ASN A 45 19.47 2.16 -3.91
C ASN A 45 19.13 3.54 -3.36
N ASN A 46 18.49 3.59 -2.17
CA ASN A 46 18.07 4.85 -1.54
C ASN A 46 16.86 5.46 -2.26
N ARG A 47 16.41 4.80 -3.31
CA ARG A 47 15.31 5.28 -4.11
C ARG A 47 13.99 4.79 -3.58
N GLN A 48 13.00 5.64 -3.69
CA GLN A 48 11.63 5.27 -3.43
C GLN A 48 11.12 4.39 -4.56
N VAL A 49 10.52 3.29 -4.21
CA VAL A 49 10.05 2.30 -5.17
C VAL A 49 8.83 1.61 -4.60
N CYS A 50 8.11 0.86 -5.42
CA CYS A 50 7.02 0.07 -4.91
C CYS A 50 7.38 -1.40 -4.92
N ILE A 51 7.06 -2.07 -3.83
CA ILE A 51 7.21 -3.50 -3.73
C ILE A 51 5.99 -4.16 -4.34
N ASP A 52 6.19 -5.25 -5.05
CA ASP A 52 5.08 -5.97 -5.66
C ASP A 52 4.16 -6.51 -4.58
N PRO A 53 2.87 -6.15 -4.64
CA PRO A 53 1.90 -6.50 -3.59
C PRO A 53 1.69 -8.00 -3.46
N LYS A 54 2.12 -8.75 -4.47
CA LYS A 54 1.89 -10.18 -4.51
C LYS A 54 3.14 -10.97 -4.12
N LEU A 55 4.19 -10.23 -3.76
CA LEU A 55 5.40 -10.82 -3.21
C LEU A 55 5.07 -11.63 -1.97
N LYS A 56 5.75 -12.76 -1.84
CA LYS A 56 5.41 -13.77 -0.85
C LYS A 56 5.52 -13.24 0.57
N TRP A 57 6.45 -12.33 0.79
CA TRP A 57 6.60 -11.72 2.10
C TRP A 57 5.72 -10.49 2.21
N ILE A 58 5.39 -9.92 1.06
CA ILE A 58 4.54 -8.74 1.00
C ILE A 58 3.10 -9.11 1.30
N GLN A 59 2.66 -10.25 0.80
CA GLN A 59 1.33 -10.79 1.11
C GLN A 59 1.13 -10.88 2.61
N GLU A 60 2.22 -11.14 3.30
CA GLU A 60 2.21 -11.21 4.75
C GLU A 60 2.12 -9.81 5.35
N TYR A 61 2.79 -8.87 4.72
CA TYR A 61 2.78 -7.48 5.18
C TYR A 61 1.40 -6.89 4.85
N LEU A 62 0.88 -7.35 3.72
CA LEU A 62 -0.40 -6.94 3.22
C LEU A 62 -1.48 -7.12 4.24
N GLU A 63 -1.44 -8.25 4.92
CA GLU A 63 -2.44 -8.54 5.94
C GLU A 63 -2.56 -7.37 6.91
N LYS A 64 -1.42 -6.90 7.35
CA LYS A 64 -1.35 -5.80 8.30
C LYS A 64 -1.71 -4.49 7.62
N ALA A 65 -1.25 -4.34 6.38
CA ALA A 65 -1.50 -3.15 5.59
C ALA A 65 -2.99 -2.99 5.28
N LEU A 66 -3.66 -4.12 5.23
CA LEU A 66 -5.09 -4.13 4.94
C LEU A 66 -5.90 -3.93 6.20
N ASN A 67 -5.26 -4.20 7.32
CA ASN A 67 -5.83 -3.97 8.62
C ASN A 67 -5.64 -2.54 9.02
N LYS A 68 -6.69 -1.99 9.58
CA LYS A 68 -6.73 -0.60 10.05
C LYS A 68 -6.63 0.39 8.91
N GLY A 69 -5.40 0.67 8.50
CA GLY A 69 -5.17 1.68 7.49
C GLY A 69 -5.54 3.07 7.99
N ARG A 70 -6.68 3.56 7.54
CA ARG A 70 -7.18 4.85 7.98
C ARG A 70 -8.66 4.98 7.66
N ARG A 71 -8.98 4.81 6.38
CA ARG A 71 -10.35 4.91 5.92
C ARG A 71 -10.53 4.01 4.70
N GLU A 72 -11.52 3.14 4.74
CA GLU A 72 -11.82 2.27 3.62
C GLU A 72 -12.73 2.98 2.63
N GLU A 73 -12.12 3.77 1.76
CA GLU A 73 -12.86 4.53 0.77
C GLU A 73 -13.33 3.63 -0.37
N LYS A 74 -14.37 4.06 -1.06
CA LYS A 74 -14.98 3.28 -2.13
C LYS A 74 -14.14 3.34 -3.40
N VAL A 75 -14.55 2.56 -4.39
CA VAL A 75 -13.84 2.50 -5.67
C VAL A 75 -14.11 3.74 -6.50
N GLY A 76 -13.18 4.06 -7.39
CA GLY A 76 -13.37 5.15 -8.31
C GLY A 76 -13.85 4.65 -9.65
N LYS A 77 -15.01 5.11 -10.09
CA LYS A 77 -15.63 4.58 -11.30
C LYS A 77 -15.02 5.20 -12.56
N LYS A 78 -13.72 5.39 -12.54
CA LYS A 78 -12.98 5.91 -13.68
C LYS A 78 -11.72 5.10 -13.90
N GLU A 79 -11.47 4.72 -15.15
CA GLU A 79 -10.24 4.06 -15.50
C GLU A 79 -9.12 5.08 -15.59
N LYS A 80 -8.38 5.20 -14.50
CA LYS A 80 -7.36 6.24 -14.34
C LYS A 80 -6.27 6.16 -15.41
N ILE A 81 -6.30 7.13 -16.32
CA ILE A 81 -5.30 7.26 -17.38
C ILE A 81 -5.29 6.04 -18.28
N GLY A 82 -6.27 5.96 -19.17
CA GLY A 82 -6.29 4.88 -20.13
C GLY A 82 -7.66 4.28 -20.32
N LYS A 83 -8.05 4.13 -21.57
CA LYS A 83 -9.29 3.46 -21.93
C LYS A 83 -8.96 2.30 -22.86
N LYS A 84 -9.01 1.08 -22.32
CA LYS A 84 -8.56 -0.11 -23.04
C LYS A 84 -7.06 0.00 -23.31
N LYS A 85 -6.36 0.67 -22.41
CA LYS A 85 -4.93 0.89 -22.56
C LYS A 85 -4.16 -0.25 -21.90
N ARG A 86 -3.13 -0.71 -22.60
CA ARG A 86 -2.28 -1.78 -22.11
C ARG A 86 -1.50 -1.32 -20.88
N GLN A 87 -1.90 -1.80 -19.72
CA GLN A 87 -1.23 -1.45 -18.48
C GLN A 87 -0.13 -2.48 -18.18
N LYS A 88 -0.53 -3.61 -17.62
CA LYS A 88 0.42 -4.64 -17.23
C LYS A 88 0.41 -5.77 -18.27
N LYS A 89 1.49 -5.88 -19.02
CA LYS A 89 1.56 -6.86 -20.11
C LYS A 89 2.18 -8.17 -19.63
N ARG A 90 2.97 -8.09 -18.57
CA ARG A 90 3.67 -9.26 -18.07
C ARG A 90 2.95 -9.84 -16.87
N LYS A 91 2.59 -11.11 -16.97
CA LYS A 91 1.93 -11.80 -15.88
C LYS A 91 2.82 -12.91 -15.33
N ALA A 92 2.93 -12.97 -14.01
CA ALA A 92 3.77 -13.98 -13.36
C ALA A 92 2.97 -15.25 -13.10
N ALA A 93 2.53 -15.88 -14.18
CA ALA A 93 1.71 -17.09 -14.07
C ALA A 93 2.17 -18.13 -15.09
N GLN A 94 1.53 -19.31 -15.03
CA GLN A 94 1.80 -20.41 -15.95
C GLN A 94 3.23 -20.91 -15.83
N LYS A 95 3.80 -20.74 -14.65
CA LYS A 95 5.17 -21.19 -14.39
C LYS A 95 5.38 -21.41 -12.89
N ARG A 96 6.46 -22.10 -12.56
CA ARG A 96 6.81 -22.40 -11.17
C ARG A 96 5.70 -23.22 -10.51
N LYS A 97 5.07 -24.07 -11.31
CA LYS A 97 3.99 -24.91 -10.84
C LYS A 97 4.55 -26.24 -10.36
N ASN A 98 4.11 -26.68 -9.19
CA ASN A 98 4.56 -27.95 -8.64
C ASN A 98 3.86 -29.10 -9.32
N LYS A 1 -11.53 5.61 -10.42
CA LYS A 1 -12.77 5.90 -9.66
C LYS A 1 -12.95 7.41 -9.44
N PRO A 2 -12.05 8.10 -8.69
CA PRO A 2 -12.19 9.54 -8.47
C PRO A 2 -11.89 10.34 -9.74
N VAL A 3 -12.52 11.50 -9.87
CA VAL A 3 -12.45 12.29 -11.09
C VAL A 3 -11.53 13.50 -10.89
N SER A 4 -10.86 13.56 -9.75
CA SER A 4 -9.99 14.68 -9.41
C SER A 4 -8.64 14.56 -10.12
N LEU A 5 -8.70 14.42 -11.45
CA LEU A 5 -7.50 14.30 -12.27
C LEU A 5 -6.68 13.06 -11.90
N SER A 6 -7.27 12.22 -11.08
CA SER A 6 -6.60 11.03 -10.58
C SER A 6 -6.72 9.88 -11.58
N TYR A 7 -6.19 10.10 -12.77
CA TYR A 7 -6.18 9.07 -13.80
C TYR A 7 -5.03 8.10 -13.53
N ARG A 8 -5.35 6.81 -13.53
CA ARG A 8 -4.37 5.77 -13.19
C ARG A 8 -3.98 5.86 -11.71
N CYS A 9 -3.25 4.87 -11.26
CA CYS A 9 -2.80 4.83 -9.88
C CYS A 9 -1.46 5.56 -9.72
N PRO A 10 -1.25 6.18 -8.54
CA PRO A 10 -0.08 7.02 -8.24
C PRO A 10 1.26 6.45 -8.73
N CYS A 11 1.59 5.25 -8.28
CA CYS A 11 2.89 4.67 -8.55
C CYS A 11 2.88 3.91 -9.88
N ARG A 12 4.07 3.79 -10.47
CA ARG A 12 4.30 2.93 -11.62
C ARG A 12 4.20 1.48 -11.18
N PHE A 13 4.54 0.56 -12.06
CA PHE A 13 4.32 -0.85 -11.78
C PHE A 13 5.36 -1.33 -10.79
N PHE A 14 4.93 -2.22 -9.92
CA PHE A 14 5.68 -2.57 -8.74
C PHE A 14 6.78 -3.59 -9.05
N GLU A 15 7.79 -3.63 -8.19
CA GLU A 15 8.92 -4.51 -8.38
C GLU A 15 8.74 -5.80 -7.57
N SER A 16 8.86 -6.92 -8.25
CA SER A 16 8.77 -8.22 -7.58
C SER A 16 10.17 -8.76 -7.30
N HIS A 17 11.07 -7.86 -6.95
CA HIS A 17 12.44 -8.22 -6.63
C HIS A 17 12.86 -7.55 -5.33
N ILE A 18 12.05 -6.61 -4.86
CA ILE A 18 12.33 -5.90 -3.62
C ILE A 18 12.24 -6.84 -2.42
N ALA A 19 13.22 -6.75 -1.54
CA ALA A 19 13.36 -7.68 -0.43
C ALA A 19 13.21 -6.99 0.91
N ARG A 20 12.73 -7.75 1.90
CA ARG A 20 12.52 -7.26 3.24
C ARG A 20 13.80 -6.72 3.85
N ALA A 21 14.89 -7.44 3.62
CA ALA A 21 16.18 -7.08 4.19
C ALA A 21 16.86 -6.01 3.37
N ASN A 22 16.31 -5.72 2.20
CA ASN A 22 16.89 -4.74 1.33
C ASN A 22 16.08 -3.47 1.32
N VAL A 23 15.00 -3.45 2.09
CA VAL A 23 14.15 -2.28 2.13
C VAL A 23 14.32 -1.47 3.41
N LYS A 24 14.14 -0.18 3.24
CA LYS A 24 14.12 0.79 4.31
C LYS A 24 12.67 1.13 4.63
N HIS A 25 12.47 2.30 5.24
CA HIS A 25 11.14 2.80 5.63
C HIS A 25 10.08 2.38 4.62
N LEU A 26 9.17 1.53 5.05
CA LEU A 26 8.13 1.03 4.18
C LEU A 26 6.78 1.68 4.49
N LYS A 27 6.16 2.22 3.46
CA LYS A 27 4.91 2.96 3.57
C LYS A 27 3.91 2.45 2.55
N ILE A 28 2.63 2.47 2.91
CA ILE A 28 1.60 2.01 1.99
C ILE A 28 0.74 3.18 1.50
N LEU A 29 0.62 3.30 0.19
CA LEU A 29 -0.11 4.40 -0.44
C LEU A 29 -1.61 4.18 -0.30
N ASN A 30 -2.29 5.14 0.31
CA ASN A 30 -3.75 5.15 0.32
C ASN A 30 -4.25 5.62 -1.04
N THR A 31 -4.53 4.67 -1.93
CA THR A 31 -4.90 4.99 -3.28
C THR A 31 -6.37 5.34 -3.47
N PRO A 32 -6.66 5.87 -4.68
CA PRO A 32 -8.00 6.03 -5.28
C PRO A 32 -8.98 4.87 -5.06
N ASN A 33 -8.52 3.78 -4.41
CA ASN A 33 -9.08 2.42 -4.45
C ASN A 33 -8.39 1.60 -5.54
N CYS A 34 -7.08 1.79 -5.58
CA CYS A 34 -6.18 0.96 -6.38
C CYS A 34 -5.60 -0.09 -5.45
N ALA A 35 -4.82 -1.01 -5.98
CA ALA A 35 -4.08 -1.93 -5.14
C ALA A 35 -3.27 -1.13 -4.13
N LEU A 36 -3.20 -1.64 -2.91
CA LEU A 36 -2.42 -1.02 -1.87
C LEU A 36 -0.98 -0.94 -2.30
N GLN A 37 -0.53 0.26 -2.64
CA GLN A 37 0.81 0.43 -3.18
C GLN A 37 1.81 0.47 -2.06
N ILE A 38 2.69 -0.51 -2.06
CA ILE A 38 3.67 -0.64 -1.02
C ILE A 38 4.94 0.12 -1.41
N VAL A 39 5.08 1.33 -0.92
CA VAL A 39 6.17 2.21 -1.35
C VAL A 39 7.38 2.02 -0.43
N ALA A 40 8.52 1.73 -1.03
CA ALA A 40 9.68 1.32 -0.25
C ALA A 40 10.93 2.01 -0.72
N ARG A 41 11.74 2.46 0.22
CA ARG A 41 13.04 3.00 -0.11
C ARG A 41 14.08 1.91 0.02
N LEU A 42 14.85 1.68 -1.03
CA LEU A 42 15.84 0.63 -1.00
C LEU A 42 16.99 0.95 -0.05
N LYS A 43 17.52 -0.07 0.60
CA LYS A 43 18.46 0.10 1.71
C LYS A 43 19.72 0.84 1.26
N ASN A 44 20.50 0.24 0.39
CA ASN A 44 21.73 0.85 -0.09
C ASN A 44 21.47 1.77 -1.25
N ASN A 45 20.40 1.50 -1.97
CA ASN A 45 20.13 2.22 -3.19
C ASN A 45 19.39 3.54 -2.92
N ASN A 46 18.67 3.60 -1.78
CA ASN A 46 18.02 4.83 -1.30
C ASN A 46 16.86 5.29 -2.18
N ARG A 47 16.62 4.61 -3.29
CA ARG A 47 15.56 4.99 -4.18
C ARG A 47 14.21 4.52 -3.66
N GLN A 48 13.21 5.33 -3.90
CA GLN A 48 11.86 5.01 -3.51
C GLN A 48 11.17 4.20 -4.61
N VAL A 49 10.71 3.03 -4.23
CA VAL A 49 10.12 2.07 -5.16
C VAL A 49 8.75 1.69 -4.68
N CYS A 50 8.15 0.74 -5.37
CA CYS A 50 6.92 0.16 -4.94
C CYS A 50 7.03 -1.36 -5.02
N ILE A 51 6.78 -2.01 -3.91
CA ILE A 51 6.91 -3.47 -3.82
C ILE A 51 5.69 -4.12 -4.43
N ASP A 52 5.89 -5.26 -5.08
CA ASP A 52 4.79 -5.98 -5.72
C ASP A 52 3.94 -6.68 -4.67
N PRO A 53 2.61 -6.46 -4.70
CA PRO A 53 1.69 -7.04 -3.72
C PRO A 53 1.62 -8.55 -3.80
N LYS A 54 2.13 -9.10 -4.90
CA LYS A 54 2.07 -10.54 -5.13
C LYS A 54 3.28 -11.25 -4.54
N LEU A 55 4.23 -10.46 -4.05
CA LEU A 55 5.40 -10.97 -3.38
C LEU A 55 4.98 -11.74 -2.13
N LYS A 56 5.60 -12.91 -1.94
CA LYS A 56 5.21 -13.84 -0.89
C LYS A 56 5.44 -13.24 0.49
N TRP A 57 6.41 -12.36 0.59
CA TRP A 57 6.67 -11.71 1.86
C TRP A 57 5.79 -10.48 2.00
N ILE A 58 5.37 -9.95 0.87
CA ILE A 58 4.49 -8.78 0.83
C ILE A 58 3.07 -9.16 1.20
N GLN A 59 2.63 -10.33 0.75
CA GLN A 59 1.32 -10.86 1.14
C GLN A 59 1.19 -10.88 2.65
N GLU A 60 2.30 -11.12 3.30
CA GLU A 60 2.35 -11.18 4.75
C GLU A 60 2.28 -9.77 5.34
N TYR A 61 2.90 -8.82 4.66
CA TYR A 61 2.85 -7.43 5.11
C TYR A 61 1.47 -6.89 4.80
N LEU A 62 0.94 -7.34 3.68
CA LEU A 62 -0.39 -6.99 3.20
C LEU A 62 -1.42 -7.24 4.26
N GLU A 63 -1.25 -8.33 4.99
CA GLU A 63 -2.17 -8.67 6.05
C GLU A 63 -2.36 -7.48 6.98
N LYS A 64 -1.25 -6.85 7.33
CA LYS A 64 -1.22 -5.69 8.19
C LYS A 64 -1.76 -4.47 7.46
N ALA A 65 -1.29 -4.29 6.23
CA ALA A 65 -1.67 -3.15 5.42
C ALA A 65 -3.17 -3.15 5.14
N LEU A 66 -3.79 -4.31 5.27
CA LEU A 66 -5.19 -4.48 4.93
C LEU A 66 -6.05 -4.52 6.17
N ASN A 67 -5.40 -4.70 7.30
CA ASN A 67 -6.08 -4.82 8.59
C ASN A 67 -6.98 -3.62 8.84
N LYS A 68 -6.51 -2.46 8.45
CA LYS A 68 -7.26 -1.23 8.60
C LYS A 68 -7.78 -0.73 7.27
N GLY A 69 -9.04 -0.34 7.25
CA GLY A 69 -9.63 0.17 6.05
C GLY A 69 -10.35 -0.92 5.30
N ARG A 70 -10.03 -1.06 4.02
CA ARG A 70 -10.58 -2.10 3.16
C ARG A 70 -12.10 -2.00 3.06
N ARG A 71 -12.82 -2.61 4.01
CA ARG A 71 -14.27 -2.57 4.00
C ARG A 71 -14.84 -2.19 5.37
N GLU A 72 -13.95 -1.95 6.33
CA GLU A 72 -14.39 -1.62 7.68
C GLU A 72 -14.06 -0.17 8.03
N GLU A 73 -12.78 0.14 8.14
CA GLU A 73 -12.35 1.49 8.46
C GLU A 73 -12.29 2.34 7.18
N LYS A 74 -13.45 2.54 6.58
CA LYS A 74 -13.55 3.30 5.34
C LYS A 74 -13.66 4.79 5.64
N VAL A 75 -12.62 5.33 6.26
CA VAL A 75 -12.60 6.73 6.62
C VAL A 75 -11.16 7.22 6.78
N GLY A 76 -10.88 8.37 6.17
CA GLY A 76 -9.59 9.00 6.32
C GLY A 76 -9.74 10.43 6.80
N LYS A 77 -10.67 10.63 7.73
CA LYS A 77 -10.99 11.94 8.29
C LYS A 77 -11.72 12.81 7.28
N LYS A 78 -13.05 12.89 7.43
CA LYS A 78 -13.89 13.77 6.62
C LYS A 78 -13.84 13.38 5.14
N GLU A 79 -14.61 12.36 4.79
CA GLU A 79 -14.63 11.83 3.43
C GLU A 79 -15.32 12.80 2.48
N LYS A 80 -14.66 13.06 1.34
CA LYS A 80 -15.20 13.92 0.29
C LYS A 80 -15.35 15.35 0.78
N ILE A 81 -14.55 15.71 1.78
CA ILE A 81 -14.58 17.05 2.33
C ILE A 81 -13.20 17.71 2.18
N GLY A 82 -12.16 16.92 2.39
CA GLY A 82 -10.81 17.43 2.27
C GLY A 82 -10.32 17.41 0.84
N LYS A 83 -11.02 18.13 -0.03
CA LYS A 83 -10.66 18.18 -1.43
C LYS A 83 -10.88 19.58 -2.00
N LYS A 84 -10.26 20.57 -1.36
CA LYS A 84 -10.36 21.94 -1.83
C LYS A 84 -9.42 22.17 -3.01
N LYS A 85 -9.99 22.57 -4.14
CA LYS A 85 -9.20 22.84 -5.33
C LYS A 85 -8.45 24.15 -5.18
N ARG A 86 -9.00 25.03 -4.36
CA ARG A 86 -8.36 26.32 -4.06
C ARG A 86 -7.32 26.11 -2.94
N GLN A 87 -6.54 25.05 -3.10
CA GLN A 87 -5.55 24.66 -2.10
C GLN A 87 -4.27 25.49 -2.24
N LYS A 88 -3.97 25.89 -3.46
CA LYS A 88 -2.79 26.72 -3.72
C LYS A 88 -3.06 27.59 -4.94
N LYS A 89 -3.98 28.53 -4.78
CA LYS A 89 -4.44 29.38 -5.87
C LYS A 89 -5.14 28.53 -6.93
N ARG A 90 -4.38 28.02 -7.89
CA ARG A 90 -4.89 27.09 -8.88
C ARG A 90 -3.84 26.05 -9.21
N LYS A 91 -4.01 24.85 -8.65
CA LYS A 91 -3.09 23.75 -8.91
C LYS A 91 -3.09 23.41 -10.40
N ALA A 92 -4.22 23.67 -11.04
CA ALA A 92 -4.35 23.53 -12.47
C ALA A 92 -4.90 24.81 -13.06
N ALA A 93 -4.21 25.35 -14.06
CA ALA A 93 -4.66 26.57 -14.72
C ALA A 93 -5.84 26.25 -15.63
N GLN A 94 -7.02 26.21 -15.06
CA GLN A 94 -8.22 25.85 -15.80
C GLN A 94 -9.38 26.76 -15.42
N LYS A 95 -10.31 26.92 -16.36
CA LYS A 95 -11.48 27.78 -16.22
C LYS A 95 -11.10 29.26 -16.22
N ARG A 96 -11.99 30.08 -16.75
CA ARG A 96 -11.76 31.51 -16.86
C ARG A 96 -13.07 32.27 -16.67
N LYS A 97 -12.98 33.59 -16.68
CA LYS A 97 -14.14 34.44 -16.48
C LYS A 97 -14.91 34.57 -17.78
N ASN A 98 -15.76 33.60 -18.07
CA ASN A 98 -16.54 33.61 -19.30
C ASN A 98 -18.01 33.41 -18.99
N LYS A 1 -15.31 11.70 -15.01
CA LYS A 1 -14.85 11.10 -13.74
C LYS A 1 -13.33 11.18 -13.63
N PRO A 2 -12.81 12.15 -12.86
CA PRO A 2 -11.38 12.30 -12.66
C PRO A 2 -10.85 11.31 -11.61
N VAL A 3 -9.78 10.61 -11.97
CA VAL A 3 -9.17 9.60 -11.10
C VAL A 3 -10.07 8.37 -10.94
N SER A 4 -9.45 7.20 -10.80
CA SER A 4 -10.16 5.93 -10.64
C SER A 4 -10.92 5.54 -11.90
N LEU A 5 -10.55 6.12 -13.03
CA LEU A 5 -11.23 5.84 -14.28
C LEU A 5 -10.21 5.63 -15.41
N SER A 6 -9.78 6.71 -16.04
CA SER A 6 -8.83 6.63 -17.15
C SER A 6 -7.43 7.02 -16.67
N TYR A 7 -7.31 7.25 -15.37
CA TYR A 7 -6.05 7.65 -14.77
C TYR A 7 -5.46 6.49 -13.97
N ARG A 8 -4.17 6.27 -14.13
CA ARG A 8 -3.48 5.16 -13.49
C ARG A 8 -3.27 5.46 -12.01
N CYS A 9 -2.94 4.43 -11.25
CA CYS A 9 -2.70 4.56 -9.83
C CYS A 9 -1.41 5.33 -9.55
N PRO A 10 -1.35 6.00 -8.39
CA PRO A 10 -0.23 6.86 -7.97
C PRO A 10 1.15 6.36 -8.37
N CYS A 11 1.46 5.13 -8.02
CA CYS A 11 2.81 4.61 -8.21
C CYS A 11 2.99 4.00 -9.60
N ARG A 12 4.24 3.90 -10.01
CA ARG A 12 4.61 3.19 -11.23
C ARG A 12 4.41 1.69 -11.01
N PHE A 13 4.85 0.88 -11.96
CA PHE A 13 4.69 -0.54 -11.81
C PHE A 13 5.75 -1.04 -10.83
N PHE A 14 5.33 -1.92 -9.94
CA PHE A 14 6.12 -2.26 -8.78
C PHE A 14 7.12 -3.36 -9.08
N GLU A 15 8.20 -3.37 -8.31
CA GLU A 15 9.28 -4.32 -8.50
C GLU A 15 9.01 -5.59 -7.70
N SER A 16 8.99 -6.71 -8.40
CA SER A 16 8.74 -7.99 -7.77
C SER A 16 10.07 -8.67 -7.41
N HIS A 17 11.04 -7.85 -7.04
CA HIS A 17 12.35 -8.34 -6.63
C HIS A 17 12.77 -7.65 -5.34
N ILE A 18 12.00 -6.67 -4.91
CA ILE A 18 12.29 -5.95 -3.68
C ILE A 18 12.10 -6.86 -2.48
N ALA A 19 13.06 -6.87 -1.59
CA ALA A 19 13.09 -7.81 -0.48
C ALA A 19 12.98 -7.09 0.85
N ARG A 20 12.50 -7.81 1.86
CA ARG A 20 12.33 -7.29 3.21
C ARG A 20 13.67 -6.84 3.79
N ALA A 21 14.72 -7.61 3.48
CA ALA A 21 16.04 -7.31 3.99
C ALA A 21 16.73 -6.28 3.13
N ASN A 22 16.11 -5.94 2.02
CA ASN A 22 16.66 -4.99 1.11
C ASN A 22 15.96 -3.65 1.23
N VAL A 23 14.82 -3.65 1.92
CA VAL A 23 14.00 -2.47 1.98
C VAL A 23 14.14 -1.75 3.32
N LYS A 24 13.97 -0.45 3.22
CA LYS A 24 13.93 0.45 4.35
C LYS A 24 12.49 0.83 4.64
N HIS A 25 12.32 1.97 5.30
CA HIS A 25 11.01 2.51 5.67
C HIS A 25 9.97 2.20 4.60
N LEU A 26 9.04 1.31 4.92
CA LEU A 26 8.02 0.90 3.98
C LEU A 26 6.69 1.58 4.30
N LYS A 27 6.09 2.14 3.27
CA LYS A 27 4.87 2.92 3.39
C LYS A 27 3.87 2.45 2.36
N ILE A 28 2.60 2.47 2.72
CA ILE A 28 1.55 2.07 1.80
C ILE A 28 0.73 3.26 1.36
N LEU A 29 0.59 3.41 0.05
CA LEU A 29 -0.15 4.54 -0.50
C LEU A 29 -1.64 4.31 -0.31
N ASN A 30 -2.26 5.20 0.45
CA ASN A 30 -3.70 5.19 0.58
C ASN A 30 -4.32 5.72 -0.71
N THR A 31 -4.63 4.80 -1.60
CA THR A 31 -5.08 5.10 -2.91
C THR A 31 -6.56 5.49 -3.01
N PRO A 32 -6.92 6.00 -4.19
CA PRO A 32 -8.29 6.36 -4.61
C PRO A 32 -9.30 5.22 -4.53
N ASN A 33 -8.83 4.05 -4.07
CA ASN A 33 -9.41 2.71 -4.32
C ASN A 33 -8.71 2.04 -5.52
N CYS A 34 -7.38 2.10 -5.43
CA CYS A 34 -6.48 1.26 -6.18
C CYS A 34 -6.01 0.15 -5.27
N ALA A 35 -5.23 -0.79 -5.77
CA ALA A 35 -4.56 -1.73 -4.89
C ALA A 35 -3.59 -0.96 -4.01
N LEU A 36 -3.39 -1.44 -2.81
CA LEU A 36 -2.51 -0.79 -1.87
C LEU A 36 -1.09 -0.73 -2.42
N GLN A 37 -0.64 0.49 -2.71
CA GLN A 37 0.68 0.69 -3.28
C GLN A 37 1.74 0.55 -2.19
N ILE A 38 2.61 -0.42 -2.33
CA ILE A 38 3.65 -0.64 -1.36
C ILE A 38 4.88 0.20 -1.72
N VAL A 39 5.01 1.36 -1.12
CA VAL A 39 6.10 2.27 -1.49
C VAL A 39 7.29 2.09 -0.54
N ALA A 40 8.43 1.74 -1.11
CA ALA A 40 9.56 1.30 -0.30
C ALA A 40 10.82 2.04 -0.68
N ARG A 41 11.65 2.34 0.31
CA ARG A 41 12.95 2.91 0.04
C ARG A 41 13.99 1.83 0.13
N LEU A 42 14.82 1.72 -0.89
CA LEU A 42 15.85 0.69 -0.91
C LEU A 42 16.94 0.97 0.12
N LYS A 43 17.50 -0.09 0.69
CA LYS A 43 18.44 0.02 1.79
C LYS A 43 19.63 0.92 1.44
N ASN A 44 20.42 0.48 0.48
CA ASN A 44 21.59 1.23 0.04
C ASN A 44 21.22 2.27 -1.01
N ASN A 45 20.34 1.88 -1.93
CA ASN A 45 19.99 2.73 -3.07
C ASN A 45 19.25 3.98 -2.62
N ASN A 46 18.48 3.87 -1.53
CA ASN A 46 17.74 5.00 -0.96
C ASN A 46 16.56 5.41 -1.86
N ARG A 47 16.37 4.72 -2.97
CA ARG A 47 15.36 5.11 -3.92
C ARG A 47 14.00 4.63 -3.46
N GLN A 48 13.03 5.48 -3.65
CA GLN A 48 11.65 5.17 -3.35
C GLN A 48 11.05 4.38 -4.51
N VAL A 49 10.60 3.18 -4.19
CA VAL A 49 10.10 2.21 -5.16
C VAL A 49 8.72 1.76 -4.74
N CYS A 50 8.20 0.80 -5.46
CA CYS A 50 7.01 0.12 -5.04
C CYS A 50 7.22 -1.37 -5.12
N ILE A 51 6.82 -2.06 -4.07
CA ILE A 51 6.95 -3.51 -3.97
C ILE A 51 5.72 -4.18 -4.56
N ASP A 52 5.94 -5.30 -5.25
CA ASP A 52 4.84 -6.06 -5.81
C ASP A 52 3.99 -6.66 -4.70
N PRO A 53 2.67 -6.40 -4.73
CA PRO A 53 1.74 -6.82 -3.67
C PRO A 53 1.61 -8.33 -3.57
N LYS A 54 2.09 -9.04 -4.58
CA LYS A 54 1.95 -10.49 -4.64
C LYS A 54 3.19 -11.20 -4.12
N LEU A 55 4.22 -10.43 -3.82
CA LEU A 55 5.43 -10.95 -3.22
C LEU A 55 5.10 -11.71 -1.93
N LYS A 56 5.73 -12.87 -1.78
CA LYS A 56 5.41 -13.80 -0.70
C LYS A 56 5.65 -13.19 0.67
N TRP A 57 6.62 -12.30 0.76
CA TRP A 57 6.88 -11.62 2.02
C TRP A 57 5.98 -10.39 2.14
N ILE A 58 5.55 -9.89 0.98
CA ILE A 58 4.66 -8.75 0.94
C ILE A 58 3.24 -9.12 1.36
N GLN A 59 2.81 -10.31 0.95
CA GLN A 59 1.51 -10.85 1.37
C GLN A 59 1.42 -10.87 2.89
N GLU A 60 2.58 -11.03 3.51
CA GLU A 60 2.68 -11.03 4.96
C GLU A 60 2.53 -9.63 5.50
N TYR A 61 3.10 -8.67 4.79
CA TYR A 61 3.01 -7.27 5.19
C TYR A 61 1.61 -6.77 4.90
N LEU A 62 1.07 -7.28 3.81
CA LEU A 62 -0.26 -6.95 3.35
C LEU A 62 -1.27 -7.19 4.43
N GLU A 63 -1.07 -8.24 5.19
CA GLU A 63 -1.92 -8.53 6.34
C GLU A 63 -2.06 -7.30 7.22
N LYS A 64 -0.93 -6.70 7.51
CA LYS A 64 -0.88 -5.50 8.33
C LYS A 64 -1.42 -4.31 7.57
N ALA A 65 -1.00 -4.21 6.31
CA ALA A 65 -1.40 -3.13 5.42
C ALA A 65 -2.91 -3.10 5.24
N LEU A 66 -3.53 -4.25 5.34
CA LEU A 66 -4.98 -4.37 5.19
C LEU A 66 -5.65 -4.10 6.50
N ASN A 67 -4.92 -4.34 7.57
CA ASN A 67 -5.37 -4.01 8.91
C ASN A 67 -5.42 -2.51 9.09
N LYS A 68 -4.46 -1.82 8.48
CA LYS A 68 -4.43 -0.37 8.48
C LYS A 68 -5.64 0.16 7.76
N GLY A 69 -6.00 -0.52 6.69
CA GLY A 69 -7.16 -0.15 5.92
C GLY A 69 -8.45 -0.66 6.55
N ARG A 70 -8.29 -1.38 7.66
CA ARG A 70 -9.39 -1.96 8.42
C ARG A 70 -10.13 -3.00 7.57
N ARG A 71 -9.58 -4.20 7.53
CA ARG A 71 -10.27 -5.32 6.91
C ARG A 71 -11.31 -5.85 7.87
N GLU A 72 -12.37 -6.45 7.36
CA GLU A 72 -13.47 -6.88 8.20
C GLU A 72 -13.54 -8.41 8.31
N GLU A 73 -12.63 -8.97 9.11
CA GLU A 73 -12.64 -10.38 9.48
C GLU A 73 -12.65 -11.30 8.26
N LYS A 74 -11.48 -11.73 7.82
CA LYS A 74 -11.38 -12.60 6.68
C LYS A 74 -11.52 -14.06 7.08
N VAL A 75 -12.70 -14.44 7.55
CA VAL A 75 -12.99 -15.83 7.85
C VAL A 75 -13.73 -16.47 6.68
N GLY A 76 -14.65 -15.71 6.08
CA GLY A 76 -15.36 -16.17 4.91
C GLY A 76 -15.69 -15.01 4.00
N LYS A 77 -14.83 -13.99 4.04
CA LYS A 77 -15.04 -12.77 3.30
C LYS A 77 -14.89 -13.01 1.80
N LYS A 78 -16.00 -12.97 1.08
CA LYS A 78 -15.99 -13.22 -0.35
C LYS A 78 -15.84 -11.92 -1.13
N GLU A 79 -14.93 -11.95 -2.10
CA GLU A 79 -14.70 -10.81 -2.99
C GLU A 79 -15.88 -10.62 -3.92
N LYS A 80 -16.57 -11.72 -4.23
CA LYS A 80 -17.69 -11.71 -5.17
C LYS A 80 -17.22 -11.16 -6.51
N ILE A 81 -16.57 -12.02 -7.29
CA ILE A 81 -16.01 -11.64 -8.57
C ILE A 81 -17.10 -11.19 -9.53
N GLY A 82 -18.34 -11.60 -9.26
CA GLY A 82 -19.47 -11.16 -10.04
C GLY A 82 -19.68 -9.67 -9.96
N LYS A 83 -19.28 -9.08 -8.85
CA LYS A 83 -19.35 -7.64 -8.65
C LYS A 83 -17.96 -7.03 -8.82
N LYS A 84 -16.98 -7.65 -8.17
CA LYS A 84 -15.60 -7.23 -8.26
C LYS A 84 -14.97 -7.81 -9.53
N LYS A 85 -15.51 -7.40 -10.66
CA LYS A 85 -15.03 -7.84 -11.96
C LYS A 85 -14.04 -6.83 -12.53
N ARG A 86 -13.18 -6.32 -11.65
CA ARG A 86 -12.24 -5.28 -12.01
C ARG A 86 -10.99 -5.88 -12.65
N GLN A 87 -11.18 -6.48 -13.82
CA GLN A 87 -10.09 -7.05 -14.57
C GLN A 87 -9.21 -5.95 -15.16
N LYS A 88 -7.91 -6.19 -15.19
CA LYS A 88 -6.98 -5.24 -15.76
C LYS A 88 -6.78 -5.52 -17.24
N LYS A 89 -7.89 -5.67 -17.95
CA LYS A 89 -7.88 -6.02 -19.36
C LYS A 89 -7.77 -4.75 -20.22
N ARG A 90 -6.70 -4.02 -20.01
CA ARG A 90 -6.44 -2.80 -20.77
C ARG A 90 -5.65 -3.14 -22.03
N LYS A 91 -6.28 -3.01 -23.18
CA LYS A 91 -5.66 -3.39 -24.44
C LYS A 91 -5.71 -2.24 -25.43
N ALA A 92 -5.38 -2.52 -26.68
CA ALA A 92 -5.45 -1.52 -27.74
C ALA A 92 -6.87 -0.97 -27.88
N ALA A 93 -6.98 0.26 -28.34
CA ALA A 93 -8.26 0.96 -28.46
C ALA A 93 -8.93 1.07 -27.08
N GLN A 94 -8.15 1.55 -26.12
CA GLN A 94 -8.61 1.63 -24.74
C GLN A 94 -9.27 2.98 -24.47
N LYS A 95 -9.14 3.90 -25.43
CA LYS A 95 -9.78 5.20 -25.32
C LYS A 95 -11.20 5.13 -25.86
N ARG A 96 -11.34 4.53 -27.04
CA ARG A 96 -12.63 4.34 -27.67
C ARG A 96 -12.97 2.86 -27.72
N LYS A 97 -13.54 2.35 -26.64
CA LYS A 97 -13.86 0.94 -26.55
C LYS A 97 -15.21 0.66 -27.20
N ASN A 98 -15.29 0.92 -28.49
CA ASN A 98 -16.48 0.64 -29.27
C ASN A 98 -16.46 -0.80 -29.77
N LYS A 1 -19.98 -3.64 -11.95
CA LYS A 1 -18.86 -4.57 -11.64
C LYS A 1 -17.53 -3.82 -11.72
N PRO A 2 -16.59 -4.15 -10.82
CA PRO A 2 -15.26 -3.52 -10.79
C PRO A 2 -14.54 -3.63 -12.12
N VAL A 3 -14.07 -2.50 -12.63
CA VAL A 3 -13.41 -2.46 -13.92
C VAL A 3 -11.96 -2.00 -13.77
N SER A 4 -11.07 -2.66 -14.50
CA SER A 4 -9.65 -2.30 -14.52
C SER A 4 -9.32 -1.59 -15.84
N LEU A 5 -8.03 -1.36 -16.09
CA LEU A 5 -7.55 -0.72 -17.31
C LEU A 5 -7.88 0.77 -17.35
N SER A 6 -9.16 1.10 -17.23
CA SER A 6 -9.60 2.49 -17.23
C SER A 6 -9.21 3.19 -15.93
N TYR A 7 -8.83 2.37 -14.98
CA TYR A 7 -8.30 2.85 -13.72
C TYR A 7 -6.80 2.67 -13.70
N ARG A 8 -6.11 3.72 -13.35
CA ARG A 8 -4.67 3.66 -13.21
C ARG A 8 -4.27 4.19 -11.84
N CYS A 9 -3.60 3.35 -11.07
CA CYS A 9 -3.29 3.65 -9.70
C CYS A 9 -2.10 4.62 -9.58
N PRO A 10 -1.80 5.13 -8.38
CA PRO A 10 -0.84 6.23 -8.20
C PRO A 10 0.56 5.83 -8.62
N CYS A 11 1.01 4.68 -8.12
CA CYS A 11 2.34 4.20 -8.49
C CYS A 11 2.26 3.34 -9.74
N ARG A 12 3.31 3.38 -10.54
CA ARG A 12 3.45 2.50 -11.68
C ARG A 12 3.56 1.06 -11.23
N PHE A 13 3.81 0.15 -12.14
CA PHE A 13 3.80 -1.26 -11.80
C PHE A 13 5.09 -1.60 -11.08
N PHE A 14 4.94 -2.36 -10.01
CA PHE A 14 5.95 -2.43 -8.96
C PHE A 14 7.03 -3.45 -9.26
N GLU A 15 8.09 -3.42 -8.47
CA GLU A 15 9.25 -4.29 -8.69
C GLU A 15 9.12 -5.57 -7.89
N SER A 16 8.89 -6.66 -8.59
CA SER A 16 8.66 -7.95 -7.94
C SER A 16 9.97 -8.65 -7.59
N HIS A 17 10.96 -7.87 -7.18
CA HIS A 17 12.25 -8.42 -6.77
C HIS A 17 12.71 -7.82 -5.44
N ILE A 18 11.98 -6.83 -4.99
CA ILE A 18 12.30 -6.16 -3.73
C ILE A 18 12.15 -7.11 -2.55
N ALA A 19 13.12 -7.06 -1.64
CA ALA A 19 13.13 -7.95 -0.49
C ALA A 19 12.96 -7.18 0.81
N ARG A 20 12.52 -7.88 1.86
CA ARG A 20 12.30 -7.28 3.17
C ARG A 20 13.60 -6.80 3.76
N ALA A 21 14.66 -7.56 3.52
CA ALA A 21 15.97 -7.21 4.03
C ALA A 21 16.59 -6.11 3.20
N ASN A 22 16.08 -5.94 2.01
CA ASN A 22 16.60 -4.98 1.08
C ASN A 22 15.85 -3.67 1.17
N VAL A 23 14.77 -3.65 1.91
CA VAL A 23 13.95 -2.47 1.99
C VAL A 23 14.09 -1.75 3.33
N LYS A 24 13.97 -0.44 3.23
CA LYS A 24 13.92 0.46 4.36
C LYS A 24 12.49 0.85 4.63
N HIS A 25 12.32 1.99 5.30
CA HIS A 25 11.02 2.54 5.69
C HIS A 25 9.97 2.24 4.61
N LEU A 26 8.97 1.45 4.96
CA LEU A 26 7.97 1.02 4.00
C LEU A 26 6.61 1.66 4.30
N LYS A 27 6.00 2.22 3.27
CA LYS A 27 4.73 2.94 3.37
C LYS A 27 3.74 2.40 2.34
N ILE A 28 2.46 2.41 2.68
CA ILE A 28 1.43 1.98 1.75
C ILE A 28 0.52 3.13 1.35
N LEU A 29 0.25 3.25 0.06
CA LEU A 29 -0.63 4.30 -0.45
C LEU A 29 -2.09 3.90 -0.26
N ASN A 30 -2.84 4.76 0.39
CA ASN A 30 -4.27 4.56 0.54
C ASN A 30 -4.96 4.82 -0.79
N THR A 31 -5.16 3.77 -1.55
CA THR A 31 -5.68 3.91 -2.88
C THR A 31 -7.22 3.90 -2.96
N PRO A 32 -7.72 4.30 -4.14
CA PRO A 32 -9.13 4.18 -4.60
C PRO A 32 -9.78 2.82 -4.36
N ASN A 33 -9.02 1.89 -3.76
CA ASN A 33 -9.25 0.45 -3.81
C ASN A 33 -8.54 -0.14 -5.00
N CYS A 34 -7.25 0.16 -5.04
CA CYS A 34 -6.31 -0.47 -5.92
C CYS A 34 -5.58 -1.52 -5.13
N ALA A 35 -4.74 -2.30 -5.78
CA ALA A 35 -3.78 -3.09 -5.05
C ALA A 35 -2.96 -2.14 -4.20
N LEU A 36 -2.88 -2.43 -2.91
CA LEU A 36 -2.18 -1.58 -1.97
C LEU A 36 -0.82 -1.19 -2.50
N GLN A 37 -0.61 0.10 -2.70
CA GLN A 37 0.64 0.58 -3.25
C GLN A 37 1.68 0.56 -2.15
N ILE A 38 2.68 -0.25 -2.36
CA ILE A 38 3.67 -0.48 -1.34
C ILE A 38 4.92 0.30 -1.68
N VAL A 39 5.06 1.48 -1.08
CA VAL A 39 6.14 2.39 -1.43
C VAL A 39 7.27 2.26 -0.42
N ALA A 40 8.43 1.92 -0.93
CA ALA A 40 9.57 1.56 -0.12
C ALA A 40 10.79 2.39 -0.48
N ARG A 41 11.72 2.48 0.44
CA ARG A 41 13.03 3.03 0.15
C ARG A 41 14.07 1.92 0.23
N LEU A 42 14.84 1.74 -0.82
CA LEU A 42 15.80 0.63 -0.85
C LEU A 42 16.95 0.85 0.12
N LYS A 43 17.43 -0.24 0.69
CA LYS A 43 18.47 -0.19 1.72
C LYS A 43 19.72 0.53 1.21
N ASN A 44 20.33 -0.03 0.18
CA ASN A 44 21.58 0.51 -0.34
C ASN A 44 21.32 1.67 -1.29
N ASN A 45 20.34 1.50 -2.16
CA ASN A 45 20.08 2.45 -3.23
C ASN A 45 19.41 3.71 -2.70
N ASN A 46 18.68 3.56 -1.60
CA ASN A 46 17.99 4.67 -0.93
C ASN A 46 16.89 5.27 -1.80
N ARG A 47 16.56 4.63 -2.92
CA ARG A 47 15.53 5.16 -3.78
C ARG A 47 14.17 4.68 -3.32
N GLN A 48 13.19 5.51 -3.56
CA GLN A 48 11.82 5.18 -3.30
C GLN A 48 11.27 4.36 -4.46
N VAL A 49 10.71 3.22 -4.15
CA VAL A 49 10.25 2.26 -5.15
C VAL A 49 8.99 1.59 -4.65
N CYS A 50 8.20 1.01 -5.54
CA CYS A 50 7.00 0.32 -5.13
C CYS A 50 7.19 -1.20 -5.22
N ILE A 51 6.78 -1.88 -4.15
CA ILE A 51 6.93 -3.33 -4.03
C ILE A 51 5.71 -4.04 -4.61
N ASP A 52 5.93 -5.23 -5.14
CA ASP A 52 4.87 -6.06 -5.69
C ASP A 52 4.03 -6.69 -4.58
N PRO A 53 2.71 -6.51 -4.64
CA PRO A 53 1.78 -7.00 -3.60
C PRO A 53 1.66 -8.52 -3.57
N LYS A 54 2.14 -9.16 -4.62
CA LYS A 54 2.03 -10.61 -4.74
C LYS A 54 3.28 -11.28 -4.18
N LEU A 55 4.28 -10.48 -3.83
CA LEU A 55 5.49 -10.97 -3.20
C LEU A 55 5.15 -11.75 -1.93
N LYS A 56 5.81 -12.89 -1.76
CA LYS A 56 5.46 -13.83 -0.71
C LYS A 56 5.74 -13.26 0.68
N TRP A 57 6.68 -12.34 0.76
CA TRP A 57 6.95 -11.67 2.03
C TRP A 57 6.03 -10.46 2.17
N ILE A 58 5.59 -9.95 1.03
CA ILE A 58 4.71 -8.80 0.97
C ILE A 58 3.29 -9.17 1.39
N GLN A 59 2.85 -10.36 1.01
CA GLN A 59 1.55 -10.88 1.43
C GLN A 59 1.43 -10.85 2.94
N GLU A 60 2.56 -11.02 3.59
CA GLU A 60 2.61 -11.02 5.04
C GLU A 60 2.49 -9.60 5.58
N TYR A 61 3.10 -8.65 4.87
CA TYR A 61 3.01 -7.26 5.25
C TYR A 61 1.61 -6.75 4.91
N LEU A 62 1.11 -7.26 3.80
CA LEU A 62 -0.21 -6.94 3.30
C LEU A 62 -1.26 -7.17 4.36
N GLU A 63 -1.07 -8.22 5.13
CA GLU A 63 -1.97 -8.51 6.23
C GLU A 63 -2.18 -7.28 7.11
N LYS A 64 -1.07 -6.65 7.43
CA LYS A 64 -1.07 -5.44 8.26
C LYS A 64 -1.63 -4.27 7.47
N ALA A 65 -1.26 -4.22 6.20
CA ALA A 65 -1.66 -3.14 5.31
C ALA A 65 -3.15 -3.20 5.00
N LEU A 66 -3.68 -4.41 5.01
CA LEU A 66 -5.08 -4.65 4.68
C LEU A 66 -5.96 -4.37 5.88
N ASN A 67 -5.34 -4.34 7.04
CA ASN A 67 -6.02 -3.98 8.27
C ASN A 67 -6.26 -2.48 8.35
N LYS A 68 -5.93 -1.79 7.27
CA LYS A 68 -6.10 -0.33 7.16
C LYS A 68 -5.23 0.39 8.19
N GLY A 69 -5.81 0.70 9.34
CA GLY A 69 -5.08 1.36 10.39
C GLY A 69 -5.17 0.59 11.70
N ARG A 70 -5.68 -0.62 11.62
CA ARG A 70 -5.86 -1.47 12.80
C ARG A 70 -4.55 -2.14 13.18
N ARG A 71 -3.50 -1.34 13.28
CA ARG A 71 -2.20 -1.82 13.71
C ARG A 71 -1.92 -1.30 15.11
N GLU A 72 -2.71 -0.32 15.52
CA GLU A 72 -2.57 0.30 16.83
C GLU A 72 -3.89 0.94 17.24
N GLU A 73 -4.39 0.53 18.40
CA GLU A 73 -5.66 1.02 18.92
C GLU A 73 -5.52 2.40 19.54
N LYS A 74 -4.33 2.68 20.08
CA LYS A 74 -4.08 3.97 20.69
C LYS A 74 -3.06 4.78 19.88
N VAL A 75 -1.82 4.81 20.36
CA VAL A 75 -0.77 5.58 19.70
C VAL A 75 0.57 4.86 19.82
N GLY A 76 1.60 5.44 19.23
CA GLY A 76 2.93 4.84 19.30
C GLY A 76 3.94 5.80 19.86
N LYS A 77 4.95 5.28 20.54
CA LYS A 77 5.98 6.11 21.17
C LYS A 77 7.05 6.51 20.15
N LYS A 78 6.61 6.92 18.97
CA LYS A 78 7.51 7.36 17.92
C LYS A 78 6.78 8.36 17.04
N GLU A 79 7.29 9.58 16.96
CA GLU A 79 6.60 10.64 16.24
C GLU A 79 7.23 10.85 14.87
N LYS A 80 7.41 9.78 14.13
CA LYS A 80 7.84 9.87 12.75
C LYS A 80 6.62 9.83 11.84
N ILE A 81 5.81 8.80 12.01
CA ILE A 81 4.53 8.73 11.33
C ILE A 81 3.41 8.71 12.36
N GLY A 82 2.18 8.58 11.91
CA GLY A 82 1.04 8.59 12.82
C GLY A 82 0.35 9.94 12.81
N LYS A 83 1.14 10.99 12.64
CA LYS A 83 0.58 12.33 12.50
C LYS A 83 0.17 12.54 11.05
N LYS A 84 -0.63 13.57 10.80
CA LYS A 84 -1.14 13.86 9.46
C LYS A 84 -1.94 12.66 8.93
N LYS A 85 -2.57 11.95 9.85
CA LYS A 85 -3.34 10.77 9.50
C LYS A 85 -4.74 11.15 9.06
N ARG A 86 -5.02 10.97 7.77
CA ARG A 86 -6.34 11.23 7.23
C ARG A 86 -7.38 10.36 7.93
N GLN A 87 -8.47 10.97 8.37
CA GLN A 87 -9.53 10.23 9.03
C GLN A 87 -10.57 9.81 7.99
N LYS A 88 -10.23 8.80 7.21
CA LYS A 88 -11.10 8.33 6.15
C LYS A 88 -11.70 6.98 6.50
N LYS A 89 -11.93 6.76 7.79
CA LYS A 89 -12.60 5.55 8.25
C LYS A 89 -14.05 5.59 7.80
N ARG A 90 -14.65 4.42 7.63
CA ARG A 90 -15.99 4.34 7.05
C ARG A 90 -17.07 4.56 8.10
N LYS A 91 -17.13 5.79 8.60
CA LYS A 91 -18.15 6.21 9.56
C LYS A 91 -18.83 7.48 9.06
N ALA A 92 -19.65 7.34 8.04
CA ALA A 92 -20.24 8.49 7.37
C ALA A 92 -21.59 8.88 7.98
N ALA A 93 -21.75 8.56 9.27
CA ALA A 93 -22.95 8.92 10.03
C ALA A 93 -24.18 8.13 9.57
N GLN A 94 -24.81 7.44 10.52
CA GLN A 94 -26.00 6.64 10.24
C GLN A 94 -25.71 5.63 9.13
N LYS A 95 -24.95 4.60 9.48
CA LYS A 95 -24.43 3.64 8.51
C LYS A 95 -25.56 2.89 7.80
N ARG A 96 -26.66 2.67 8.49
CA ARG A 96 -27.80 1.97 7.88
C ARG A 96 -29.00 2.89 7.70
N LYS A 97 -28.79 4.16 8.06
CA LYS A 97 -29.83 5.18 7.99
C LYS A 97 -31.07 4.77 8.78
N ASN A 98 -30.87 4.52 10.07
CA ASN A 98 -31.96 4.13 10.95
C ASN A 98 -32.79 5.36 11.32
#